data_6MV9
#
_entry.id   6MV9
#
_cell.length_a   120.260
_cell.length_b   126.400
_cell.length_c   128.310
_cell.angle_alpha   90.00
_cell.angle_beta   90.00
_cell.angle_gamma   90.00
#
_symmetry.space_group_name_H-M   'P 21 21 21'
#
loop_
_entity.id
_entity.type
_entity.pdbx_description
1 polymer 'Ribonucleoside-diphosphate reductase'
2 non-polymer "THYMIDINE-5'-TRIPHOSPHATE"
3 non-polymer "ADENOSINE-5'-DIPHOSPHATE"
4 non-polymer 'MAGNESIUM ION'
#
_entity_poly.entity_id   1
_entity_poly.type   'polypeptide(L)'
_entity_poly.pdbx_seq_one_letter_code
;MSQNQVPKWIQLNNEIMIQKDGKFQFDKDKEAVHSYFVDYINQNTVFFHNLKEKLDYLVENQYYEEEFLSLYSFEDIKEV
FKTAYAKKFRFPSFMSAFKFYNDYALKTNDKKKILERYEDRISIVALFFANGDTEKAKEYVNLMINQEYQPSTPTFLNAG
RKRRGELVSCFLLEVNDSLNDISRAIDISMQLSKLGGGVSLNLSKLRAKGEAIKDVENATKGVVGVMKLLDNAFRYADQM
GQRQGSGAAYLNIFHRDINDFLDTKKISADEDVRVKTLSIGVVIPDKFVELAREDKAAYVFYPHTIYKEYGQHMDEMDMN
EMYDKFVDNPRVKKEKINPRKLLEKLAMLRSESGYPYIMFQDNVNKVHANNHISKVKFSNLCSEVLQASQVSSYTDYDEE
DEIGLDISCNLGSLNILNVMEHKSIEKTVKLATDSLTHVSETTDIRNAPAVRRANKAMKSIGLGAMNLHGYLAQNGIAYE
SPEARDFANTFFMMVNFYSIQRSAEIAKEKGETFDQYEGSTYATGEYFDKYVSTDFSPKYEKIANLFEGMHIPTTEDWKK
LKAFVAEHGMYHSYRLCIAPTGSISYVQSSTASVMPIMERIEERTYGNSKTYYPMPGLASNNWFFYKEAYDMDMFKVVDM
IATIQQHIDQGISFTLFLKDTMTTRDLNRIDLYAHHRGIKTIYYARTKDTGQDSCLSCVV
;
_entity_poly.pdbx_strand_id   A,B
#
# COMPACT_ATOMS: atom_id res chain seq x y z
N LYS A 8 30.20 -29.18 27.09
CA LYS A 8 31.48 -29.88 27.12
C LYS A 8 32.39 -29.38 26.01
N TRP A 9 31.89 -29.42 24.78
CA TRP A 9 32.67 -28.93 23.64
C TRP A 9 32.96 -27.44 23.78
N ILE A 10 32.10 -26.71 24.48
CA ILE A 10 32.35 -25.31 24.79
C ILE A 10 33.55 -25.17 25.72
N GLN A 11 33.67 -26.08 26.69
CA GLN A 11 34.81 -26.03 27.60
C GLN A 11 36.12 -26.23 26.85
N LEU A 12 36.09 -27.04 25.78
CA LEU A 12 37.30 -27.24 24.98
C LEU A 12 37.59 -26.02 24.11
N ASN A 13 36.55 -25.40 23.56
CA ASN A 13 36.74 -24.21 22.74
C ASN A 13 37.28 -23.04 23.55
N ASN A 14 36.74 -22.83 24.76
CA ASN A 14 37.20 -21.73 25.58
C ASN A 14 38.61 -21.93 26.12
N GLU A 15 39.17 -23.15 26.02
CA GLU A 15 40.55 -23.36 26.41
C GLU A 15 41.54 -22.75 25.42
N ILE A 16 41.05 -22.23 24.28
CA ILE A 16 41.93 -21.49 23.37
C ILE A 16 42.46 -20.25 24.07
N MET A 17 41.60 -19.57 24.83
CA MET A 17 41.97 -18.30 25.46
C MET A 17 42.77 -18.46 26.75
N ILE A 18 42.79 -19.66 27.33
CA ILE A 18 43.67 -19.90 28.47
C ILE A 18 45.09 -19.99 27.93
N GLN A 19 45.80 -18.85 27.93
CA GLN A 19 47.13 -18.81 27.33
C GLN A 19 48.09 -19.70 28.11
N LYS A 20 48.84 -20.52 27.37
CA LYS A 20 49.85 -21.39 27.94
C LYS A 20 51.11 -21.28 27.10
N ASP A 21 52.26 -21.18 27.78
CA ASP A 21 53.57 -20.96 27.15
C ASP A 21 53.68 -19.60 26.46
N GLY A 22 52.86 -18.63 26.88
CA GLY A 22 52.93 -17.29 26.35
C GLY A 22 52.09 -17.05 25.11
N LYS A 23 51.40 -18.06 24.61
CA LYS A 23 50.61 -17.98 23.40
C LYS A 23 49.23 -18.59 23.64
N PHE A 24 48.35 -18.39 22.67
CA PHE A 24 47.02 -18.97 22.72
C PHE A 24 47.04 -20.42 22.25
N GLN A 25 46.07 -21.19 22.73
CA GLN A 25 45.96 -22.61 22.37
C GLN A 25 45.03 -22.77 21.16
N PHE A 26 45.56 -22.38 20.00
CA PHE A 26 44.78 -22.45 18.77
C PHE A 26 44.43 -23.88 18.39
N ASP A 27 45.32 -24.83 18.65
CA ASP A 27 45.05 -26.22 18.31
C ASP A 27 43.98 -26.86 19.19
N LYS A 28 43.43 -26.11 20.15
CA LYS A 28 42.36 -26.64 20.99
C LYS A 28 41.00 -26.59 20.30
N ASP A 29 40.87 -25.83 19.21
CA ASP A 29 39.61 -25.82 18.47
C ASP A 29 39.41 -27.14 17.73
N LYS A 30 40.50 -27.82 17.36
CA LYS A 30 40.42 -29.11 16.71
C LYS A 30 39.75 -30.15 17.61
N GLU A 31 39.98 -30.06 18.92
CA GLU A 31 39.36 -31.00 19.85
C GLU A 31 37.94 -30.59 20.21
N ALA A 32 37.64 -29.29 20.17
CA ALA A 32 36.28 -28.84 20.51
C ALA A 32 35.28 -29.24 19.44
N VAL A 33 35.67 -29.16 18.17
CA VAL A 33 34.76 -29.58 17.11
C VAL A 33 34.56 -31.08 17.15
N HIS A 34 35.55 -31.84 17.62
CA HIS A 34 35.37 -33.27 17.80
C HIS A 34 34.38 -33.54 18.92
N SER A 35 34.49 -32.82 20.03
CA SER A 35 33.55 -32.93 21.15
C SER A 35 32.17 -32.38 20.82
N TYR A 36 31.98 -31.80 19.65
CA TYR A 36 30.67 -31.34 19.21
C TYR A 36 29.96 -32.39 18.37
N PHE A 37 30.72 -33.12 17.53
CA PHE A 37 30.12 -34.19 16.74
C PHE A 37 29.76 -35.38 17.61
N VAL A 38 30.67 -35.78 18.50
CA VAL A 38 30.32 -36.72 19.56
C VAL A 38 29.65 -35.94 20.69
N ASP A 39 28.80 -36.64 21.44
CA ASP A 39 28.06 -36.10 22.58
C ASP A 39 26.96 -35.11 22.19
N TYR A 40 26.75 -34.85 20.91
CA TYR A 40 25.61 -34.02 20.52
C TYR A 40 25.04 -34.38 19.15
N ILE A 41 25.67 -33.90 18.06
CA ILE A 41 24.97 -33.95 16.78
C ILE A 41 24.88 -35.38 16.26
N ASN A 42 25.82 -36.25 16.63
CA ASN A 42 25.65 -37.66 16.31
C ASN A 42 24.54 -38.29 17.14
N GLN A 43 24.36 -37.80 18.37
CA GLN A 43 23.28 -38.25 19.23
C GLN A 43 21.93 -37.71 18.79
N ASN A 44 21.90 -36.72 17.90
CA ASN A 44 20.66 -36.10 17.44
C ASN A 44 20.53 -36.16 15.92
N THR A 45 21.24 -37.07 15.25
CA THR A 45 21.09 -37.30 13.82
C THR A 45 20.30 -38.58 13.58
N VAL A 46 19.18 -38.46 12.85
CA VAL A 46 18.28 -39.55 12.55
C VAL A 46 19.00 -40.58 11.68
N PHE A 47 19.33 -41.73 12.27
CA PHE A 47 20.03 -42.76 11.51
C PHE A 47 19.08 -43.45 10.55
N PHE A 48 19.60 -43.81 9.37
CA PHE A 48 18.87 -44.61 8.40
C PHE A 48 19.68 -45.85 8.05
N HIS A 49 19.00 -46.93 7.65
CA HIS A 49 19.71 -48.15 7.29
C HIS A 49 20.44 -48.01 5.95
N ASN A 50 19.75 -47.50 4.93
CA ASN A 50 20.35 -47.27 3.63
C ASN A 50 20.04 -45.85 3.17
N LEU A 51 20.79 -45.40 2.17
CA LEU A 51 20.50 -44.11 1.55
C LEU A 51 19.09 -44.08 0.98
N LYS A 52 18.64 -45.17 0.36
CA LYS A 52 17.28 -45.22 -0.18
C LYS A 52 16.23 -45.03 0.91
N GLU A 53 16.42 -45.64 2.08
CA GLU A 53 15.50 -45.40 3.18
C GLU A 53 15.51 -43.93 3.57
N LYS A 54 16.69 -43.31 3.55
CA LYS A 54 16.79 -41.88 3.85
C LYS A 54 16.06 -41.06 2.80
N LEU A 55 16.38 -41.28 1.52
CA LEU A 55 15.79 -40.48 0.45
C LEU A 55 14.28 -40.71 0.34
N ASP A 56 13.80 -41.92 0.64
CA ASP A 56 12.36 -42.17 0.56
C ASP A 56 11.61 -41.50 1.70
N TYR A 57 12.17 -41.55 2.91
CA TYR A 57 11.55 -40.86 4.04
C TYR A 57 11.49 -39.36 3.79
N LEU A 58 12.58 -38.78 3.27
CA LEU A 58 12.60 -37.34 3.02
C LEU A 58 11.65 -36.96 1.90
N VAL A 59 11.40 -37.86 0.96
CA VAL A 59 10.49 -37.58 -0.14
C VAL A 59 9.05 -37.91 0.22
N GLU A 60 8.81 -39.05 0.89
CA GLU A 60 7.45 -39.42 1.25
C GLU A 60 6.87 -38.47 2.29
N ASN A 61 7.69 -38.00 3.23
CA ASN A 61 7.25 -37.07 4.25
C ASN A 61 7.43 -35.61 3.85
N GLN A 62 7.71 -35.35 2.57
CA GLN A 62 7.56 -34.02 1.96
C GLN A 62 8.55 -33.01 2.55
N TYR A 63 9.82 -33.39 2.60
CA TYR A 63 10.93 -32.46 2.80
C TYR A 63 11.59 -32.09 1.48
N TYR A 64 11.97 -33.08 0.69
CA TYR A 64 12.57 -32.87 -0.62
C TYR A 64 11.50 -32.86 -1.70
N GLU A 65 11.75 -32.10 -2.77
CA GLU A 65 10.92 -32.22 -3.95
C GLU A 65 11.22 -33.52 -4.67
N GLU A 66 10.19 -34.09 -5.28
CA GLU A 66 10.37 -35.33 -6.04
C GLU A 66 10.73 -35.04 -7.48
N GLU A 67 10.27 -33.91 -8.02
CA GLU A 67 10.31 -33.66 -9.46
C GLU A 67 11.74 -33.48 -9.97
N PHE A 68 12.71 -33.23 -9.11
CA PHE A 68 14.09 -33.08 -9.57
C PHE A 68 14.94 -34.32 -9.31
N LEU A 69 14.63 -35.09 -8.27
CA LEU A 69 15.24 -36.41 -8.11
C LEU A 69 14.77 -37.41 -9.16
N SER A 70 13.61 -37.17 -9.77
CA SER A 70 13.07 -38.07 -10.78
C SER A 70 13.87 -38.09 -12.07
N LEU A 71 14.75 -37.11 -12.28
CA LEU A 71 15.57 -37.07 -13.48
C LEU A 71 16.79 -37.99 -13.39
N TYR A 72 17.14 -38.46 -12.20
CA TYR A 72 18.29 -39.33 -12.00
C TYR A 72 17.84 -40.74 -11.65
N SER A 73 18.56 -41.73 -12.16
CA SER A 73 18.38 -43.10 -11.69
C SER A 73 19.04 -43.24 -10.32
N PHE A 74 18.42 -44.06 -9.46
CA PHE A 74 18.89 -44.13 -8.07
C PHE A 74 20.33 -44.60 -7.99
N GLU A 75 20.79 -45.40 -8.95
CA GLU A 75 22.19 -45.82 -8.95
C GLU A 75 23.12 -44.62 -9.11
N ASP A 76 22.67 -43.60 -9.86
CA ASP A 76 23.45 -42.38 -10.02
C ASP A 76 23.38 -41.51 -8.77
N ILE A 77 22.20 -41.40 -8.16
CA ILE A 77 22.06 -40.59 -6.94
C ILE A 77 22.94 -41.15 -5.83
N LYS A 78 23.02 -42.49 -5.73
CA LYS A 78 23.88 -43.11 -4.73
C LYS A 78 25.34 -42.80 -5.03
N GLU A 79 25.72 -42.75 -6.29
CA GLU A 79 27.09 -42.44 -6.66
C GLU A 79 27.44 -40.98 -6.34
N VAL A 80 26.51 -40.06 -6.60
CA VAL A 80 26.75 -38.64 -6.29
C VAL A 80 26.89 -38.45 -4.78
N PHE A 81 26.00 -39.06 -4.00
CA PHE A 81 26.15 -39.04 -2.55
C PHE A 81 27.46 -39.70 -2.13
N LYS A 82 27.83 -40.80 -2.79
CA LYS A 82 29.10 -41.46 -2.51
C LYS A 82 30.27 -40.55 -2.85
N THR A 83 30.13 -39.72 -3.89
CA THR A 83 31.21 -38.81 -4.28
C THR A 83 31.42 -37.72 -3.22
N ALA A 84 30.38 -37.40 -2.46
CA ALA A 84 30.50 -36.37 -1.43
C ALA A 84 31.25 -36.88 -0.22
N TYR A 85 30.86 -38.04 0.30
CA TYR A 85 31.58 -38.62 1.43
C TYR A 85 32.96 -39.12 1.05
N ALA A 86 33.22 -39.29 -0.25
CA ALA A 86 34.51 -39.81 -0.69
C ALA A 86 35.66 -38.98 -0.14
N LYS A 87 35.49 -37.67 -0.08
CA LYS A 87 36.43 -36.80 0.61
C LYS A 87 36.02 -36.72 2.08
N LYS A 88 36.87 -37.23 2.98
CA LYS A 88 36.48 -37.25 4.41
C LYS A 88 36.66 -35.82 4.90
N PHE A 89 35.59 -35.04 4.76
CA PHE A 89 35.61 -33.62 5.08
C PHE A 89 35.43 -33.41 6.57
N ARG A 90 36.28 -32.58 7.17
CA ARG A 90 36.18 -32.30 8.60
C ARG A 90 36.25 -30.80 8.84
N PHE A 91 35.30 -30.29 9.64
CA PHE A 91 35.33 -28.88 10.00
C PHE A 91 36.55 -28.60 10.88
N PRO A 92 37.37 -27.61 10.52
CA PRO A 92 38.57 -27.35 11.34
C PRO A 92 38.30 -26.57 12.61
N SER A 93 37.18 -25.86 12.70
CA SER A 93 36.86 -25.06 13.87
C SER A 93 35.48 -25.45 14.39
N PHE A 94 35.19 -25.07 15.63
CA PHE A 94 33.90 -25.37 16.20
C PHE A 94 32.79 -24.54 15.55
N MET A 95 33.03 -23.23 15.39
CA MET A 95 32.00 -22.36 14.82
C MET A 95 31.68 -22.72 13.38
N SER A 96 32.66 -23.27 12.65
CA SER A 96 32.40 -23.62 11.25
C SER A 96 31.30 -24.67 11.13
N ALA A 97 31.27 -25.63 12.04
CA ALA A 97 30.18 -26.60 12.04
C ALA A 97 28.95 -26.07 12.78
N PHE A 98 29.16 -25.23 13.78
CA PHE A 98 28.03 -24.71 14.56
C PHE A 98 27.07 -23.92 13.67
N LYS A 99 27.61 -23.08 12.79
CA LYS A 99 26.75 -22.27 11.94
C LYS A 99 26.03 -23.13 10.91
N PHE A 100 26.65 -24.21 10.44
CA PHE A 100 26.00 -25.04 9.45
C PHE A 100 24.84 -25.82 10.03
N TYR A 101 25.04 -26.49 11.16
CA TYR A 101 24.00 -27.30 11.76
C TYR A 101 22.94 -26.48 12.51
N ASN A 102 23.00 -25.16 12.47
CA ASN A 102 21.96 -24.34 13.08
C ASN A 102 21.29 -23.39 12.10
N ASP A 103 21.98 -22.99 11.04
CA ASP A 103 21.43 -22.06 10.07
C ASP A 103 21.23 -22.69 8.69
N TYR A 104 21.71 -23.91 8.46
CA TYR A 104 21.69 -24.47 7.11
C TYR A 104 21.21 -25.92 7.06
N ALA A 105 21.69 -26.77 7.97
CA ALA A 105 21.33 -28.17 7.94
C ALA A 105 19.83 -28.34 8.12
N LEU A 106 19.26 -29.29 7.37
CA LEU A 106 17.82 -29.53 7.39
C LEU A 106 17.45 -30.31 8.64
N LYS A 107 16.82 -29.64 9.60
CA LYS A 107 16.25 -30.31 10.76
C LYS A 107 14.87 -30.88 10.42
N THR A 108 14.35 -31.71 11.33
CA THR A 108 13.02 -32.26 11.17
C THR A 108 11.97 -31.15 11.27
N ASN A 109 10.71 -31.50 11.04
CA ASN A 109 9.65 -30.51 11.19
C ASN A 109 9.50 -30.04 12.62
N ASP A 110 9.74 -30.92 13.59
CA ASP A 110 9.67 -30.54 15.00
C ASP A 110 10.95 -29.92 15.51
N LYS A 111 11.96 -29.74 14.65
CA LYS A 111 13.20 -29.03 15.00
C LYS A 111 13.99 -29.73 16.11
N LYS A 112 13.74 -31.02 16.35
CA LYS A 112 14.41 -31.74 17.41
C LYS A 112 15.42 -32.76 16.92
N LYS A 113 15.57 -32.93 15.61
CA LYS A 113 16.49 -33.91 15.08
C LYS A 113 17.09 -33.39 13.78
N ILE A 114 18.31 -33.79 13.50
CA ILE A 114 19.08 -33.30 12.37
C ILE A 114 18.96 -34.35 11.27
N LEU A 115 18.13 -34.05 10.26
CA LEU A 115 17.91 -34.95 9.13
C LEU A 115 19.00 -34.89 8.08
N GLU A 116 19.79 -33.83 8.07
CA GLU A 116 20.71 -33.56 6.98
C GLU A 116 22.07 -33.17 7.54
N ARG A 117 23.12 -33.72 6.95
CA ARG A 117 24.49 -33.33 7.27
C ARG A 117 25.11 -32.65 6.06
N TYR A 118 26.29 -32.09 6.26
CA TYR A 118 27.13 -31.74 5.12
C TYR A 118 27.34 -33.01 4.29
N GLU A 119 27.61 -32.81 2.99
CA GLU A 119 27.65 -33.87 1.99
C GLU A 119 26.24 -34.26 1.54
N ASP A 120 25.28 -34.27 2.47
CA ASP A 120 23.88 -34.44 2.06
C ASP A 120 23.36 -33.17 1.42
N ARG A 121 23.49 -32.05 2.14
CA ARG A 121 23.13 -30.75 1.58
C ARG A 121 23.93 -30.47 0.31
N ILE A 122 25.21 -30.80 0.31
CA ILE A 122 26.06 -30.53 -0.84
C ILE A 122 25.59 -31.36 -2.04
N SER A 123 25.22 -32.61 -1.80
CA SER A 123 24.81 -33.49 -2.90
C SER A 123 23.44 -33.09 -3.45
N ILE A 124 22.49 -32.77 -2.57
CA ILE A 124 21.18 -32.33 -3.05
C ILE A 124 21.31 -31.06 -3.87
N VAL A 125 22.09 -30.10 -3.37
CA VAL A 125 22.35 -28.88 -4.13
C VAL A 125 23.01 -29.25 -5.46
N ALA A 126 24.02 -30.11 -5.42
CA ALA A 126 24.69 -30.54 -6.64
C ALA A 126 23.74 -31.25 -7.59
N LEU A 127 22.92 -32.16 -7.06
CA LEU A 127 21.93 -32.83 -7.90
C LEU A 127 20.96 -31.83 -8.51
N PHE A 128 20.55 -30.83 -7.72
CA PHE A 128 19.67 -29.79 -8.24
C PHE A 128 20.32 -29.00 -9.36
N PHE A 129 21.61 -28.67 -9.19
CA PHE A 129 22.31 -27.88 -10.20
C PHE A 129 22.43 -28.62 -11.52
N ALA A 130 22.81 -29.91 -11.47
CA ALA A 130 23.16 -30.63 -12.69
C ALA A 130 21.95 -30.94 -13.55
N ASN A 131 20.75 -30.99 -12.97
CA ASN A 131 19.50 -31.11 -13.72
C ASN A 131 19.45 -32.39 -14.55
N GLY A 132 20.04 -33.47 -14.06
CA GLY A 132 20.04 -34.76 -14.73
C GLY A 132 21.41 -35.24 -15.18
N ASP A 133 22.37 -34.34 -15.36
CA ASP A 133 23.72 -34.71 -15.77
C ASP A 133 24.45 -35.30 -14.57
N THR A 134 24.53 -36.64 -14.51
CA THR A 134 25.15 -37.28 -13.36
C THR A 134 26.61 -36.89 -13.20
N GLU A 135 27.35 -36.80 -14.32
CA GLU A 135 28.76 -36.44 -14.24
C GLU A 135 28.95 -35.02 -13.77
N LYS A 136 28.09 -34.10 -14.21
CA LYS A 136 28.17 -32.72 -13.71
C LYS A 136 27.82 -32.65 -12.23
N ALA A 137 26.92 -33.53 -11.77
CA ALA A 137 26.58 -33.56 -10.35
C ALA A 137 27.78 -33.92 -9.49
N LYS A 138 28.67 -34.76 -10.01
CA LYS A 138 29.89 -35.07 -9.27
C LYS A 138 30.85 -33.89 -9.29
N GLU A 139 30.96 -33.21 -10.44
CA GLU A 139 31.76 -31.99 -10.49
C GLU A 139 31.25 -30.97 -9.49
N TYR A 140 29.93 -30.79 -9.41
CA TYR A 140 29.35 -29.87 -8.45
C TYR A 140 29.62 -30.31 -7.02
N VAL A 141 29.61 -31.63 -6.78
CA VAL A 141 29.92 -32.13 -5.44
C VAL A 141 31.36 -31.80 -5.07
N ASN A 142 32.30 -32.15 -5.95
CA ASN A 142 33.71 -31.90 -5.66
C ASN A 142 33.99 -30.42 -5.47
N LEU A 143 33.32 -29.57 -6.27
CA LEU A 143 33.56 -28.14 -6.17
C LEU A 143 33.19 -27.60 -4.80
N MET A 144 32.07 -28.07 -4.25
CA MET A 144 31.59 -27.58 -2.97
C MET A 144 32.20 -28.30 -1.78
N ILE A 145 32.57 -29.58 -1.95
CA ILE A 145 33.14 -30.32 -0.83
C ILE A 145 34.62 -29.99 -0.66
N ASN A 146 35.32 -29.66 -1.75
CA ASN A 146 36.64 -29.06 -1.63
C ASN A 146 36.55 -27.64 -1.11
N GLN A 147 35.34 -27.08 -1.01
CA GLN A 147 35.12 -25.70 -0.59
C GLN A 147 35.81 -24.72 -1.54
N GLU A 148 35.70 -24.98 -2.84
CA GLU A 148 36.18 -24.05 -3.85
C GLU A 148 35.15 -23.00 -4.19
N TYR A 149 33.88 -23.38 -4.24
CA TYR A 149 32.78 -22.47 -4.51
C TYR A 149 31.66 -22.70 -3.51
N GLN A 150 30.96 -21.61 -3.19
CA GLN A 150 29.87 -21.65 -2.22
C GLN A 150 28.67 -20.89 -2.78
N PRO A 151 27.59 -21.56 -3.15
CA PRO A 151 26.39 -20.85 -3.59
C PRO A 151 25.87 -19.95 -2.47
N SER A 152 25.09 -18.94 -2.86
CA SER A 152 24.57 -18.01 -1.87
C SER A 152 23.64 -18.74 -0.91
N THR A 153 23.39 -18.10 0.24
CA THR A 153 22.53 -18.69 1.27
C THR A 153 21.17 -19.08 0.74
N PRO A 154 20.40 -18.22 0.05
CA PRO A 154 19.08 -18.67 -0.44
C PRO A 154 19.16 -19.84 -1.39
N THR A 155 20.22 -19.93 -2.20
CA THR A 155 20.39 -21.07 -3.10
C THR A 155 20.89 -22.31 -2.36
N PHE A 156 21.85 -22.13 -1.44
CA PHE A 156 22.41 -23.27 -0.73
C PHE A 156 21.41 -23.87 0.26
N LEU A 157 20.57 -23.03 0.87
CA LEU A 157 19.68 -23.49 1.94
C LEU A 157 18.45 -24.19 1.37
N ASN A 158 17.80 -23.61 0.37
CA ASN A 158 16.49 -24.06 -0.07
C ASN A 158 16.53 -24.99 -1.29
N ALA A 159 17.71 -25.33 -1.79
CA ALA A 159 17.78 -26.12 -3.02
C ALA A 159 17.28 -27.54 -2.79
N GLY A 160 16.38 -27.99 -3.66
CA GLY A 160 15.87 -29.34 -3.63
C GLY A 160 14.85 -29.65 -2.55
N ARG A 161 14.44 -28.66 -1.76
CA ARG A 161 13.49 -28.88 -0.69
C ARG A 161 12.05 -28.70 -1.18
N LYS A 162 11.12 -29.36 -0.50
CA LYS A 162 9.71 -29.06 -0.64
C LYS A 162 9.36 -27.82 0.19
N ARG A 163 8.28 -27.16 -0.20
CA ARG A 163 7.94 -25.85 0.34
C ARG A 163 9.14 -24.91 0.20
N ARG A 164 9.57 -24.77 -1.05
CA ARG A 164 10.87 -24.18 -1.34
C ARG A 164 10.83 -22.66 -1.20
N GLY A 165 11.82 -22.11 -0.50
CA GLY A 165 12.06 -20.69 -0.56
C GLY A 165 12.82 -20.32 -1.83
N GLU A 166 12.62 -19.08 -2.27
CA GLU A 166 13.22 -18.65 -3.54
C GLU A 166 14.74 -18.68 -3.46
N LEU A 167 15.37 -19.13 -4.54
CA LEU A 167 16.82 -19.23 -4.60
C LEU A 167 17.49 -17.86 -4.71
N VAL A 168 16.77 -16.84 -5.17
CA VAL A 168 17.23 -15.47 -5.17
C VAL A 168 16.48 -14.72 -4.08
N SER A 169 17.22 -13.90 -3.31
CA SER A 169 16.61 -13.15 -2.20
C SER A 169 17.03 -11.68 -2.22
N CYS A 170 17.30 -11.13 -3.40
CA CYS A 170 17.74 -9.75 -3.51
C CYS A 170 17.21 -9.17 -4.82
N PHE A 171 16.53 -8.03 -4.73
CA PHE A 171 15.86 -7.44 -5.89
C PHE A 171 16.02 -5.93 -5.90
N LEU A 172 15.97 -5.35 -7.10
CA LEU A 172 16.06 -3.91 -7.31
C LEU A 172 14.90 -3.47 -8.18
N LEU A 173 14.14 -2.46 -7.72
CA LEU A 173 12.94 -2.03 -8.41
C LEU A 173 13.07 -0.59 -8.92
N GLU A 174 12.42 -0.32 -10.05
CA GLU A 174 12.26 1.03 -10.57
C GLU A 174 10.83 1.49 -10.31
N VAL A 175 10.68 2.74 -9.88
CA VAL A 175 9.35 3.28 -9.57
C VAL A 175 9.09 4.48 -10.47
N ASN A 176 7.98 4.43 -11.21
CA ASN A 176 7.57 5.52 -12.07
C ASN A 176 6.74 6.52 -11.27
N ASP A 177 6.49 7.69 -11.88
CA ASP A 177 6.00 8.85 -11.13
C ASP A 177 4.48 8.99 -11.28
N SER A 178 3.77 8.03 -10.67
CA SER A 178 2.32 8.05 -10.65
C SER A 178 1.83 7.28 -9.43
N LEU A 179 0.57 7.54 -9.06
CA LEU A 179 -0.04 6.78 -7.98
C LEU A 179 -0.15 5.30 -8.33
N ASN A 180 -0.52 4.98 -9.57
CA ASN A 180 -0.58 3.59 -9.99
C ASN A 180 0.75 2.88 -9.81
N ASP A 181 1.85 3.56 -10.17
CA ASP A 181 3.16 2.92 -10.04
C ASP A 181 3.58 2.81 -8.59
N ILE A 182 3.19 3.76 -7.74
CA ILE A 182 3.54 3.69 -6.33
C ILE A 182 2.80 2.54 -5.65
N SER A 183 1.51 2.37 -5.96
CA SER A 183 0.76 1.25 -5.40
C SER A 183 1.37 -0.08 -5.82
N ARG A 184 1.72 -0.21 -7.10
CA ARG A 184 2.33 -1.44 -7.57
C ARG A 184 3.69 -1.67 -6.90
N ALA A 185 4.49 -0.61 -6.75
CA ALA A 185 5.78 -0.75 -6.09
C ALA A 185 5.62 -1.15 -4.63
N ILE A 186 4.60 -0.60 -3.95
CA ILE A 186 4.28 -1.04 -2.60
C ILE A 186 3.96 -2.53 -2.59
N ASP A 187 3.15 -2.97 -3.56
CA ASP A 187 2.76 -4.38 -3.61
C ASP A 187 3.96 -5.26 -3.92
N ILE A 188 4.74 -4.92 -4.94
CA ILE A 188 5.90 -5.74 -5.30
C ILE A 188 6.85 -5.88 -4.13
N SER A 189 7.06 -4.78 -3.39
CA SER A 189 7.93 -4.84 -2.22
C SER A 189 7.43 -5.87 -1.21
N MET A 190 6.12 -5.88 -0.94
CA MET A 190 5.58 -6.85 -0.02
C MET A 190 5.58 -8.24 -0.62
N GLN A 191 5.31 -8.36 -1.93
CA GLN A 191 5.30 -9.67 -2.57
C GLN A 191 6.68 -10.31 -2.53
N LEU A 192 7.72 -9.50 -2.68
CA LEU A 192 9.08 -10.02 -2.61
C LEU A 192 9.58 -10.21 -1.19
N SER A 193 9.17 -9.34 -0.27
CA SER A 193 9.63 -9.44 1.11
C SER A 193 9.12 -10.73 1.76
N LYS A 194 7.86 -11.10 1.50
CA LYS A 194 7.31 -12.34 2.06
C LYS A 194 8.08 -13.56 1.58
N LEU A 195 8.69 -13.47 0.40
CA LEU A 195 9.55 -14.53 -0.10
C LEU A 195 10.92 -14.54 0.58
N GLY A 196 11.13 -13.68 1.58
CA GLY A 196 12.38 -13.63 2.31
C GLY A 196 13.47 -12.80 1.69
N GLY A 197 13.17 -12.01 0.66
CA GLY A 197 14.16 -11.22 -0.02
C GLY A 197 14.17 -9.75 0.39
N GLY A 198 15.31 -9.11 0.18
CA GLY A 198 15.43 -7.68 0.36
C GLY A 198 15.28 -6.97 -0.97
N VAL A 199 14.50 -5.89 -0.97
CA VAL A 199 14.19 -5.15 -2.18
C VAL A 199 14.66 -3.71 -2.01
N SER A 200 15.35 -3.20 -3.03
CA SER A 200 15.84 -1.83 -3.07
C SER A 200 15.14 -1.09 -4.20
N LEU A 201 14.50 0.01 -3.89
CA LEU A 201 13.70 0.75 -4.85
C LEU A 201 14.40 2.05 -5.21
N ASN A 202 14.46 2.35 -6.51
CA ASN A 202 14.94 3.63 -6.98
C ASN A 202 13.79 4.64 -6.94
N LEU A 203 13.95 5.70 -6.14
CA LEU A 203 12.92 6.70 -5.97
C LEU A 203 13.23 7.99 -6.74
N SER A 204 14.26 7.98 -7.58
CA SER A 204 14.75 9.21 -8.19
C SER A 204 13.83 9.76 -9.28
N LYS A 205 12.86 8.97 -9.76
CA LYS A 205 11.93 9.45 -10.76
C LYS A 205 10.67 10.09 -10.15
N LEU A 206 10.47 9.95 -8.85
CA LEU A 206 9.32 10.54 -8.20
C LEU A 206 9.51 12.06 -8.08
N ARG A 207 8.45 12.81 -8.37
CA ARG A 207 8.55 14.26 -8.31
C ARG A 207 8.68 14.72 -6.86
N ALA A 208 9.30 15.88 -6.68
CA ALA A 208 9.68 16.35 -5.36
C ALA A 208 8.49 16.95 -4.62
N LYS A 209 8.71 17.28 -3.35
CA LYS A 209 7.69 17.92 -2.54
C LYS A 209 7.40 19.32 -3.07
N GLY A 210 6.12 19.64 -3.17
CA GLY A 210 5.72 20.95 -3.65
C GLY A 210 5.66 21.07 -5.15
N GLU A 211 5.63 19.94 -5.86
CA GLU A 211 5.42 19.97 -7.30
C GLU A 211 3.93 19.86 -7.58
N ALA A 212 3.57 19.96 -8.86
CA ALA A 212 2.17 20.00 -9.25
C ALA A 212 1.64 18.59 -9.48
N ILE A 213 0.35 18.43 -9.23
CA ILE A 213 -0.39 17.23 -9.62
C ILE A 213 -1.45 17.73 -10.61
N LYS A 214 -1.19 17.54 -11.90
CA LYS A 214 -2.02 18.08 -12.97
C LYS A 214 -2.19 19.58 -12.79
N ASP A 215 -3.43 20.02 -12.55
CA ASP A 215 -3.71 21.45 -12.44
C ASP A 215 -3.24 22.03 -11.11
N VAL A 216 -3.40 21.25 -10.02
CA VAL A 216 -3.16 21.78 -8.68
C VAL A 216 -1.66 21.93 -8.44
N GLU A 217 -1.26 23.09 -7.91
CA GLU A 217 0.13 23.45 -7.68
C GLU A 217 0.47 23.23 -6.22
N ASN A 218 1.75 22.95 -5.95
CA ASN A 218 2.25 22.65 -4.60
C ASN A 218 1.34 21.67 -3.88
N ALA A 219 1.46 20.40 -4.29
CA ALA A 219 0.51 19.40 -3.83
C ALA A 219 1.08 18.01 -3.63
N THR A 220 2.33 17.75 -4.03
CA THR A 220 2.94 16.44 -3.89
C THR A 220 3.63 16.32 -2.53
N LYS A 221 3.55 15.14 -1.94
CA LYS A 221 4.26 14.90 -0.69
C LYS A 221 5.73 14.58 -0.89
N GLY A 222 6.16 14.31 -2.12
CA GLY A 222 7.55 14.03 -2.38
C GLY A 222 7.90 12.57 -2.11
N VAL A 223 9.18 12.26 -2.23
CA VAL A 223 9.63 10.88 -2.02
C VAL A 223 9.44 10.47 -0.57
N VAL A 224 9.45 11.44 0.35
CA VAL A 224 9.36 11.09 1.77
C VAL A 224 8.04 10.40 2.06
N GLY A 225 6.95 10.91 1.49
CA GLY A 225 5.66 10.27 1.69
C GLY A 225 5.62 8.87 1.11
N VAL A 226 6.29 8.67 -0.03
CA VAL A 226 6.37 7.34 -0.61
C VAL A 226 7.24 6.43 0.25
N MET A 227 8.26 7.00 0.90
CA MET A 227 9.09 6.18 1.79
C MET A 227 8.31 5.69 3.00
N LYS A 228 7.38 6.51 3.51
CA LYS A 228 6.60 6.10 4.67
C LYS A 228 5.62 4.99 4.31
N LEU A 229 5.04 5.03 3.11
CA LEU A 229 4.19 3.94 2.66
C LEU A 229 5.00 2.64 2.51
N LEU A 230 6.15 2.74 1.85
CA LEU A 230 7.02 1.57 1.72
C LEU A 230 7.50 1.10 3.08
N ASP A 231 7.71 2.04 4.01
CA ASP A 231 8.19 1.69 5.34
C ASP A 231 7.20 0.76 6.04
N ASN A 232 5.93 1.16 6.11
CA ASN A 232 4.92 0.28 6.70
C ASN A 232 4.74 -0.99 5.89
N ALA A 233 4.94 -0.92 4.57
CA ALA A 233 4.76 -2.11 3.74
C ALA A 233 5.74 -3.19 4.12
N PHE A 234 7.00 -2.84 4.33
CA PHE A 234 7.99 -3.82 4.74
C PHE A 234 7.72 -4.32 6.16
N ARG A 235 7.18 -3.46 7.03
CA ARG A 235 6.89 -3.89 8.39
C ARG A 235 5.73 -4.88 8.44
N TYR A 236 4.79 -4.78 7.50
CA TYR A 236 3.67 -5.73 7.47
C TYR A 236 4.13 -7.09 6.97
N ALA A 237 4.85 -7.11 5.86
CA ALA A 237 5.30 -8.34 5.22
C ALA A 237 6.73 -8.63 5.63
N ASP A 238 6.88 -9.27 6.80
CA ASP A 238 8.22 -9.58 7.31
C ASP A 238 8.53 -11.06 7.17
N GLN A 239 8.23 -11.63 5.99
CA GLN A 239 8.48 -13.04 5.68
C GLN A 239 7.77 -13.97 6.67
N MET A 240 6.65 -13.49 7.22
CA MET A 240 5.82 -14.28 8.13
C MET A 240 6.59 -14.73 9.37
N GLY A 241 7.20 -13.76 10.06
CA GLY A 241 7.88 -14.04 11.30
C GLY A 241 9.35 -14.38 11.19
N GLN A 242 10.03 -13.91 10.15
CA GLN A 242 11.47 -14.12 9.99
C GLN A 242 12.28 -12.88 10.37
N ARG A 243 11.62 -11.84 10.90
CA ARG A 243 12.28 -10.59 11.29
C ARG A 243 13.08 -10.01 10.13
N GLN A 244 12.57 -10.17 8.91
CA GLN A 244 13.29 -9.75 7.72
C GLN A 244 12.58 -8.61 7.01
N GLY A 245 12.35 -7.51 7.71
CA GLY A 245 11.80 -6.33 7.08
C GLY A 245 12.89 -5.44 6.52
N SER A 246 13.65 -5.95 5.55
CA SER A 246 14.80 -5.25 5.01
C SER A 246 14.43 -4.64 3.67
N GLY A 247 14.28 -3.31 3.63
CA GLY A 247 14.10 -2.61 2.39
C GLY A 247 15.10 -1.48 2.28
N ALA A 248 15.24 -0.97 1.06
CA ALA A 248 16.15 0.13 0.80
C ALA A 248 15.52 1.09 -0.19
N ALA A 249 15.96 2.34 -0.13
CA ALA A 249 15.48 3.39 -1.02
C ALA A 249 16.66 4.24 -1.45
N TYR A 250 16.87 4.36 -2.75
CA TYR A 250 17.94 5.19 -3.29
C TYR A 250 17.38 6.48 -3.85
N LEU A 251 18.17 7.55 -3.70
CA LEU A 251 17.84 8.84 -4.29
C LEU A 251 19.07 9.44 -4.92
N ASN A 252 18.90 9.98 -6.12
CA ASN A 252 19.96 10.77 -6.73
C ASN A 252 20.17 12.05 -5.94
N ILE A 253 21.43 12.45 -5.79
CA ILE A 253 21.75 13.58 -4.91
C ILE A 253 21.25 14.91 -5.48
N PHE A 254 21.04 15.01 -6.78
CA PHE A 254 20.52 16.25 -7.36
C PHE A 254 19.00 16.35 -7.26
N HIS A 255 18.34 15.36 -6.68
CA HIS A 255 16.92 15.44 -6.42
C HIS A 255 16.66 16.46 -5.32
N ARG A 256 15.64 17.29 -5.50
CA ARG A 256 15.34 18.34 -4.54
C ARG A 256 15.10 17.79 -3.14
N ASP A 257 14.41 16.66 -3.03
CA ASP A 257 14.09 16.09 -1.73
C ASP A 257 15.29 15.43 -1.06
N ILE A 258 16.50 15.68 -1.51
CA ILE A 258 17.67 14.95 -1.01
C ILE A 258 17.86 15.21 0.48
N ASN A 259 17.57 16.43 0.94
CA ASN A 259 17.76 16.75 2.36
C ASN A 259 16.67 16.13 3.21
N ASP A 260 15.40 16.30 2.82
CA ASP A 260 14.32 15.62 3.53
C ASP A 260 14.50 14.11 3.47
N PHE A 261 15.05 13.60 2.38
CA PHE A 261 15.32 12.17 2.24
C PHE A 261 16.26 11.67 3.33
N LEU A 262 17.36 12.40 3.54
CA LEU A 262 18.34 11.98 4.54
C LEU A 262 17.83 12.17 5.96
N ASP A 263 16.91 13.12 6.17
CA ASP A 263 16.47 13.47 7.51
C ASP A 263 15.52 12.44 8.11
N THR A 264 14.98 11.52 7.33
CA THR A 264 14.11 10.47 7.87
C THR A 264 14.87 9.37 8.57
N LYS A 265 16.21 9.43 8.56
CA LYS A 265 17.05 8.42 9.19
C LYS A 265 17.86 8.96 10.35
N LYS A 266 17.72 10.24 10.69
CA LYS A 266 18.31 10.76 11.91
C LYS A 266 17.64 10.16 13.12
N ILE A 267 18.45 9.78 14.11
CA ILE A 267 17.93 9.10 15.31
C ILE A 267 16.90 9.96 16.03
N SER A 268 17.02 11.29 15.93
CA SER A 268 16.11 12.21 16.61
C SER A 268 14.88 12.55 15.77
N ALA A 269 14.53 11.72 14.80
CA ALA A 269 13.40 12.01 13.90
C ALA A 269 12.08 12.06 14.66
N VAL A 275 11.42 7.49 9.50
CA VAL A 275 11.00 6.14 9.15
C VAL A 275 12.09 5.14 9.50
N LYS A 276 11.68 3.98 10.02
CA LYS A 276 12.60 2.96 10.49
C LYS A 276 12.42 1.68 9.68
N THR A 277 13.51 0.92 9.55
CA THR A 277 13.65 -0.33 8.79
C THR A 277 13.80 -0.10 7.30
N LEU A 278 14.11 1.12 6.87
CA LEU A 278 14.35 1.42 5.46
C LEU A 278 15.75 1.99 5.36
N SER A 279 16.67 1.23 4.78
CA SER A 279 18.00 1.74 4.48
C SER A 279 17.93 2.71 3.30
N ILE A 280 18.84 3.68 3.28
CA ILE A 280 18.84 4.67 2.22
C ILE A 280 20.18 4.63 1.50
N GLY A 281 20.15 4.99 0.22
CA GLY A 281 21.35 5.13 -0.57
C GLY A 281 21.29 6.41 -1.37
N VAL A 282 22.47 6.95 -1.66
CA VAL A 282 22.59 8.22 -2.37
C VAL A 282 23.47 8.01 -3.59
N VAL A 283 22.97 8.38 -4.76
CA VAL A 283 23.67 8.23 -6.02
C VAL A 283 24.26 9.58 -6.40
N ILE A 284 25.58 9.65 -6.48
CA ILE A 284 26.29 10.91 -6.64
C ILE A 284 27.06 10.88 -7.96
N PRO A 285 26.73 11.74 -8.93
CA PRO A 285 27.54 11.83 -10.14
C PRO A 285 28.70 12.83 -9.99
N ASP A 286 29.58 12.79 -10.98
CA ASP A 286 30.83 13.55 -10.91
C ASP A 286 30.60 15.05 -10.77
N LYS A 287 29.53 15.57 -11.38
CA LYS A 287 29.27 17.00 -11.30
C LYS A 287 29.13 17.47 -9.86
N PHE A 288 28.54 16.63 -9.00
CA PHE A 288 28.38 17.05 -7.61
C PHE A 288 29.72 17.10 -6.89
N VAL A 289 30.59 16.13 -7.15
CA VAL A 289 31.93 16.14 -6.55
C VAL A 289 32.71 17.37 -7.01
N GLU A 290 32.60 17.69 -8.31
CA GLU A 290 33.32 18.86 -8.82
C GLU A 290 32.85 20.14 -8.16
N LEU A 291 31.54 20.28 -7.96
CA LEU A 291 31.02 21.49 -7.34
C LEU A 291 31.50 21.62 -5.90
N ALA A 292 31.56 20.50 -5.18
CA ALA A 292 32.00 20.56 -3.79
C ALA A 292 33.48 20.89 -3.67
N ARG A 293 34.31 20.36 -4.58
CA ARG A 293 35.75 20.57 -4.46
C ARG A 293 36.12 22.04 -4.59
N GLU A 294 35.44 22.77 -5.48
CA GLU A 294 35.70 24.18 -5.70
C GLU A 294 34.70 25.09 -4.98
N ASP A 295 34.03 24.57 -3.95
CA ASP A 295 33.24 25.40 -3.04
C ASP A 295 32.15 26.19 -3.77
N LYS A 296 31.70 25.70 -4.91
CA LYS A 296 30.63 26.37 -5.64
C LYS A 296 29.27 25.92 -5.13
N ALA A 297 28.30 26.83 -5.21
CA ALA A 297 26.94 26.50 -4.84
C ALA A 297 26.37 25.47 -5.81
N ALA A 298 25.56 24.55 -5.29
CA ALA A 298 24.98 23.50 -6.12
C ALA A 298 23.46 23.65 -6.17
N TYR A 299 22.88 23.12 -7.24
CA TYR A 299 21.44 23.19 -7.47
C TYR A 299 20.84 21.79 -7.45
N VAL A 300 19.80 21.61 -6.65
CA VAL A 300 18.97 20.43 -6.73
C VAL A 300 17.72 20.81 -7.52
N PHE A 301 17.07 19.80 -8.11
CA PHE A 301 16.06 20.05 -9.12
C PHE A 301 14.73 19.39 -8.77
N TYR A 302 13.65 20.01 -9.23
CA TYR A 302 12.33 19.43 -9.19
C TYR A 302 12.17 18.52 -10.41
N PRO A 303 12.21 17.21 -10.22
CA PRO A 303 12.34 16.31 -11.38
C PRO A 303 11.18 16.39 -12.36
N HIS A 304 9.97 16.71 -11.90
CA HIS A 304 8.84 16.72 -12.82
C HIS A 304 8.90 17.92 -13.76
N THR A 305 9.48 19.05 -13.32
CA THR A 305 9.63 20.17 -14.23
C THR A 305 10.64 19.85 -15.33
N ILE A 306 11.62 18.99 -15.04
CA ILE A 306 12.51 18.51 -16.09
C ILE A 306 11.77 17.61 -17.07
N TYR A 307 10.90 16.73 -16.55
CA TYR A 307 10.14 15.85 -17.41
C TYR A 307 9.20 16.63 -18.31
N LYS A 308 8.51 17.64 -17.77
CA LYS A 308 7.63 18.46 -18.58
C LYS A 308 8.40 19.21 -19.66
N GLU A 309 9.68 19.52 -19.42
CA GLU A 309 10.45 20.27 -20.39
C GLU A 309 11.06 19.38 -21.46
N TYR A 310 11.83 18.37 -21.03
CA TYR A 310 12.64 17.57 -21.94
C TYR A 310 11.97 16.25 -22.33
N GLY A 311 10.80 15.94 -21.77
CA GLY A 311 10.13 14.70 -22.09
C GLY A 311 10.77 13.46 -21.52
N GLN A 312 11.99 13.56 -21.00
CA GLN A 312 12.69 12.41 -20.41
CA GLN A 312 12.70 12.43 -20.41
C GLN A 312 12.81 12.62 -18.90
N HIS A 313 12.90 11.51 -18.17
CA HIS A 313 13.13 11.59 -16.73
C HIS A 313 14.52 12.17 -16.45
N MET A 314 14.57 13.07 -15.46
CA MET A 314 15.86 13.58 -15.01
C MET A 314 16.79 12.44 -14.65
N ASP A 315 16.24 11.37 -14.08
CA ASP A 315 17.01 10.20 -13.72
C ASP A 315 17.59 9.48 -14.93
N GLU A 316 17.16 9.84 -16.13
CA GLU A 316 17.62 9.21 -17.37
C GLU A 316 18.46 10.13 -18.24
N MET A 317 18.84 11.31 -17.73
CA MET A 317 19.63 12.27 -18.48
C MET A 317 21.00 12.41 -17.83
N ASP A 318 21.96 12.94 -18.61
CA ASP A 318 23.34 13.08 -18.18
C ASP A 318 23.51 14.42 -17.46
N MET A 319 23.67 14.37 -16.14
CA MET A 319 23.78 15.61 -15.36
C MET A 319 25.06 16.37 -15.68
N ASN A 320 26.15 15.67 -16.04
CA ASN A 320 27.39 16.36 -16.39
C ASN A 320 27.22 17.20 -17.65
N GLU A 321 26.31 16.80 -18.54
CA GLU A 321 26.05 17.54 -19.76
C GLU A 321 24.87 18.49 -19.64
N MET A 322 23.92 18.20 -18.76
CA MET A 322 22.66 18.93 -18.71
C MET A 322 22.55 19.90 -17.54
N TYR A 323 23.52 19.91 -16.62
CA TYR A 323 23.39 20.71 -15.40
C TYR A 323 23.22 22.19 -15.73
N ASP A 324 24.18 22.76 -16.46
CA ASP A 324 24.08 24.18 -16.79
C ASP A 324 22.81 24.48 -17.56
N LYS A 325 22.42 23.58 -18.46
CA LYS A 325 21.20 23.78 -19.22
C LYS A 325 19.97 23.75 -18.31
N PHE A 326 19.96 22.84 -17.34
CA PHE A 326 18.87 22.82 -16.36
C PHE A 326 18.83 24.12 -15.57
N VAL A 327 19.99 24.59 -15.12
CA VAL A 327 20.06 25.82 -14.33
C VAL A 327 19.57 27.02 -15.15
N ASP A 328 19.83 27.02 -16.46
CA ASP A 328 19.46 28.17 -17.28
C ASP A 328 18.04 28.10 -17.81
N ASN A 329 17.47 26.91 -17.94
CA ASN A 329 16.10 26.79 -18.42
C ASN A 329 15.14 27.38 -17.39
N PRO A 330 14.43 28.46 -17.71
CA PRO A 330 13.53 29.06 -16.71
C PRO A 330 12.31 28.20 -16.40
N ARG A 331 11.94 27.28 -17.29
CA ARG A 331 10.83 26.38 -17.02
C ARG A 331 11.21 25.22 -16.11
N VAL A 332 12.49 25.03 -15.81
CA VAL A 332 12.95 24.05 -14.85
C VAL A 332 13.10 24.72 -13.49
N LYS A 333 12.54 24.12 -12.45
CA LYS A 333 12.59 24.67 -11.10
C LYS A 333 13.78 24.08 -10.34
N LYS A 334 14.56 24.95 -9.70
CA LYS A 334 15.78 24.53 -9.00
C LYS A 334 15.79 25.14 -7.60
N GLU A 335 16.74 24.66 -6.78
CA GLU A 335 16.98 25.16 -5.44
C GLU A 335 18.48 25.16 -5.16
N LYS A 336 18.97 26.25 -4.57
CA LYS A 336 20.38 26.32 -4.20
C LYS A 336 20.63 25.65 -2.86
N ILE A 337 21.69 24.85 -2.79
CA ILE A 337 22.14 24.22 -1.55
C ILE A 337 23.65 24.28 -1.50
N ASN A 338 24.20 23.98 -0.32
CA ASN A 338 25.65 23.97 -0.13
C ASN A 338 26.15 22.54 -0.26
N PRO A 339 26.89 22.20 -1.32
CA PRO A 339 27.36 20.82 -1.47
C PRO A 339 28.37 20.41 -0.41
N ARG A 340 29.15 21.35 0.12
CA ARG A 340 30.09 21.00 1.18
C ARG A 340 29.36 20.57 2.45
N LYS A 341 28.26 21.26 2.77
CA LYS A 341 27.49 20.87 3.95
C LYS A 341 26.83 19.51 3.76
N LEU A 342 26.34 19.23 2.55
CA LEU A 342 25.67 17.96 2.31
C LEU A 342 26.65 16.80 2.35
N LEU A 343 27.91 17.02 1.97
CA LEU A 343 28.89 15.94 2.06
C LEU A 343 29.26 15.67 3.51
N GLU A 344 29.43 16.72 4.32
CA GLU A 344 29.63 16.53 5.74
C GLU A 344 28.42 15.87 6.37
N LYS A 345 27.21 16.25 5.92
CA LYS A 345 26.00 15.63 6.43
C LYS A 345 25.95 14.15 6.09
N LEU A 346 26.38 13.78 4.87
CA LEU A 346 26.49 12.38 4.53
C LEU A 346 27.56 11.68 5.34
N ALA A 347 28.62 12.40 5.72
CA ALA A 347 29.70 11.78 6.48
C ALA A 347 29.24 11.40 7.88
N MET A 348 28.55 12.30 8.58
CA MET A 348 28.13 11.98 9.94
C MET A 348 27.02 10.94 9.95
N LEU A 349 26.02 11.09 9.07
CA LEU A 349 24.92 10.14 9.04
C LEU A 349 25.41 8.72 8.74
N ARG A 350 26.41 8.59 7.87
CA ARG A 350 27.02 7.28 7.65
C ARG A 350 27.75 6.80 8.90
N SER A 351 28.43 7.70 9.60
CA SER A 351 29.16 7.33 10.81
C SER A 351 28.22 6.89 11.94
N GLU A 352 26.97 7.34 11.93
CA GLU A 352 26.03 6.99 12.98
C GLU A 352 25.09 5.85 12.59
N SER A 353 25.03 5.48 11.30
CA SER A 353 24.09 4.46 10.87
C SER A 353 24.67 3.47 9.86
N GLY A 354 25.96 3.54 9.54
CA GLY A 354 26.53 2.65 8.54
C GLY A 354 26.23 3.07 7.12
N TYR A 355 24.96 3.28 6.81
CA TYR A 355 24.51 3.93 5.59
C TYR A 355 24.14 5.37 5.91
N PRO A 356 23.78 6.18 4.89
CA PRO A 356 23.52 6.03 3.45
C PRO A 356 24.63 5.38 2.63
N TYR A 357 24.27 4.35 1.87
CA TYR A 357 25.19 3.82 0.86
C TYR A 357 25.45 4.89 -0.19
N ILE A 358 26.73 5.16 -0.45
CA ILE A 358 27.13 6.14 -1.44
C ILE A 358 27.50 5.42 -2.73
N MET A 359 26.95 5.90 -3.85
CA MET A 359 27.30 5.39 -5.17
C MET A 359 27.85 6.52 -6.01
N PHE A 360 29.08 6.36 -6.48
CA PHE A 360 29.69 7.30 -7.42
C PHE A 360 29.23 6.86 -8.81
N GLN A 361 28.15 7.48 -9.29
CA GLN A 361 27.44 6.98 -10.45
C GLN A 361 28.34 6.94 -11.69
N ASP A 362 29.17 7.95 -11.87
CA ASP A 362 29.99 7.99 -13.07
C ASP A 362 31.18 7.04 -13.00
N ASN A 363 31.63 6.66 -11.80
CA ASN A 363 32.62 5.59 -11.70
C ASN A 363 32.01 4.24 -12.03
N VAL A 364 30.69 4.12 -11.94
CA VAL A 364 30.02 2.88 -12.32
C VAL A 364 29.83 2.81 -13.83
N ASN A 365 29.40 3.92 -14.43
CA ASN A 365 29.02 3.92 -15.84
C ASN A 365 30.18 4.18 -16.79
N LYS A 366 31.29 4.77 -16.29
CA LYS A 366 32.50 4.89 -17.10
C LYS A 366 32.90 3.55 -17.70
N VAL A 367 32.77 2.48 -16.93
CA VAL A 367 33.22 1.16 -17.34
C VAL A 367 32.03 0.21 -17.51
N HIS A 368 30.84 0.76 -17.71
CA HIS A 368 29.64 -0.05 -17.87
C HIS A 368 29.53 -0.55 -19.30
N ALA A 369 29.16 -1.82 -19.46
CA ALA A 369 29.09 -2.43 -20.77
C ALA A 369 27.72 -2.29 -21.42
N ASN A 370 26.69 -1.88 -20.67
CA ASN A 370 25.32 -1.91 -21.18
C ASN A 370 24.65 -0.55 -21.02
N ASN A 371 25.41 0.54 -21.17
CA ASN A 371 24.81 1.87 -21.12
C ASN A 371 23.81 2.08 -22.26
N HIS A 372 23.89 1.27 -23.32
CA HIS A 372 22.91 1.32 -24.38
C HIS A 372 21.54 0.84 -23.91
N ILE A 373 21.50 0.02 -22.86
CA ILE A 373 20.23 -0.36 -22.26
C ILE A 373 19.77 0.71 -21.27
N SER A 374 20.69 1.15 -20.42
CA SER A 374 20.49 2.26 -19.49
C SER A 374 21.78 2.46 -18.72
N LYS A 375 21.99 3.68 -18.22
CA LYS A 375 23.06 3.89 -17.26
C LYS A 375 22.62 3.38 -15.90
N VAL A 376 23.56 2.81 -15.14
CA VAL A 376 23.22 2.35 -13.81
C VAL A 376 22.78 3.56 -12.99
N LYS A 377 21.68 3.39 -12.26
CA LYS A 377 21.06 4.50 -11.55
C LYS A 377 20.98 4.31 -10.04
N PHE A 378 21.09 3.09 -9.55
CA PHE A 378 21.03 2.82 -8.11
C PHE A 378 21.59 1.43 -7.87
N SER A 379 21.59 1.02 -6.61
CA SER A 379 22.14 -0.29 -6.28
C SER A 379 21.20 -1.03 -5.34
N ASN A 380 21.66 -2.14 -4.78
CA ASN A 380 20.83 -2.97 -3.93
C ASN A 380 21.10 -2.64 -2.46
N LEU A 381 20.71 -3.56 -1.56
CA LEU A 381 20.74 -3.26 -0.13
C LEU A 381 22.15 -3.15 0.43
N CYS A 382 23.16 -3.71 -0.24
CA CYS A 382 24.52 -3.58 0.26
C CYS A 382 25.51 -3.08 -0.79
N SER A 383 25.01 -2.44 -1.85
CA SER A 383 25.84 -1.71 -2.80
C SER A 383 26.82 -2.61 -3.55
N GLU A 384 26.31 -3.72 -4.09
CA GLU A 384 27.18 -4.57 -4.90
C GLU A 384 26.69 -4.76 -6.31
N VAL A 385 25.39 -4.93 -6.54
CA VAL A 385 24.92 -5.16 -7.90
C VAL A 385 24.71 -3.81 -8.58
N LEU A 386 25.25 -3.70 -9.79
CA LEU A 386 25.21 -2.47 -10.58
C LEU A 386 24.87 -2.88 -12.01
N GLN A 387 23.59 -2.78 -12.36
CA GLN A 387 23.09 -3.27 -13.63
C GLN A 387 22.13 -2.26 -14.23
N ALA A 388 21.96 -2.34 -15.55
CA ALA A 388 21.00 -1.48 -16.22
C ALA A 388 19.58 -1.84 -15.80
N SER A 389 18.67 -0.89 -15.99
CA SER A 389 17.29 -1.06 -15.62
C SER A 389 16.45 -0.04 -16.38
N GLN A 390 15.20 -0.40 -16.64
CA GLN A 390 14.26 0.44 -17.36
C GLN A 390 12.95 0.48 -16.60
N VAL A 391 12.40 1.69 -16.40
CA VAL A 391 11.22 1.85 -15.58
C VAL A 391 10.00 1.28 -16.28
N SER A 392 9.13 0.62 -15.51
CA SER A 392 7.84 0.18 -16.00
C SER A 392 6.84 1.34 -15.97
N SER A 393 5.66 1.08 -16.52
CA SER A 393 4.56 2.04 -16.53
C SER A 393 3.28 1.25 -16.24
N TYR A 394 2.97 1.08 -14.95
CA TYR A 394 1.76 0.38 -14.55
C TYR A 394 0.58 1.32 -14.70
N THR A 395 -0.25 1.06 -15.71
CA THR A 395 -1.34 1.96 -16.09
C THR A 395 -2.58 1.62 -15.27
N ASP A 396 -3.73 2.17 -15.69
CA ASP A 396 -4.99 1.90 -15.02
C ASP A 396 -5.37 0.43 -15.13
N TYR A 397 -6.49 0.07 -14.50
CA TYR A 397 -6.86 -1.34 -14.39
C TYR A 397 -7.25 -1.92 -15.74
N ASP A 398 -8.10 -1.21 -16.48
CA ASP A 398 -8.59 -1.72 -17.76
C ASP A 398 -7.59 -1.58 -18.90
N GLU A 399 -6.47 -0.87 -18.69
CA GLU A 399 -5.45 -0.67 -19.71
C GLU A 399 -4.24 -1.58 -19.47
N GLU A 400 -3.57 -1.93 -20.55
CA GLU A 400 -2.37 -2.78 -20.47
C GLU A 400 -1.20 -1.99 -19.90
N ASP A 401 -0.39 -2.65 -19.08
CA ASP A 401 0.81 -2.02 -18.52
C ASP A 401 2.00 -2.20 -19.47
N GLU A 402 3.02 -1.38 -19.25
CA GLU A 402 4.29 -1.48 -19.95
C GLU A 402 5.34 -2.01 -18.97
N ILE A 403 5.85 -3.20 -19.22
CA ILE A 403 6.77 -3.87 -18.31
C ILE A 403 8.20 -3.56 -18.71
N GLY A 404 8.92 -2.85 -17.84
CA GLY A 404 10.31 -2.53 -18.07
C GLY A 404 11.28 -3.60 -17.60
N LEU A 405 12.39 -3.20 -16.97
CA LEU A 405 13.43 -4.13 -16.54
C LEU A 405 13.85 -3.81 -15.11
N ASP A 406 13.57 -4.74 -14.19
CA ASP A 406 14.10 -4.63 -12.83
C ASP A 406 15.43 -5.39 -12.76
N ILE A 407 15.86 -5.76 -11.55
CA ILE A 407 17.14 -6.46 -11.38
C ILE A 407 16.98 -7.55 -10.32
N SER A 408 17.53 -8.73 -10.60
CA SER A 408 17.56 -9.85 -9.66
C SER A 408 19.01 -10.24 -9.41
N CYS A 409 19.31 -10.64 -8.17
CA CYS A 409 20.67 -10.93 -7.74
C CYS A 409 20.81 -12.42 -7.47
N ASN A 410 21.36 -13.15 -8.44
CA ASN A 410 21.69 -14.56 -8.27
C ASN A 410 23.16 -14.60 -7.88
N LEU A 411 23.42 -14.79 -6.58
CA LEU A 411 24.75 -14.59 -6.00
C LEU A 411 25.42 -15.91 -5.68
N GLY A 412 26.74 -15.83 -5.50
CA GLY A 412 27.59 -16.95 -5.15
C GLY A 412 29.04 -16.53 -5.11
N SER A 413 29.85 -17.14 -4.26
CA SER A 413 31.23 -16.73 -4.09
C SER A 413 32.17 -17.93 -4.09
N LEU A 414 33.31 -17.77 -4.77
CA LEU A 414 34.37 -18.75 -4.70
C LEU A 414 35.23 -18.50 -3.47
N ASN A 415 35.89 -19.57 -3.01
CA ASN A 415 36.83 -19.48 -1.89
C ASN A 415 38.23 -19.31 -2.46
N ILE A 416 38.75 -18.08 -2.37
CA ILE A 416 40.02 -17.73 -3.01
C ILE A 416 41.12 -18.67 -2.55
N LEU A 417 41.11 -19.06 -1.27
CA LEU A 417 42.16 -19.92 -0.73
C LEU A 417 42.17 -21.27 -1.43
N ASN A 418 41.05 -22.00 -1.37
CA ASN A 418 41.01 -23.35 -1.94
C ASN A 418 41.09 -23.34 -3.46
N VAL A 419 40.70 -22.25 -4.12
CA VAL A 419 40.88 -22.17 -5.56
C VAL A 419 42.37 -22.10 -5.89
N MET A 420 43.17 -21.47 -5.03
CA MET A 420 44.61 -21.45 -5.25
C MET A 420 45.26 -22.77 -4.85
N GLU A 421 44.75 -23.42 -3.79
CA GLU A 421 45.30 -24.72 -3.40
C GLU A 421 45.09 -25.76 -4.48
N HIS A 422 43.95 -25.69 -5.17
CA HIS A 422 43.64 -26.65 -6.21
C HIS A 422 44.04 -26.18 -7.60
N LYS A 423 44.58 -24.96 -7.72
CA LYS A 423 44.98 -24.38 -9.00
C LYS A 423 43.84 -24.47 -10.01
N SER A 424 42.65 -24.05 -9.57
CA SER A 424 41.41 -24.30 -10.30
C SER A 424 40.64 -23.02 -10.54
N ILE A 425 41.34 -21.95 -10.93
CA ILE A 425 40.64 -20.70 -11.23
C ILE A 425 39.68 -20.88 -12.40
N GLU A 426 40.15 -21.50 -13.49
CA GLU A 426 39.31 -21.69 -14.66
C GLU A 426 38.15 -22.64 -14.37
N LYS A 427 38.44 -23.76 -13.71
CA LYS A 427 37.40 -24.76 -13.47
C LYS A 427 36.31 -24.21 -12.55
N THR A 428 36.68 -23.46 -11.52
CA THR A 428 35.70 -23.02 -10.53
C THR A 428 34.77 -21.95 -11.09
N VAL A 429 35.33 -20.93 -11.75
CA VAL A 429 34.48 -19.84 -12.23
C VAL A 429 33.51 -20.33 -13.30
N LYS A 430 33.99 -21.16 -14.22
CA LYS A 430 33.11 -21.65 -15.27
C LYS A 430 32.02 -22.54 -14.69
N LEU A 431 32.38 -23.38 -13.72
CA LEU A 431 31.39 -24.28 -13.12
C LEU A 431 30.44 -23.52 -12.20
N ALA A 432 30.95 -22.52 -11.48
CA ALA A 432 30.06 -21.69 -10.66
C ALA A 432 29.11 -20.89 -11.56
N THR A 433 29.62 -20.38 -12.68
CA THR A 433 28.76 -19.68 -13.63
C THR A 433 27.62 -20.57 -14.10
N ASP A 434 27.92 -21.85 -14.35
CA ASP A 434 26.86 -22.79 -14.72
C ASP A 434 25.80 -22.87 -13.62
N SER A 435 26.23 -22.91 -12.35
CA SER A 435 25.28 -23.00 -11.25
C SER A 435 24.40 -21.76 -11.19
N LEU A 436 25.01 -20.57 -11.23
CA LEU A 436 24.23 -19.35 -11.19
C LEU A 436 23.32 -19.22 -12.40
N THR A 437 23.76 -19.74 -13.55
CA THR A 437 22.89 -19.72 -14.74
C THR A 437 21.67 -20.60 -14.54
N HIS A 438 21.83 -21.74 -13.84
CA HIS A 438 20.70 -22.62 -13.62
C HIS A 438 19.73 -22.02 -12.60
N VAL A 439 20.25 -21.33 -11.59
CA VAL A 439 19.38 -20.64 -10.64
C VAL A 439 18.54 -19.58 -11.35
N SER A 440 19.15 -18.88 -12.31
CA SER A 440 18.43 -17.83 -13.01
C SER A 440 17.32 -18.40 -13.89
N GLU A 441 17.56 -19.56 -14.49
CA GLU A 441 16.58 -20.16 -15.39
C GLU A 441 15.50 -20.96 -14.66
N THR A 442 15.70 -21.28 -13.38
CA THR A 442 14.67 -21.96 -12.60
C THR A 442 13.83 -21.01 -11.76
N THR A 443 14.30 -19.78 -11.53
CA THR A 443 13.51 -18.79 -10.81
C THR A 443 12.49 -18.18 -11.78
N ASP A 444 11.21 -18.30 -11.43
CA ASP A 444 10.10 -17.71 -12.19
C ASP A 444 9.19 -17.05 -11.17
N ILE A 445 9.46 -15.79 -10.87
CA ILE A 445 8.81 -15.10 -9.76
C ILE A 445 7.56 -14.40 -10.28
N ARG A 446 6.43 -14.71 -9.67
CA ARG A 446 5.18 -14.03 -9.97
C ARG A 446 5.00 -12.84 -9.03
N ASN A 447 4.05 -11.98 -9.40
CA ASN A 447 3.76 -10.73 -8.71
C ASN A 447 4.88 -9.70 -8.85
N ALA A 448 5.86 -9.93 -9.72
CA ALA A 448 6.92 -8.97 -10.01
C ALA A 448 7.27 -9.02 -11.49
N PRO A 449 6.46 -8.38 -12.34
CA PRO A 449 6.61 -8.59 -13.79
C PRO A 449 7.96 -8.14 -14.33
N ALA A 450 8.40 -6.93 -14.00
CA ALA A 450 9.67 -6.45 -14.53
C ALA A 450 10.85 -7.23 -13.98
N VAL A 451 10.72 -7.74 -12.74
CA VAL A 451 11.73 -8.66 -12.21
C VAL A 451 11.80 -9.91 -13.06
N ARG A 452 10.64 -10.49 -13.37
CA ARG A 452 10.59 -11.71 -14.16
C ARG A 452 11.10 -11.48 -15.57
N ARG A 453 10.67 -10.38 -16.21
CA ARG A 453 11.11 -10.11 -17.57
C ARG A 453 12.61 -9.92 -17.64
N ALA A 454 13.17 -9.13 -16.72
CA ALA A 454 14.60 -8.82 -16.78
C ALA A 454 15.45 -10.05 -16.52
N ASN A 455 14.98 -10.96 -15.67
CA ASN A 455 15.79 -12.15 -15.40
C ASN A 455 15.90 -13.02 -16.63
N LYS A 456 14.80 -13.16 -17.39
CA LYS A 456 14.86 -13.97 -18.60
C LYS A 456 15.62 -13.26 -19.72
N ALA A 457 15.56 -11.94 -19.76
CA ALA A 457 16.19 -11.16 -20.83
C ALA A 457 17.66 -10.85 -20.54
N MET A 458 17.97 -10.46 -19.30
CA MET A 458 19.33 -10.05 -18.97
C MET A 458 20.20 -11.21 -18.54
N LYS A 459 19.62 -12.21 -17.85
CA LYS A 459 20.36 -13.39 -17.39
C LYS A 459 21.61 -12.98 -16.62
N SER A 460 21.46 -12.02 -15.72
CA SER A 460 22.59 -11.47 -15.00
C SER A 460 22.85 -12.29 -13.74
N ILE A 461 24.12 -12.62 -13.51
CA ILE A 461 24.53 -13.36 -12.34
C ILE A 461 25.60 -12.57 -11.61
N GLY A 462 25.80 -12.90 -10.34
CA GLY A 462 26.76 -12.21 -9.51
C GLY A 462 27.71 -13.13 -8.79
N LEU A 463 28.80 -13.52 -9.45
CA LEU A 463 29.82 -14.36 -8.85
C LEU A 463 30.79 -13.50 -8.06
N GLY A 464 30.96 -13.83 -6.78
CA GLY A 464 31.84 -13.11 -5.91
C GLY A 464 33.03 -13.95 -5.49
N ALA A 465 33.66 -13.53 -4.39
CA ALA A 465 34.82 -14.21 -3.85
C ALA A 465 34.89 -13.90 -2.36
N MET A 466 35.54 -14.80 -1.63
CA MET A 466 35.77 -14.60 -0.21
C MET A 466 37.14 -15.13 0.14
N ASN A 467 37.55 -14.86 1.38
CA ASN A 467 38.83 -15.34 1.92
C ASN A 467 40.03 -14.68 1.27
N LEU A 468 39.89 -13.41 0.87
CA LEU A 468 41.04 -12.69 0.31
C LEU A 468 42.07 -12.42 1.39
N HIS A 469 41.64 -11.89 2.54
CA HIS A 469 42.60 -11.62 3.60
C HIS A 469 43.14 -12.90 4.21
N GLY A 470 42.27 -13.90 4.40
CA GLY A 470 42.73 -15.16 4.95
C GLY A 470 43.77 -15.84 4.07
N TYR A 471 43.65 -15.70 2.75
CA TYR A 471 44.64 -16.29 1.86
C TYR A 471 45.94 -15.49 1.88
N LEU A 472 45.84 -14.16 1.89
CA LEU A 472 47.06 -13.34 1.92
C LEU A 472 47.83 -13.55 3.21
N ALA A 473 47.15 -13.60 4.35
CA ALA A 473 47.84 -13.73 5.62
C ALA A 473 48.45 -15.11 5.80
N GLN A 474 47.89 -16.13 5.15
CA GLN A 474 48.46 -17.47 5.23
C GLN A 474 49.61 -17.69 4.26
N ASN A 475 49.97 -16.67 3.48
CA ASN A 475 51.12 -16.73 2.58
C ASN A 475 52.08 -15.58 2.83
N GLY A 476 52.06 -15.04 4.05
CA GLY A 476 53.01 -14.00 4.42
C GLY A 476 52.87 -12.72 3.62
N ILE A 477 51.63 -12.26 3.43
CA ILE A 477 51.36 -11.06 2.64
C ILE A 477 50.41 -10.17 3.44
N ALA A 478 50.79 -8.91 3.60
CA ALA A 478 49.96 -7.96 4.33
C ALA A 478 48.89 -7.39 3.41
N TYR A 479 47.71 -7.12 3.99
CA TYR A 479 46.59 -6.61 3.21
C TYR A 479 46.94 -5.29 2.54
N GLU A 480 47.67 -4.42 3.24
CA GLU A 480 48.01 -3.10 2.74
C GLU A 480 49.24 -3.08 1.84
N SER A 481 49.90 -4.21 1.63
CA SER A 481 51.14 -4.22 0.88
C SER A 481 50.88 -4.05 -0.61
N PRO A 482 51.86 -3.57 -1.36
CA PRO A 482 51.73 -3.56 -2.83
C PRO A 482 51.69 -4.96 -3.43
N GLU A 483 52.26 -5.96 -2.75
CA GLU A 483 52.19 -7.34 -3.25
C GLU A 483 50.77 -7.89 -3.16
N ALA A 484 50.01 -7.49 -2.14
CA ALA A 484 48.63 -7.93 -2.03
C ALA A 484 47.81 -7.44 -3.22
N ARG A 485 47.87 -6.13 -3.49
CA ARG A 485 47.19 -5.59 -4.66
C ARG A 485 47.70 -6.24 -5.95
N ASP A 486 49.00 -6.56 -6.00
CA ASP A 486 49.53 -7.21 -7.20
C ASP A 486 48.94 -8.60 -7.36
N PHE A 487 48.69 -9.30 -6.25
CA PHE A 487 47.99 -10.57 -6.33
C PHE A 487 46.52 -10.36 -6.73
N ALA A 488 45.85 -9.42 -6.07
CA ALA A 488 44.43 -9.18 -6.34
C ALA A 488 44.22 -8.75 -7.78
N ASN A 489 45.15 -7.96 -8.33
CA ASN A 489 45.03 -7.53 -9.71
C ASN A 489 45.08 -8.72 -10.67
N THR A 490 46.00 -9.66 -10.43
CA THR A 490 46.17 -10.79 -11.32
C THR A 490 45.09 -11.85 -11.10
N PHE A 491 44.73 -12.12 -9.84
CA PHE A 491 43.76 -13.17 -9.55
C PHE A 491 42.40 -12.84 -10.16
N PHE A 492 41.89 -11.64 -9.88
CA PHE A 492 40.56 -11.27 -10.37
C PHE A 492 40.55 -11.00 -11.87
N MET A 493 41.69 -10.63 -12.47
CA MET A 493 41.76 -10.57 -13.92
C MET A 493 41.47 -11.93 -14.53
N MET A 494 41.91 -12.99 -13.87
CA MET A 494 41.64 -14.33 -14.39
C MET A 494 40.18 -14.72 -14.18
N VAL A 495 39.61 -14.33 -13.05
CA VAL A 495 38.19 -14.57 -12.82
C VAL A 495 37.37 -13.89 -13.92
N ASN A 496 37.68 -12.61 -14.20
CA ASN A 496 36.97 -11.91 -15.26
C ASN A 496 37.24 -12.54 -16.62
N PHE A 497 38.44 -13.06 -16.83
CA PHE A 497 38.78 -13.68 -18.11
C PHE A 497 37.96 -14.94 -18.36
N TYR A 498 38.04 -15.91 -17.43
CA TYR A 498 37.33 -17.16 -17.63
C TYR A 498 35.83 -17.01 -17.45
N SER A 499 35.37 -15.97 -16.74
CA SER A 499 33.95 -15.70 -16.66
C SER A 499 33.40 -15.28 -18.02
N ILE A 500 34.11 -14.38 -18.70
CA ILE A 500 33.72 -13.96 -20.04
C ILE A 500 33.76 -15.15 -21.00
N GLN A 501 34.78 -15.99 -20.87
CA GLN A 501 34.92 -17.14 -21.77
C GLN A 501 33.76 -18.12 -21.59
N ARG A 502 33.46 -18.47 -20.34
CA ARG A 502 32.34 -19.38 -20.09
C ARG A 502 31.01 -18.76 -20.53
N SER A 503 30.88 -17.44 -20.35
CA SER A 503 29.67 -16.76 -20.80
C SER A 503 29.54 -16.84 -22.31
N ALA A 504 30.67 -16.78 -23.04
CA ALA A 504 30.64 -16.92 -24.49
C ALA A 504 30.47 -18.36 -24.92
N GLU A 505 31.05 -19.31 -24.17
CA GLU A 505 30.85 -20.72 -24.48
C GLU A 505 29.38 -21.09 -24.39
N ILE A 506 28.69 -20.63 -23.35
CA ILE A 506 27.27 -20.91 -23.20
C ILE A 506 26.48 -20.22 -24.31
N ALA A 507 26.95 -19.05 -24.77
CA ALA A 507 26.28 -18.37 -25.86
C ALA A 507 26.34 -19.19 -27.15
N LYS A 508 27.43 -19.92 -27.36
CA LYS A 508 27.55 -20.77 -28.55
C LYS A 508 26.83 -22.10 -28.35
N GLU A 509 26.92 -22.68 -27.14
CA GLU A 509 26.25 -23.95 -26.87
C GLU A 509 24.73 -23.80 -26.99
N LYS A 510 24.16 -22.79 -26.35
CA LYS A 510 22.72 -22.57 -26.41
C LYS A 510 22.29 -21.80 -27.66
N GLY A 511 23.22 -21.13 -28.34
CA GLY A 511 22.87 -20.46 -29.58
C GLY A 511 22.10 -19.18 -29.44
N GLU A 512 22.10 -18.56 -28.25
CA GLU A 512 21.37 -17.33 -28.03
C GLU A 512 22.20 -16.40 -27.16
N THR A 513 21.82 -15.12 -27.18
CA THR A 513 22.50 -14.07 -26.44
C THR A 513 21.49 -13.30 -25.59
N PHE A 514 21.98 -12.62 -24.57
CA PHE A 514 21.07 -11.81 -23.75
C PHE A 514 20.56 -10.63 -24.56
N ASP A 515 19.34 -10.19 -24.25
CA ASP A 515 18.66 -9.20 -25.07
C ASP A 515 19.49 -7.94 -25.24
N GLN A 516 19.56 -7.46 -26.49
CA GLN A 516 20.29 -6.25 -26.84
C GLN A 516 21.77 -6.35 -26.50
N TYR A 517 22.33 -7.56 -26.54
CA TYR A 517 23.77 -7.71 -26.40
C TYR A 517 24.50 -7.05 -27.56
N GLU A 518 23.88 -7.06 -28.74
CA GLU A 518 24.53 -6.60 -29.96
C GLU A 518 25.05 -5.17 -29.85
N GLY A 519 24.49 -4.38 -28.95
CA GLY A 519 24.91 -3.01 -28.71
C GLY A 519 25.80 -2.79 -27.51
N SER A 520 26.20 -3.85 -26.81
CA SER A 520 27.05 -3.69 -25.64
C SER A 520 28.50 -3.48 -26.04
N THR A 521 29.30 -3.01 -25.07
CA THR A 521 30.72 -2.83 -25.33
C THR A 521 31.44 -4.18 -25.45
N TYR A 522 30.80 -5.26 -25.01
CA TYR A 522 31.31 -6.60 -25.34
C TYR A 522 31.28 -6.81 -26.85
N ALA A 523 30.18 -6.41 -27.49
CA ALA A 523 30.02 -6.62 -28.92
C ALA A 523 30.81 -5.61 -29.74
N THR A 524 30.91 -4.37 -29.29
CA THR A 524 31.66 -3.37 -30.04
C THR A 524 33.16 -3.47 -29.81
N GLY A 525 33.60 -4.26 -28.83
CA GLY A 525 35.01 -4.48 -28.58
C GLY A 525 35.67 -3.50 -27.64
N GLU A 526 35.02 -2.37 -27.35
CA GLU A 526 35.60 -1.40 -26.44
C GLU A 526 35.89 -1.98 -25.06
N TYR A 527 35.16 -3.03 -24.66
CA TYR A 527 35.37 -3.63 -23.35
C TYR A 527 36.76 -4.20 -23.18
N PHE A 528 37.40 -4.60 -24.27
CA PHE A 528 38.67 -5.32 -24.19
C PHE A 528 39.88 -4.44 -24.45
N ASP A 529 39.69 -3.13 -24.64
CA ASP A 529 40.82 -2.25 -24.93
C ASP A 529 41.90 -2.36 -23.86
N LYS A 530 41.48 -2.44 -22.60
CA LYS A 530 42.45 -2.49 -21.51
C LYS A 530 43.20 -3.82 -21.48
N TYR A 531 42.51 -4.91 -21.80
CA TYR A 531 43.09 -6.24 -21.64
C TYR A 531 43.96 -6.67 -22.81
N VAL A 532 43.73 -6.11 -24.02
CA VAL A 532 44.54 -6.46 -25.18
C VAL A 532 45.78 -5.59 -25.33
N SER A 533 45.90 -4.52 -24.54
CA SER A 533 47.04 -3.62 -24.61
C SER A 533 47.92 -3.65 -23.37
N THR A 534 47.33 -3.89 -22.20
CA THR A 534 48.04 -3.90 -20.94
C THR A 534 48.09 -5.32 -20.38
N ASP A 535 49.23 -5.69 -19.80
CA ASP A 535 49.41 -7.00 -19.20
C ASP A 535 49.10 -6.95 -17.71
N PHE A 536 48.56 -8.06 -17.20
CA PHE A 536 48.20 -8.18 -15.79
C PHE A 536 48.87 -9.38 -15.12
N SER A 537 49.99 -9.84 -15.68
CA SER A 537 50.82 -10.82 -14.98
C SER A 537 51.46 -10.17 -13.75
N PRO A 538 51.66 -10.93 -12.67
CA PRO A 538 52.19 -10.34 -11.44
C PRO A 538 53.51 -9.63 -11.69
N LYS A 539 53.66 -8.47 -11.05
CA LYS A 539 54.90 -7.71 -11.14
C LYS A 539 55.94 -8.16 -10.14
N TYR A 540 55.52 -8.61 -8.97
CA TYR A 540 56.43 -9.14 -7.96
C TYR A 540 56.64 -10.63 -8.17
N GLU A 541 57.89 -11.08 -8.10
CA GLU A 541 58.19 -12.49 -8.31
C GLU A 541 57.57 -13.37 -7.25
N LYS A 542 57.50 -12.90 -6.01
CA LYS A 542 56.88 -13.69 -4.94
C LYS A 542 55.42 -14.00 -5.27
N ILE A 543 54.71 -13.04 -5.87
CA ILE A 543 53.31 -13.25 -6.20
C ILE A 543 53.18 -14.14 -7.42
N ALA A 544 54.08 -13.99 -8.40
CA ALA A 544 54.03 -14.83 -9.59
C ALA A 544 54.18 -16.30 -9.26
N ASN A 545 55.00 -16.62 -8.26
CA ASN A 545 55.22 -18.02 -7.88
C ASN A 545 53.96 -18.67 -7.31
N LEU A 546 52.98 -17.88 -6.90
CA LEU A 546 51.76 -18.45 -6.34
C LEU A 546 50.88 -19.07 -7.43
N PHE A 547 50.95 -18.54 -8.65
CA PHE A 547 50.16 -19.06 -9.76
C PHE A 547 50.89 -20.15 -10.54
N GLU A 548 51.86 -20.82 -9.91
CA GLU A 548 52.53 -21.93 -10.56
C GLU A 548 51.52 -23.05 -10.83
N GLY A 549 51.65 -23.68 -11.99
CA GLY A 549 50.71 -24.71 -12.37
C GLY A 549 49.40 -24.18 -12.91
N MET A 550 49.34 -22.88 -13.21
CA MET A 550 48.15 -22.25 -13.77
C MET A 550 48.57 -21.19 -14.78
N HIS A 551 47.85 -21.14 -15.89
CA HIS A 551 48.21 -20.23 -16.97
C HIS A 551 47.62 -18.85 -16.72
N ILE A 552 48.47 -17.83 -16.72
CA ILE A 552 48.03 -16.44 -16.61
C ILE A 552 47.77 -15.92 -18.03
N PRO A 553 46.54 -15.53 -18.35
CA PRO A 553 46.24 -15.07 -19.72
C PRO A 553 47.03 -13.81 -20.08
N THR A 554 47.68 -13.86 -21.25
CA THR A 554 48.47 -12.75 -21.76
C THR A 554 47.60 -11.85 -22.65
N THR A 555 48.21 -10.77 -23.13
CA THR A 555 47.49 -9.87 -24.04
C THR A 555 47.06 -10.60 -25.30
N GLU A 556 47.80 -11.62 -25.72
CA GLU A 556 47.40 -12.38 -26.89
C GLU A 556 46.20 -13.26 -26.60
N ASP A 557 46.07 -13.75 -25.36
CA ASP A 557 44.88 -14.52 -24.99
C ASP A 557 43.64 -13.65 -25.02
N TRP A 558 43.73 -12.42 -24.51
CA TRP A 558 42.58 -11.54 -24.50
C TRP A 558 42.13 -11.22 -25.92
N LYS A 559 43.09 -11.02 -26.83
CA LYS A 559 42.76 -10.82 -28.24
C LYS A 559 41.94 -11.98 -28.79
N LYS A 560 42.30 -13.21 -28.39
CA LYS A 560 41.59 -14.39 -28.87
C LYS A 560 40.21 -14.48 -28.25
N LEU A 561 40.08 -14.16 -26.96
CA LEU A 561 38.78 -14.18 -26.31
C LEU A 561 37.87 -13.08 -26.86
N LYS A 562 38.45 -11.91 -27.16
CA LYS A 562 37.68 -10.82 -27.74
C LYS A 562 37.10 -11.20 -29.09
N ALA A 563 37.90 -11.86 -29.94
CA ALA A 563 37.40 -12.31 -31.23
C ALA A 563 36.40 -13.43 -31.08
N PHE A 564 36.62 -14.31 -30.11
CA PHE A 564 35.69 -15.41 -29.84
C PHE A 564 34.33 -14.87 -29.40
N VAL A 565 34.33 -13.89 -28.51
CA VAL A 565 33.08 -13.26 -28.07
C VAL A 565 32.40 -12.56 -29.23
N ALA A 566 33.18 -11.91 -30.10
CA ALA A 566 32.60 -11.19 -31.23
C ALA A 566 31.83 -12.10 -32.16
N GLU A 567 32.17 -13.40 -32.20
CA GLU A 567 31.50 -14.32 -33.09
C GLU A 567 30.33 -15.05 -32.42
N HIS A 568 30.45 -15.34 -31.13
CA HIS A 568 29.44 -16.14 -30.46
C HIS A 568 28.61 -15.34 -29.46
N GLY A 569 29.04 -14.14 -29.09
CA GLY A 569 28.26 -13.32 -28.21
C GLY A 569 28.44 -13.67 -26.75
N MET A 570 27.64 -13.00 -25.92
CA MET A 570 27.67 -13.18 -24.48
C MET A 570 26.30 -13.65 -24.00
N TYR A 571 26.30 -14.61 -23.08
CA TYR A 571 25.04 -15.11 -22.54
C TYR A 571 24.56 -14.33 -21.32
N HIS A 572 25.47 -13.74 -20.54
CA HIS A 572 25.12 -12.99 -19.34
C HIS A 572 25.40 -11.51 -19.56
N SER A 573 24.43 -10.67 -19.19
CA SER A 573 24.67 -9.22 -19.25
C SER A 573 25.63 -8.79 -18.15
N TYR A 574 25.61 -9.46 -17.00
CA TYR A 574 26.52 -9.18 -15.90
C TYR A 574 26.93 -10.49 -15.25
N ARG A 575 28.19 -10.56 -14.80
CA ARG A 575 28.71 -11.84 -14.35
C ARG A 575 29.28 -11.82 -12.94
N LEU A 576 30.00 -10.76 -12.56
CA LEU A 576 30.75 -10.75 -11.31
C LEU A 576 30.27 -9.62 -10.41
N CYS A 577 30.13 -9.93 -9.12
CA CYS A 577 29.97 -8.93 -8.09
C CYS A 577 30.37 -9.54 -6.76
N ILE A 578 31.07 -8.76 -5.93
CA ILE A 578 31.59 -9.24 -4.67
C ILE A 578 30.68 -8.71 -3.56
N ALA A 579 29.82 -9.59 -3.06
CA ALA A 579 28.87 -9.28 -2.01
C ALA A 579 29.43 -9.68 -0.66
N PRO A 580 28.88 -9.15 0.44
CA PRO A 580 29.33 -9.60 1.76
C PRO A 580 29.00 -11.07 1.94
N THR A 581 29.72 -11.70 2.84
CA THR A 581 29.53 -13.12 3.15
C THR A 581 29.01 -13.22 4.58
N GLY A 582 27.76 -13.64 4.72
CA GLY A 582 27.13 -13.73 6.02
C GLY A 582 27.61 -14.90 6.86
N SER A 583 26.67 -15.62 7.48
CA SER A 583 27.04 -16.74 8.35
C SER A 583 27.73 -17.86 7.58
N ILE A 584 27.58 -17.91 6.25
CA ILE A 584 28.19 -18.99 5.49
C ILE A 584 29.71 -18.88 5.48
N SER A 585 30.26 -17.68 5.71
CA SER A 585 31.71 -17.52 5.78
C SER A 585 32.31 -18.36 6.90
N TYR A 586 31.55 -18.61 7.96
CA TYR A 586 32.01 -19.53 8.99
C TYR A 586 32.09 -20.96 8.44
N VAL A 587 31.07 -21.37 7.68
CA VAL A 587 31.07 -22.73 7.12
C VAL A 587 32.25 -22.93 6.19
N GLN A 588 32.57 -21.91 5.38
CA GLN A 588 33.69 -21.99 4.46
C GLN A 588 35.04 -21.82 5.14
N SER A 589 35.07 -21.60 6.44
CA SER A 589 36.30 -21.29 7.18
C SER A 589 37.11 -20.24 6.45
N SER A 590 36.46 -19.09 6.25
CA SER A 590 36.98 -18.04 5.39
C SER A 590 36.74 -16.68 6.03
N THR A 591 37.63 -15.73 5.70
CA THR A 591 37.40 -14.35 6.09
C THR A 591 36.32 -13.74 5.21
N ALA A 592 35.60 -12.77 5.79
CA ALA A 592 34.43 -12.21 5.13
C ALA A 592 34.81 -11.48 3.85
N SER A 593 34.34 -12.01 2.71
CA SER A 593 34.37 -11.33 1.39
C SER A 593 35.82 -10.96 1.08
N VAL A 594 36.06 -9.83 0.42
CA VAL A 594 37.41 -9.34 0.16
C VAL A 594 37.85 -8.30 1.19
N MET A 595 37.09 -8.13 2.26
CA MET A 595 37.41 -7.16 3.28
C MET A 595 38.48 -7.72 4.22
N PRO A 596 39.21 -6.85 4.92
CA PRO A 596 40.08 -7.32 5.99
C PRO A 596 39.27 -7.72 7.21
N ILE A 597 39.90 -8.54 8.07
CA ILE A 597 39.21 -9.02 9.26
C ILE A 597 39.09 -7.88 10.27
N MET A 598 38.02 -7.92 11.07
CA MET A 598 37.80 -6.89 12.08
C MET A 598 38.41 -7.25 13.43
N GLU A 599 38.47 -8.54 13.76
CA GLU A 599 39.04 -8.99 15.01
C GLU A 599 39.67 -10.36 14.78
N ARG A 600 40.84 -10.59 15.39
CA ARG A 600 41.48 -11.89 15.26
C ARG A 600 40.68 -12.99 15.96
N ILE A 601 40.08 -12.68 17.10
CA ILE A 601 39.27 -13.62 17.84
C ILE A 601 37.95 -12.96 18.18
N GLU A 602 36.84 -13.64 17.90
CA GLU A 602 35.50 -13.13 18.13
C GLU A 602 34.95 -13.70 19.44
N GLU A 603 34.15 -12.88 20.13
CA GLU A 603 33.55 -13.31 21.38
C GLU A 603 32.03 -13.33 21.30
N LYS A 610 29.99 -18.34 26.43
CA LYS A 610 30.83 -17.55 25.53
C LYS A 610 31.61 -18.45 24.56
N THR A 611 31.57 -18.11 23.28
CA THR A 611 32.21 -18.88 22.23
C THR A 611 33.28 -18.02 21.55
N TYR A 612 34.46 -18.60 21.36
CA TYR A 612 35.58 -17.93 20.72
C TYR A 612 35.86 -18.57 19.37
N TYR A 613 36.12 -17.73 18.37
CA TYR A 613 36.41 -18.21 17.01
C TYR A 613 37.62 -17.47 16.45
N PRO A 614 38.80 -18.08 16.49
CA PRO A 614 39.96 -17.46 15.84
C PRO A 614 39.81 -17.49 14.32
N MET A 615 40.33 -16.45 13.67
CA MET A 615 40.31 -16.33 12.22
C MET A 615 40.87 -17.58 11.56
N PRO A 616 40.43 -17.92 10.36
CA PRO A 616 40.89 -19.17 9.73
C PRO A 616 42.39 -19.13 9.46
N GLY A 617 43.09 -20.14 9.96
CA GLY A 617 44.52 -20.23 9.77
C GLY A 617 45.34 -19.31 10.64
N LEU A 618 44.70 -18.60 11.57
CA LEU A 618 45.42 -17.64 12.42
C LEU A 618 46.28 -18.39 13.42
N ALA A 619 47.59 -18.20 13.32
CA ALA A 619 48.56 -18.81 14.21
C ALA A 619 49.52 -17.75 14.74
N SER A 620 50.36 -18.15 15.68
CA SER A 620 51.31 -17.21 16.26
C SER A 620 52.41 -16.81 15.27
N ASN A 621 52.59 -17.56 14.19
CA ASN A 621 53.60 -17.23 13.20
C ASN A 621 53.07 -16.35 12.08
N ASN A 622 51.76 -16.11 12.03
CA ASN A 622 51.17 -15.16 11.08
C ASN A 622 50.27 -14.16 11.80
N TRP A 623 50.43 -14.02 13.12
CA TRP A 623 49.66 -13.05 13.88
C TRP A 623 49.84 -11.64 13.35
N PHE A 624 51.03 -11.32 12.85
CA PHE A 624 51.27 -9.99 12.28
C PHE A 624 50.43 -9.77 11.03
N PHE A 625 50.27 -10.81 10.20
CA PHE A 625 49.58 -10.68 8.93
C PHE A 625 48.06 -10.60 9.08
N TYR A 626 47.51 -11.09 10.18
CA TYR A 626 46.09 -10.94 10.47
C TYR A 626 45.83 -9.60 11.17
N LYS A 627 46.35 -8.53 10.56
CA LYS A 627 46.13 -7.19 11.07
C LYS A 627 44.64 -6.85 11.04
N GLU A 628 44.14 -6.30 12.14
CA GLU A 628 42.73 -5.96 12.25
C GLU A 628 42.41 -4.70 11.46
N ALA A 629 41.20 -4.68 10.89
CA ALA A 629 40.86 -3.68 9.88
C ALA A 629 40.85 -2.27 10.43
N TYR A 630 40.44 -2.09 11.69
CA TYR A 630 40.39 -0.75 12.26
C TYR A 630 41.78 -0.16 12.50
N ASP A 631 42.82 -0.97 12.39
CA ASP A 631 44.19 -0.48 12.50
C ASP A 631 44.79 -0.14 11.14
N MET A 632 44.09 -0.44 10.05
CA MET A 632 44.64 -0.25 8.73
C MET A 632 44.37 1.16 8.21
N ASP A 633 45.18 1.55 7.23
CA ASP A 633 45.01 2.83 6.55
C ASP A 633 43.91 2.67 5.50
N MET A 634 42.76 3.33 5.73
CA MET A 634 41.63 3.16 4.81
C MET A 634 41.96 3.61 3.41
N PHE A 635 42.91 4.54 3.26
CA PHE A 635 43.34 4.94 1.92
C PHE A 635 44.08 3.80 1.22
N LYS A 636 44.81 2.98 1.97
CA LYS A 636 45.42 1.80 1.35
C LYS A 636 44.39 0.72 1.06
N VAL A 637 43.35 0.60 1.90
CA VAL A 637 42.28 -0.34 1.64
C VAL A 637 41.53 0.05 0.36
N VAL A 638 41.31 1.36 0.17
CA VAL A 638 40.70 1.83 -1.07
C VAL A 638 41.53 1.39 -2.27
N ASP A 639 42.86 1.45 -2.15
CA ASP A 639 43.74 0.99 -3.22
C ASP A 639 43.49 -0.48 -3.53
N MET A 640 43.32 -1.31 -2.50
CA MET A 640 43.03 -2.72 -2.73
C MET A 640 41.70 -2.90 -3.46
N ILE A 641 40.67 -2.18 -3.01
CA ILE A 641 39.34 -2.36 -3.61
C ILE A 641 39.30 -1.79 -5.02
N ALA A 642 40.01 -0.69 -5.26
CA ALA A 642 40.08 -0.16 -6.61
C ALA A 642 40.76 -1.15 -7.55
N THR A 643 41.79 -1.84 -7.05
CA THR A 643 42.53 -2.80 -7.87
C THR A 643 41.67 -4.00 -8.23
N ILE A 644 40.78 -4.43 -7.33
CA ILE A 644 39.89 -5.54 -7.63
C ILE A 644 38.78 -5.09 -8.58
N GLN A 645 38.26 -3.87 -8.36
CA GLN A 645 37.17 -3.35 -9.15
C GLN A 645 37.51 -3.27 -10.64
N GLN A 646 38.79 -3.21 -10.99
CA GLN A 646 39.17 -3.20 -12.40
C GLN A 646 38.60 -4.39 -13.15
N HIS A 647 38.45 -5.52 -12.46
CA HIS A 647 38.07 -6.77 -13.10
C HIS A 647 36.73 -7.29 -12.59
N ILE A 648 35.95 -6.42 -11.96
CA ILE A 648 34.58 -6.73 -11.57
C ILE A 648 33.67 -5.82 -12.38
N ASP A 649 32.78 -6.41 -13.18
CA ASP A 649 31.92 -5.59 -14.04
C ASP A 649 30.79 -4.93 -13.26
N GLN A 650 30.36 -5.54 -12.16
CA GLN A 650 29.40 -4.89 -11.27
C GLN A 650 30.18 -4.19 -10.16
N GLY A 651 29.76 -4.36 -8.90
CA GLY A 651 30.35 -3.66 -7.79
C GLY A 651 30.93 -4.57 -6.72
N ILE A 652 31.47 -3.94 -5.69
CA ILE A 652 32.10 -4.62 -4.56
C ILE A 652 31.60 -3.95 -3.29
N SER A 653 30.96 -4.73 -2.42
CA SER A 653 30.49 -4.19 -1.14
C SER A 653 31.70 -3.80 -0.29
N PHE A 654 31.80 -2.51 0.01
CA PHE A 654 32.99 -1.93 0.63
C PHE A 654 32.56 -1.19 1.89
N THR A 655 32.99 -1.71 3.04
CA THR A 655 32.74 -1.09 4.34
C THR A 655 34.03 -0.43 4.83
N LEU A 656 33.97 0.88 5.07
CA LEU A 656 35.08 1.57 5.70
C LEU A 656 35.11 1.26 7.19
N PHE A 657 36.28 0.88 7.68
CA PHE A 657 36.48 0.58 9.09
C PHE A 657 37.17 1.78 9.73
N LEU A 658 36.42 2.55 10.50
CA LEU A 658 36.87 3.84 10.99
C LEU A 658 37.06 3.82 12.50
N LYS A 659 38.07 4.54 12.97
CA LYS A 659 38.31 4.73 14.39
C LYS A 659 37.49 5.91 14.89
N ASP A 660 37.24 5.93 16.19
CA ASP A 660 36.40 6.98 16.77
C ASP A 660 37.04 8.35 16.59
N THR A 661 38.36 8.42 16.49
CA THR A 661 39.09 9.68 16.41
C THR A 661 39.25 10.13 14.96
N MET A 662 38.11 10.30 14.28
CA MET A 662 38.10 10.76 12.90
C MET A 662 37.00 11.80 12.75
N THR A 663 37.40 13.02 12.39
CA THR A 663 36.44 14.11 12.23
C THR A 663 35.62 13.93 10.95
N THR A 664 34.55 14.72 10.84
CA THR A 664 33.72 14.66 9.64
C THR A 664 34.48 15.15 8.41
N ARG A 665 35.51 15.99 8.60
CA ARG A 665 36.39 16.38 7.52
C ARG A 665 37.36 15.26 7.16
N ASP A 666 37.72 14.40 8.11
CA ASP A 666 38.55 13.25 7.78
C ASP A 666 37.79 12.24 6.95
N LEU A 667 36.48 12.12 7.18
CA LEU A 667 35.67 11.15 6.45
C LEU A 667 35.45 11.59 5.01
N ASN A 668 35.27 12.89 4.79
CA ASN A 668 35.10 13.40 3.42
C ASN A 668 36.36 13.18 2.59
N ARG A 669 37.53 13.27 3.22
CA ARG A 669 38.78 13.04 2.47
C ARG A 669 38.85 11.61 1.96
N ILE A 670 38.32 10.65 2.71
CA ILE A 670 38.31 9.26 2.25
C ILE A 670 37.32 9.10 1.10
N ASP A 671 36.17 9.75 1.19
CA ASP A 671 35.18 9.66 0.11
C ASP A 671 35.73 10.20 -1.19
N LEU A 672 36.27 11.42 -1.17
CA LEU A 672 36.81 12.02 -2.39
C LEU A 672 37.95 11.17 -2.95
N TYR A 673 38.79 10.62 -2.08
CA TYR A 673 39.88 9.76 -2.56
C TYR A 673 39.33 8.53 -3.26
N ALA A 674 38.37 7.85 -2.62
CA ALA A 674 37.76 6.68 -3.23
C ALA A 674 37.10 7.04 -4.55
N HIS A 675 36.44 8.20 -4.60
CA HIS A 675 35.87 8.66 -5.86
C HIS A 675 36.96 8.86 -6.92
N HIS A 676 38.06 9.48 -6.53
CA HIS A 676 39.16 9.70 -7.47
C HIS A 676 39.72 8.38 -7.97
N ARG A 677 39.86 7.40 -7.07
CA ARG A 677 40.42 6.09 -7.39
C ARG A 677 39.46 5.22 -8.19
N GLY A 678 38.24 5.69 -8.46
CA GLY A 678 37.29 4.95 -9.26
C GLY A 678 36.39 4.00 -8.50
N ILE A 679 36.35 4.09 -7.17
CA ILE A 679 35.44 3.27 -6.38
C ILE A 679 34.00 3.50 -6.84
N LYS A 680 33.24 2.41 -6.95
CA LYS A 680 31.85 2.50 -7.40
C LYS A 680 30.88 2.77 -6.26
N THR A 681 31.03 2.05 -5.14
CA THR A 681 30.13 2.15 -4.00
C THR A 681 30.94 2.10 -2.73
N ILE A 682 30.41 2.72 -1.68
CA ILE A 682 31.13 2.84 -0.42
C ILE A 682 30.12 3.09 0.69
N TYR A 683 30.41 2.57 1.89
CA TYR A 683 29.69 2.95 3.09
C TYR A 683 30.52 2.51 4.30
N TYR A 684 30.04 2.87 5.49
CA TYR A 684 30.79 2.65 6.72
C TYR A 684 30.35 1.35 7.39
N ALA A 685 30.94 1.09 8.55
CA ALA A 685 30.63 -0.11 9.33
C ALA A 685 30.53 0.22 10.81
N SER A 694 19.94 -6.41 8.71
CA SER A 694 20.74 -5.52 7.86
C SER A 694 20.66 -5.94 6.39
N CYS A 695 21.81 -6.30 5.83
CA CYS A 695 21.93 -6.77 4.46
C CYS A 695 21.67 -8.27 4.33
N LEU A 696 21.00 -8.88 5.30
CA LEU A 696 20.98 -10.35 5.42
C LEU A 696 20.47 -11.00 4.14
N SER A 697 19.42 -10.44 3.53
CA SER A 697 18.84 -11.05 2.35
C SER A 697 19.72 -10.91 1.12
N CYS A 698 20.70 -10.01 1.14
CA CYS A 698 21.52 -9.72 -0.03
C CYS A 698 22.98 -10.10 0.18
N VAL A 699 23.29 -10.96 1.14
CA VAL A 699 24.63 -11.46 1.34
C VAL A 699 24.70 -12.90 0.83
N VAL A 700 25.92 -13.41 0.71
CA VAL A 700 26.10 -14.79 0.23
C VAL A 700 25.94 -15.77 1.39
N PRO B 7 -17.30 44.93 9.82
CA PRO B 7 -18.26 44.69 8.74
C PRO B 7 -19.69 45.05 9.13
N LYS B 8 -20.52 45.38 8.14
CA LYS B 8 -21.88 45.85 8.38
C LYS B 8 -22.89 44.72 8.51
N TRP B 9 -22.89 43.79 7.55
CA TRP B 9 -23.85 42.68 7.61
C TRP B 9 -23.66 41.81 8.84
N ILE B 10 -22.44 41.74 9.38
CA ILE B 10 -22.25 41.05 10.65
C ILE B 10 -22.94 41.81 11.79
N GLN B 11 -22.87 43.14 11.76
CA GLN B 11 -23.48 43.95 12.81
C GLN B 11 -25.00 43.78 12.86
N LEU B 12 -25.64 43.57 11.71
CA LEU B 12 -27.07 43.35 11.69
C LEU B 12 -27.44 41.95 12.17
N ASN B 13 -26.64 40.95 11.82
CA ASN B 13 -26.92 39.58 12.26
C ASN B 13 -26.81 39.47 13.78
N ASN B 14 -25.79 40.08 14.37
CA ASN B 14 -25.59 40.04 15.81
C ASN B 14 -26.68 40.80 16.57
N GLU B 15 -27.50 41.60 15.89
CA GLU B 15 -28.60 42.28 16.55
C GLU B 15 -29.72 41.32 16.93
N ILE B 16 -29.64 40.05 16.53
CA ILE B 16 -30.60 39.06 17.00
C ILE B 16 -30.50 38.90 18.51
N MET B 17 -29.27 38.92 19.04
CA MET B 17 -29.06 38.70 20.47
C MET B 17 -29.35 39.94 21.31
N ILE B 18 -29.42 41.12 20.69
CA ILE B 18 -29.85 42.33 21.37
C ILE B 18 -31.36 42.27 21.59
N GLN B 19 -31.75 41.85 22.80
CA GLN B 19 -33.17 41.63 23.09
C GLN B 19 -33.96 42.92 22.97
N LYS B 20 -35.12 42.83 22.33
CA LYS B 20 -36.05 43.95 22.21
C LYS B 20 -37.43 43.47 22.62
N ASP B 21 -38.06 44.20 23.54
CA ASP B 21 -39.38 43.86 24.08
C ASP B 21 -39.39 42.47 24.73
N GLY B 22 -38.23 41.98 25.18
CA GLY B 22 -38.12 40.70 25.84
C GLY B 22 -37.82 39.51 24.94
N LYS B 23 -37.67 39.71 23.63
CA LYS B 23 -37.46 38.62 22.69
C LYS B 23 -36.27 38.93 21.80
N PHE B 24 -35.84 37.92 21.03
CA PHE B 24 -34.75 38.10 20.09
C PHE B 24 -35.24 38.77 18.81
N GLN B 25 -34.32 39.43 18.12
CA GLN B 25 -34.63 40.13 16.88
C GLN B 25 -34.37 39.20 15.69
N PHE B 26 -35.26 38.21 15.56
CA PHE B 26 -35.11 37.24 14.46
C PHE B 26 -35.30 37.93 13.12
N ASP B 27 -36.20 38.92 13.06
CA ASP B 27 -36.47 39.64 11.83
C ASP B 27 -35.32 40.55 11.41
N LYS B 28 -34.26 40.62 12.21
CA LYS B 28 -33.08 41.39 11.84
C LYS B 28 -32.17 40.63 10.88
N ASP B 29 -32.39 39.33 10.71
CA ASP B 29 -31.58 38.55 9.78
C ASP B 29 -31.92 38.87 8.32
N LYS B 30 -33.17 39.27 8.05
CA LYS B 30 -33.54 39.64 6.68
C LYS B 30 -32.74 40.85 6.21
N GLU B 31 -32.44 41.77 7.11
CA GLU B 31 -31.62 42.93 6.75
C GLU B 31 -30.14 42.58 6.70
N ALA B 32 -29.72 41.59 7.49
CA ALA B 32 -28.32 41.18 7.46
C ALA B 32 -27.99 40.47 6.15
N VAL B 33 -28.90 39.63 5.66
CA VAL B 33 -28.69 38.99 4.37
C VAL B 33 -28.86 40.02 3.26
N HIS B 34 -29.71 41.03 3.47
CA HIS B 34 -29.83 42.12 2.50
C HIS B 34 -28.56 42.95 2.45
N SER B 35 -27.99 43.25 3.62
CA SER B 35 -26.71 43.94 3.70
C SER B 35 -25.54 43.06 3.26
N TYR B 36 -25.79 41.79 2.95
CA TYR B 36 -24.77 40.89 2.43
C TYR B 36 -24.79 40.81 0.91
N PHE B 37 -25.97 40.83 0.29
CA PHE B 37 -26.05 40.85 -1.16
C PHE B 37 -25.65 42.22 -1.71
N VAL B 38 -26.15 43.28 -1.09
CA VAL B 38 -25.60 44.60 -1.30
C VAL B 38 -24.36 44.73 -0.41
N ASP B 39 -23.44 45.61 -0.81
CA ASP B 39 -22.18 45.88 -0.11
C ASP B 39 -21.18 44.74 -0.21
N TYR B 40 -21.49 43.63 -0.86
CA TYR B 40 -20.46 42.63 -1.09
C TYR B 40 -20.66 41.78 -2.34
N ILE B 41 -21.50 40.73 -2.26
CA ILE B 41 -21.42 39.70 -3.30
C ILE B 41 -21.95 40.20 -4.63
N ASN B 42 -22.86 41.17 -4.64
CA ASN B 42 -23.26 41.76 -5.91
C ASN B 42 -22.10 42.58 -6.51
N GLN B 43 -21.28 43.18 -5.65
CA GLN B 43 -20.10 43.93 -6.06
C GLN B 43 -18.95 43.04 -6.51
N ASN B 44 -19.00 41.73 -6.23
CA ASN B 44 -17.89 40.83 -6.54
C ASN B 44 -18.28 39.71 -7.50
N THR B 45 -19.34 39.92 -8.27
CA THR B 45 -19.68 39.01 -9.35
C THR B 45 -19.21 39.65 -10.65
N VAL B 46 -18.26 39.00 -11.32
CA VAL B 46 -17.77 39.55 -12.58
C VAL B 46 -18.93 39.46 -13.55
N PHE B 47 -19.61 40.58 -13.75
CA PHE B 47 -20.84 40.59 -14.54
C PHE B 47 -20.54 40.45 -16.01
N PHE B 48 -21.46 39.81 -16.72
CA PHE B 48 -21.39 39.65 -18.16
C PHE B 48 -22.53 40.42 -18.81
N HIS B 49 -22.29 40.84 -20.05
CA HIS B 49 -23.30 41.60 -20.77
C HIS B 49 -24.45 40.70 -21.18
N ASN B 50 -24.16 39.52 -21.73
CA ASN B 50 -25.20 38.55 -22.05
C ASN B 50 -24.80 37.17 -21.52
N LEU B 51 -25.80 36.29 -21.43
CA LEU B 51 -25.53 34.90 -21.09
C LEU B 51 -24.59 34.25 -22.11
N LYS B 52 -24.77 34.57 -23.40
CA LYS B 52 -23.86 34.06 -24.41
C LYS B 52 -22.44 34.52 -24.12
N GLU B 53 -22.28 35.79 -23.76
CA GLU B 53 -20.99 36.26 -23.27
C GLU B 53 -20.60 35.54 -21.99
N LYS B 54 -21.58 35.27 -21.12
CA LYS B 54 -21.30 34.54 -19.88
C LYS B 54 -20.89 33.10 -20.16
N LEU B 55 -21.73 32.35 -20.89
CA LEU B 55 -21.43 30.94 -21.16
C LEU B 55 -20.17 30.75 -22.02
N ASP B 56 -19.92 31.67 -22.95
CA ASP B 56 -18.75 31.51 -23.82
C ASP B 56 -17.46 31.72 -23.04
N TYR B 57 -17.43 32.72 -22.15
CA TYR B 57 -16.26 32.93 -21.30
C TYR B 57 -16.04 31.72 -20.39
N LEU B 58 -17.10 31.20 -19.80
CA LEU B 58 -16.96 30.04 -18.90
C LEU B 58 -16.54 28.81 -19.67
N VAL B 59 -16.92 28.71 -20.94
CA VAL B 59 -16.55 27.56 -21.76
C VAL B 59 -15.18 27.76 -22.41
N GLU B 60 -14.90 28.96 -22.93
CA GLU B 60 -13.62 29.21 -23.59
C GLU B 60 -12.48 29.22 -22.57
N ASN B 61 -12.72 29.73 -21.37
CA ASN B 61 -11.70 29.76 -20.33
C ASN B 61 -11.74 28.52 -19.44
N GLN B 62 -12.50 27.50 -19.83
CA GLN B 62 -12.36 26.14 -19.31
C GLN B 62 -12.75 26.00 -17.83
N TYR B 63 -13.93 26.51 -17.48
CA TYR B 63 -14.54 26.12 -16.21
C TYR B 63 -15.61 25.04 -16.39
N TYR B 64 -16.55 25.26 -17.29
CA TYR B 64 -17.61 24.29 -17.56
C TYR B 64 -17.18 23.34 -18.67
N GLU B 65 -17.67 22.11 -18.58
CA GLU B 65 -17.49 21.17 -19.68
C GLU B 65 -18.34 21.60 -20.88
N GLU B 66 -17.81 21.35 -22.07
CA GLU B 66 -18.52 21.71 -23.29
C GLU B 66 -19.44 20.61 -23.80
N GLU B 67 -19.12 19.34 -23.49
CA GLU B 67 -19.79 18.22 -24.14
C GLU B 67 -21.26 18.10 -23.80
N PHE B 68 -21.73 18.74 -22.71
CA PHE B 68 -23.14 18.64 -22.35
C PHE B 68 -23.95 19.87 -22.73
N LEU B 69 -23.34 21.06 -22.83
CA LEU B 69 -24.02 22.18 -23.45
C LEU B 69 -24.25 21.93 -24.94
N SER B 70 -23.46 21.06 -25.56
CA SER B 70 -23.60 20.78 -26.98
C SER B 70 -24.87 20.02 -27.33
N LEU B 71 -25.53 19.43 -26.33
CA LEU B 71 -26.78 18.72 -26.60
C LEU B 71 -27.98 19.65 -26.68
N TYR B 72 -27.86 20.88 -26.22
CA TYR B 72 -28.95 21.85 -26.21
C TYR B 72 -28.69 22.96 -27.22
N SER B 73 -29.75 23.42 -27.87
CA SER B 73 -29.68 24.65 -28.65
C SER B 73 -29.66 25.83 -27.69
N PHE B 74 -28.91 26.88 -28.06
CA PHE B 74 -28.71 27.99 -27.15
C PHE B 74 -30.03 28.68 -26.79
N GLU B 75 -31.03 28.64 -27.67
CA GLU B 75 -32.31 29.22 -27.34
C GLU B 75 -32.96 28.50 -26.16
N ASP B 76 -32.71 27.20 -26.02
CA ASP B 76 -33.24 26.47 -24.88
C ASP B 76 -32.48 26.79 -23.60
N ILE B 77 -31.15 26.91 -23.69
CA ILE B 77 -30.33 27.17 -22.50
C ILE B 77 -30.71 28.51 -21.87
N LYS B 78 -31.00 29.51 -22.70
CA LYS B 78 -31.40 30.81 -22.17
C LYS B 78 -32.72 30.72 -21.42
N GLU B 79 -33.65 29.89 -21.92
CA GLU B 79 -34.94 29.73 -21.24
C GLU B 79 -34.77 29.00 -19.91
N VAL B 80 -33.90 27.98 -19.87
CA VAL B 80 -33.66 27.26 -18.62
C VAL B 80 -33.07 28.20 -17.58
N PHE B 81 -32.07 29.00 -17.98
CA PHE B 81 -31.56 30.03 -17.09
C PHE B 81 -32.65 31.04 -16.75
N LYS B 82 -33.47 31.41 -17.74
CA LYS B 82 -34.58 32.30 -17.47
C LYS B 82 -35.59 31.67 -16.53
N THR B 83 -35.75 30.34 -16.60
CA THR B 83 -36.67 29.65 -15.71
C THR B 83 -36.19 29.67 -14.27
N ALA B 84 -34.87 29.76 -14.07
CA ALA B 84 -34.32 29.80 -12.72
C ALA B 84 -34.51 31.18 -12.09
N TYR B 85 -34.14 32.24 -12.81
CA TYR B 85 -34.36 33.58 -12.30
C TYR B 85 -35.83 33.96 -12.30
N ALA B 86 -36.67 33.21 -13.03
CA ALA B 86 -38.10 33.51 -13.10
C ALA B 86 -38.74 33.58 -11.73
N LYS B 87 -38.27 32.71 -10.83
CA LYS B 87 -38.73 32.79 -9.43
C LYS B 87 -37.83 33.82 -8.76
N LYS B 88 -38.40 34.82 -8.08
CA LYS B 88 -37.55 35.85 -7.43
C LYS B 88 -37.08 35.22 -6.12
N PHE B 89 -36.02 34.42 -6.19
CA PHE B 89 -35.59 33.67 -5.02
C PHE B 89 -34.80 34.57 -4.09
N ARG B 90 -35.14 34.52 -2.80
CA ARG B 90 -34.46 35.31 -1.79
C ARG B 90 -34.04 34.41 -0.63
N PHE B 91 -32.79 34.47 -0.25
CA PHE B 91 -32.32 33.73 0.91
C PHE B 91 -32.94 34.31 2.18
N PRO B 92 -33.59 33.48 3.01
CA PRO B 92 -34.23 34.02 4.22
C PRO B 92 -33.25 34.29 5.36
N SER B 93 -32.07 33.69 5.35
CA SER B 93 -31.12 33.86 6.43
C SER B 93 -29.78 34.32 5.86
N PHE B 94 -28.95 34.88 6.74
CA PHE B 94 -27.61 35.28 6.32
C PHE B 94 -26.72 34.07 6.08
N MET B 95 -26.75 33.09 7.00
CA MET B 95 -25.92 31.91 6.87
C MET B 95 -26.30 31.09 5.64
N SER B 96 -27.59 31.13 5.26
CA SER B 96 -28.05 30.36 4.11
C SER B 96 -27.36 30.82 2.83
N ALA B 97 -27.16 32.13 2.68
CA ALA B 97 -26.43 32.64 1.52
C ALA B 97 -24.93 32.58 1.73
N PHE B 98 -24.47 32.73 2.97
CA PHE B 98 -23.04 32.69 3.25
C PHE B 98 -22.44 31.34 2.87
N LYS B 99 -23.13 30.26 3.22
CA LYS B 99 -22.60 28.93 2.96
C LYS B 99 -22.56 28.60 1.47
N PHE B 100 -23.52 29.10 0.70
CA PHE B 100 -23.53 28.80 -0.73
C PHE B 100 -22.42 29.56 -1.46
N TYR B 101 -22.32 30.86 -1.23
CA TYR B 101 -21.36 31.68 -1.96
C TYR B 101 -19.94 31.51 -1.43
N ASN B 102 -19.74 30.62 -0.47
CA ASN B 102 -18.42 30.32 0.06
C ASN B 102 -18.03 28.87 -0.10
N ASP B 103 -18.99 27.95 -0.16
CA ASP B 103 -18.72 26.53 -0.31
C ASP B 103 -19.23 25.93 -1.62
N TYR B 104 -20.00 26.66 -2.41
CA TYR B 104 -20.64 26.04 -3.56
C TYR B 104 -20.52 26.87 -4.83
N ALA B 105 -20.74 28.18 -4.75
CA ALA B 105 -20.67 29.02 -5.93
C ALA B 105 -19.28 28.96 -6.55
N LEU B 106 -19.25 28.97 -7.88
CA LEU B 106 -17.99 28.86 -8.62
C LEU B 106 -17.28 30.19 -8.61
N LYS B 107 -16.19 30.29 -7.85
CA LYS B 107 -15.34 31.46 -7.91
C LYS B 107 -14.37 31.33 -9.09
N THR B 108 -13.71 32.45 -9.42
CA THR B 108 -12.73 32.45 -10.50
C THR B 108 -11.52 31.62 -10.10
N ASN B 109 -10.59 31.45 -11.05
CA ASN B 109 -9.37 30.72 -10.75
C ASN B 109 -8.52 31.44 -9.72
N ASP B 110 -8.52 32.77 -9.72
CA ASP B 110 -7.78 33.52 -8.72
C ASP B 110 -8.56 33.68 -7.42
N LYS B 111 -9.76 33.11 -7.34
CA LYS B 111 -10.57 33.04 -6.12
C LYS B 111 -10.96 34.41 -5.57
N LYS B 112 -10.93 35.44 -6.41
CA LYS B 112 -11.24 36.81 -5.98
C LYS B 112 -12.56 37.34 -6.53
N LYS B 113 -13.28 36.57 -7.35
CA LYS B 113 -14.52 37.02 -7.94
C LYS B 113 -15.49 35.86 -8.06
N ILE B 114 -16.77 36.16 -7.98
CA ILE B 114 -17.84 35.16 -7.94
C ILE B 114 -18.40 35.05 -9.36
N LEU B 115 -18.06 33.97 -10.06
CA LEU B 115 -18.57 33.74 -11.40
C LEU B 115 -19.97 33.15 -11.43
N GLU B 116 -20.43 32.55 -10.33
CA GLU B 116 -21.68 31.82 -10.32
C GLU B 116 -22.49 32.20 -9.10
N ARG B 117 -23.78 32.40 -9.30
CA ARG B 117 -24.71 32.63 -8.20
C ARG B 117 -25.66 31.44 -8.12
N TYR B 118 -26.49 31.43 -7.07
CA TYR B 118 -27.63 30.54 -7.08
C TYR B 118 -28.46 30.86 -8.33
N GLU B 119 -29.17 29.84 -8.83
CA GLU B 119 -29.83 29.85 -10.14
C GLU B 119 -28.82 29.52 -11.25
N ASP B 120 -27.57 29.94 -11.11
CA ASP B 120 -26.55 29.48 -12.06
C ASP B 120 -26.17 28.04 -11.79
N ARG B 121 -25.82 27.73 -10.55
CA ARG B 121 -25.53 26.35 -10.17
C ARG B 121 -26.71 25.46 -10.46
N ILE B 122 -27.92 25.93 -10.15
CA ILE B 122 -29.13 25.13 -10.35
C ILE B 122 -29.38 24.87 -11.83
N SER B 123 -29.17 25.89 -12.68
CA SER B 123 -29.44 25.70 -14.10
C SER B 123 -28.43 24.77 -14.74
N ILE B 124 -27.14 24.94 -14.41
CA ILE B 124 -26.12 24.05 -14.93
C ILE B 124 -26.36 22.62 -14.49
N VAL B 125 -26.65 22.44 -13.19
CA VAL B 125 -26.98 21.11 -12.67
C VAL B 125 -28.22 20.54 -13.37
N ALA B 126 -29.25 21.36 -13.50
CA ALA B 126 -30.47 20.91 -14.19
C ALA B 126 -30.16 20.51 -15.63
N LEU B 127 -29.37 21.33 -16.33
CA LEU B 127 -28.98 20.98 -17.70
C LEU B 127 -28.23 19.65 -17.74
N PHE B 128 -27.32 19.44 -16.77
CA PHE B 128 -26.59 18.19 -16.73
C PHE B 128 -27.51 17.01 -16.47
N PHE B 129 -28.48 17.18 -15.57
CA PHE B 129 -29.38 16.08 -15.23
C PHE B 129 -30.22 15.66 -16.44
N ALA B 130 -30.74 16.64 -17.20
CA ALA B 130 -31.71 16.34 -18.24
C ALA B 130 -31.09 15.67 -19.46
N ASN B 131 -29.78 15.82 -19.67
CA ASN B 131 -29.05 15.10 -20.71
C ASN B 131 -29.57 15.41 -22.12
N GLY B 132 -30.01 16.65 -22.34
CA GLY B 132 -30.50 17.07 -23.64
C GLY B 132 -31.98 17.38 -23.67
N ASP B 133 -32.75 16.82 -22.75
CA ASP B 133 -34.19 17.04 -22.70
C ASP B 133 -34.45 18.44 -22.14
N THR B 134 -34.77 19.37 -23.03
CA THR B 134 -35.01 20.75 -22.60
C THR B 134 -36.16 20.83 -21.62
N GLU B 135 -37.23 20.05 -21.85
CA GLU B 135 -38.40 20.13 -20.98
C GLU B 135 -38.10 19.63 -19.58
N LYS B 136 -37.35 18.54 -19.45
CA LYS B 136 -36.99 18.04 -18.13
C LYS B 136 -36.03 18.97 -17.43
N ALA B 137 -35.18 19.68 -18.18
CA ALA B 137 -34.25 20.62 -17.56
C ALA B 137 -35.00 21.74 -16.84
N LYS B 138 -36.17 22.13 -17.33
CA LYS B 138 -36.96 23.13 -16.62
C LYS B 138 -37.63 22.52 -15.38
N GLU B 139 -38.09 21.27 -15.48
CA GLU B 139 -38.61 20.58 -14.30
C GLU B 139 -37.54 20.50 -13.21
N TYR B 140 -36.30 20.18 -13.60
CA TYR B 140 -35.21 20.11 -12.63
C TYR B 140 -34.93 21.48 -12.02
N VAL B 141 -35.06 22.55 -12.82
CA VAL B 141 -34.85 23.89 -12.28
C VAL B 141 -35.91 24.21 -11.23
N ASN B 142 -37.18 24.04 -11.57
CA ASN B 142 -38.26 24.32 -10.63
C ASN B 142 -38.15 23.46 -9.38
N LEU B 143 -37.74 22.20 -9.55
CA LEU B 143 -37.62 21.31 -8.40
C LEU B 143 -36.59 21.83 -7.40
N MET B 144 -35.46 22.34 -7.91
CA MET B 144 -34.40 22.82 -7.04
C MET B 144 -34.58 24.27 -6.62
N ILE B 145 -35.23 25.10 -7.45
CA ILE B 145 -35.41 26.50 -7.08
C ILE B 145 -36.58 26.66 -6.11
N ASN B 146 -37.60 25.81 -6.21
CA ASN B 146 -38.58 25.72 -5.13
C ASN B 146 -37.99 25.09 -3.88
N GLN B 147 -36.76 24.57 -3.98
CA GLN B 147 -36.07 23.89 -2.89
C GLN B 147 -36.89 22.69 -2.39
N GLU B 148 -37.39 21.91 -3.35
CA GLU B 148 -38.08 20.66 -3.07
C GLU B 148 -37.11 19.49 -2.96
N TYR B 149 -36.08 19.47 -3.81
CA TYR B 149 -35.07 18.43 -3.80
C TYR B 149 -33.68 19.07 -3.84
N GLN B 150 -32.74 18.43 -3.16
CA GLN B 150 -31.38 18.95 -3.09
C GLN B 150 -30.37 17.82 -3.31
N PRO B 151 -29.69 17.79 -4.46
CA PRO B 151 -28.65 16.77 -4.68
C PRO B 151 -27.53 16.89 -3.67
N SER B 152 -26.79 15.78 -3.52
CA SER B 152 -25.69 15.73 -2.57
C SER B 152 -24.60 16.74 -2.95
N THR B 153 -23.75 17.04 -1.97
CA THR B 153 -22.69 18.02 -2.20
C THR B 153 -21.82 17.71 -3.41
N PRO B 154 -21.25 16.51 -3.57
CA PRO B 154 -20.43 16.26 -4.77
C PRO B 154 -21.19 16.42 -6.07
N THR B 155 -22.48 16.07 -6.10
CA THR B 155 -23.26 16.23 -7.31
C THR B 155 -23.65 17.68 -7.54
N PHE B 156 -24.04 18.39 -6.49
CA PHE B 156 -24.46 19.78 -6.63
C PHE B 156 -23.27 20.68 -6.97
N LEU B 157 -22.10 20.37 -6.41
CA LEU B 157 -20.94 21.24 -6.56
C LEU B 157 -20.25 21.04 -7.90
N ASN B 158 -20.00 19.80 -8.29
CA ASN B 158 -19.11 19.47 -9.38
C ASN B 158 -19.81 19.20 -10.71
N ALA B 159 -21.13 19.34 -10.77
CA ALA B 159 -21.84 18.99 -11.98
C ALA B 159 -21.51 19.96 -13.11
N GLY B 160 -21.17 19.41 -14.27
CA GLY B 160 -20.95 20.22 -15.46
C GLY B 160 -19.65 20.99 -15.50
N ARG B 161 -18.77 20.81 -14.54
CA ARG B 161 -17.51 21.54 -14.51
C ARG B 161 -16.39 20.75 -15.18
N LYS B 162 -15.41 21.50 -15.68
CA LYS B 162 -14.10 20.95 -16.04
C LYS B 162 -13.26 20.84 -14.78
N ARG B 163 -12.21 20.02 -14.85
CA ARG B 163 -11.45 19.62 -13.67
C ARG B 163 -12.41 19.03 -12.64
N ARG B 164 -13.14 18.02 -13.10
CA ARG B 164 -14.31 17.50 -12.41
C ARG B 164 -13.93 16.60 -11.24
N GLY B 165 -14.53 16.87 -10.08
CA GLY B 165 -14.59 15.86 -9.05
C GLY B 165 -15.73 14.91 -9.32
N GLU B 166 -15.58 13.67 -8.88
CA GLU B 166 -16.60 12.67 -9.15
C GLU B 166 -17.90 13.04 -8.45
N LEU B 167 -19.02 12.77 -9.12
CA LEU B 167 -20.32 13.06 -8.53
C LEU B 167 -20.65 12.13 -7.37
N VAL B 168 -19.94 11.01 -7.25
CA VAL B 168 -20.05 10.12 -6.11
C VAL B 168 -18.87 10.38 -5.19
N SER B 169 -19.13 10.47 -3.89
CA SER B 169 -18.06 10.72 -2.93
C SER B 169 -18.15 9.76 -1.75
N CYS B 170 -18.73 8.59 -1.94
CA CYS B 170 -18.89 7.64 -0.84
C CYS B 170 -18.86 6.22 -1.39
N PHE B 171 -17.97 5.38 -0.85
CA PHE B 171 -17.75 4.05 -1.38
C PHE B 171 -17.60 3.04 -0.25
N LEU B 172 -17.98 1.79 -0.55
CA LEU B 172 -17.86 0.68 0.38
C LEU B 172 -17.12 -0.45 -0.33
N LEU B 173 -16.04 -0.93 0.27
CA LEU B 173 -15.21 -1.96 -0.35
C LEU B 173 -15.25 -3.25 0.46
N GLU B 174 -15.13 -4.37 -0.25
CA GLU B 174 -14.91 -5.67 0.35
C GLU B 174 -13.46 -6.04 0.22
N VAL B 175 -12.88 -6.59 1.28
CA VAL B 175 -11.47 -6.97 1.29
C VAL B 175 -11.39 -8.47 1.52
N ASN B 176 -10.74 -9.18 0.61
CA ASN B 176 -10.54 -10.62 0.73
C ASN B 176 -9.27 -10.90 1.54
N ASP B 177 -9.09 -12.17 1.90
CA ASP B 177 -8.10 -12.56 2.91
C ASP B 177 -6.81 -13.03 2.25
N SER B 178 -6.12 -12.09 1.61
CA SER B 178 -4.84 -12.37 1.01
C SER B 178 -4.03 -11.08 0.93
N LEU B 179 -2.71 -11.25 0.81
CA LEU B 179 -1.84 -10.09 0.60
C LEU B 179 -2.19 -9.40 -0.72
N ASN B 180 -2.49 -10.19 -1.75
CA ASN B 180 -2.87 -9.62 -3.04
C ASN B 180 -4.07 -8.71 -2.89
N ASP B 181 -5.08 -9.12 -2.13
CA ASP B 181 -6.29 -8.32 -1.96
C ASP B 181 -6.04 -7.10 -1.08
N ILE B 182 -5.13 -7.23 -0.10
CA ILE B 182 -4.84 -6.10 0.77
C ILE B 182 -4.13 -5.00 -0.02
N SER B 183 -3.17 -5.37 -0.86
CA SER B 183 -2.48 -4.38 -1.68
C SER B 183 -3.46 -3.68 -2.62
N ARG B 184 -4.36 -4.44 -3.24
CA ARG B 184 -5.36 -3.82 -4.11
C ARG B 184 -6.29 -2.91 -3.33
N ALA B 185 -6.72 -3.33 -2.13
CA ALA B 185 -7.59 -2.50 -1.32
C ALA B 185 -6.89 -1.22 -0.89
N ILE B 186 -5.60 -1.31 -0.58
CA ILE B 186 -4.80 -0.11 -0.31
C ILE B 186 -4.81 0.83 -1.50
N ASP B 187 -4.64 0.28 -2.71
CA ASP B 187 -4.63 1.12 -3.90
C ASP B 187 -6.00 1.73 -4.17
N ILE B 188 -7.04 0.89 -4.17
CA ILE B 188 -8.38 1.40 -4.48
C ILE B 188 -8.74 2.53 -3.53
N SER B 189 -8.37 2.39 -2.25
CA SER B 189 -8.63 3.44 -1.28
C SER B 189 -7.97 4.75 -1.70
N MET B 190 -6.69 4.71 -2.10
CA MET B 190 -6.03 5.93 -2.54
C MET B 190 -6.61 6.41 -3.86
N GLN B 191 -6.93 5.49 -4.77
CA GLN B 191 -7.49 5.89 -6.05
C GLN B 191 -8.84 6.59 -5.87
N LEU B 192 -9.65 6.11 -4.93
CA LEU B 192 -10.94 6.74 -4.67
C LEU B 192 -10.80 7.96 -3.75
N SER B 193 -9.84 7.93 -2.82
CA SER B 193 -9.68 9.04 -1.89
C SER B 193 -9.27 10.32 -2.62
N LYS B 194 -8.36 10.20 -3.60
CA LYS B 194 -7.94 11.38 -4.36
C LYS B 194 -9.10 11.99 -5.15
N LEU B 195 -10.10 11.18 -5.50
CA LEU B 195 -11.30 11.66 -6.17
C LEU B 195 -12.26 12.40 -5.23
N GLY B 196 -11.87 12.61 -3.98
CA GLY B 196 -12.71 13.32 -3.03
C GLY B 196 -13.74 12.47 -2.35
N GLY B 197 -13.67 11.15 -2.48
CA GLY B 197 -14.68 10.27 -1.93
C GLY B 197 -14.22 9.63 -0.63
N GLY B 198 -15.21 9.22 0.17
CA GLY B 198 -14.97 8.49 1.39
C GLY B 198 -15.09 6.99 1.14
N VAL B 199 -14.17 6.23 1.72
CA VAL B 199 -14.10 4.79 1.51
C VAL B 199 -14.30 4.09 2.85
N SER B 200 -15.21 3.14 2.89
CA SER B 200 -15.45 2.31 4.05
C SER B 200 -15.18 0.87 3.66
N LEU B 201 -14.24 0.23 4.37
CA LEU B 201 -13.80 -1.11 4.05
C LEU B 201 -14.24 -2.10 5.11
N ASN B 202 -14.78 -3.24 4.66
CA ASN B 202 -15.09 -4.35 5.55
C ASN B 202 -13.85 -5.20 5.78
N LEU B 203 -13.41 -5.30 7.04
CA LEU B 203 -12.21 -6.04 7.38
C LEU B 203 -12.50 -7.39 8.02
N SER B 204 -13.77 -7.82 8.05
CA SER B 204 -14.16 -9.00 8.80
C SER B 204 -13.73 -10.32 8.16
N LYS B 205 -13.31 -10.31 6.90
CA LYS B 205 -12.85 -11.54 6.26
C LYS B 205 -11.36 -11.79 6.44
N LEU B 206 -10.62 -10.81 6.97
CA LEU B 206 -9.20 -11.00 7.24
C LEU B 206 -9.01 -11.84 8.50
N ARG B 207 -8.06 -12.77 8.44
CA ARG B 207 -7.81 -13.64 9.58
C ARG B 207 -7.19 -12.84 10.73
N ALA B 208 -7.38 -13.37 11.94
CA ALA B 208 -7.05 -12.62 13.15
C ALA B 208 -5.55 -12.65 13.43
N LYS B 209 -5.16 -11.90 14.46
CA LYS B 209 -3.76 -11.86 14.86
C LYS B 209 -3.35 -13.23 15.39
N GLY B 210 -2.19 -13.71 14.95
CA GLY B 210 -1.71 -15.00 15.42
C GLY B 210 -2.26 -16.20 14.68
N GLU B 211 -2.84 -16.01 13.50
CA GLU B 211 -3.27 -17.13 12.69
C GLU B 211 -2.14 -17.56 11.77
N ALA B 212 -2.38 -18.62 11.00
CA ALA B 212 -1.34 -19.22 10.18
C ALA B 212 -1.28 -18.59 8.80
N ILE B 213 -0.08 -18.57 8.23
CA ILE B 213 0.16 -18.21 6.83
C ILE B 213 0.74 -19.45 6.17
N LYS B 214 -0.10 -20.22 5.47
CA LYS B 214 0.31 -21.47 4.86
C LYS B 214 0.98 -22.39 5.89
N ASP B 215 2.27 -22.65 5.70
CA ASP B 215 2.98 -23.61 6.54
C ASP B 215 3.26 -23.06 7.93
N VAL B 216 3.67 -21.80 8.03
CA VAL B 216 4.04 -21.21 9.32
C VAL B 216 2.78 -20.93 10.12
N GLU B 217 2.82 -21.23 11.42
CA GLU B 217 1.61 -21.33 12.24
C GLU B 217 1.21 -20.07 12.99
N ASN B 218 2.15 -19.19 13.35
CA ASN B 218 1.83 -18.00 14.16
C ASN B 218 2.49 -16.77 13.55
N ALA B 219 1.87 -16.21 12.51
CA ALA B 219 2.54 -15.19 11.72
C ALA B 219 1.67 -14.04 11.23
N THR B 220 0.36 -14.05 11.41
CA THR B 220 -0.48 -12.97 10.89
C THR B 220 -0.54 -11.82 11.88
N LYS B 221 -0.47 -10.60 11.33
CA LYS B 221 -0.59 -9.40 12.14
C LYS B 221 -2.03 -9.03 12.45
N GLY B 222 -3.00 -9.65 11.79
CA GLY B 222 -4.39 -9.39 12.10
C GLY B 222 -4.96 -8.16 11.39
N VAL B 223 -6.19 -7.84 11.79
CA VAL B 223 -6.90 -6.71 11.19
C VAL B 223 -6.19 -5.40 11.53
N VAL B 224 -5.52 -5.33 12.67
CA VAL B 224 -4.88 -4.08 13.10
C VAL B 224 -3.80 -3.67 12.12
N GLY B 225 -2.98 -4.64 11.67
CA GLY B 225 -1.90 -4.33 10.76
C GLY B 225 -2.38 -3.77 9.43
N VAL B 226 -3.52 -4.28 8.94
CA VAL B 226 -4.08 -3.74 7.70
C VAL B 226 -4.61 -2.34 7.92
N MET B 227 -5.12 -2.04 9.12
CA MET B 227 -5.60 -0.69 9.41
C MET B 227 -4.45 0.31 9.40
N LYS B 228 -3.27 -0.10 9.87
CA LYS B 228 -2.12 0.79 9.84
C LYS B 228 -1.66 1.03 8.40
N LEU B 229 -1.76 0.02 7.54
CA LEU B 229 -1.50 0.23 6.13
C LEU B 229 -2.52 1.17 5.52
N LEU B 230 -3.81 0.93 5.79
CA LEU B 230 -4.85 1.81 5.27
C LEU B 230 -4.72 3.22 5.83
N ASP B 231 -4.28 3.35 7.08
CA ASP B 231 -4.13 4.67 7.68
C ASP B 231 -3.14 5.52 6.89
N ASN B 232 -1.95 4.98 6.62
CA ASN B 232 -0.96 5.71 5.83
C ASN B 232 -1.45 5.98 4.42
N ALA B 233 -2.24 5.05 3.86
CA ALA B 233 -2.72 5.22 2.49
C ALA B 233 -3.66 6.42 2.39
N PHE B 234 -4.59 6.55 3.32
CA PHE B 234 -5.50 7.69 3.28
C PHE B 234 -4.76 9.00 3.56
N ARG B 235 -3.73 8.96 4.40
CA ARG B 235 -2.97 10.19 4.66
C ARG B 235 -2.18 10.61 3.42
N TYR B 236 -1.78 9.66 2.58
CA TYR B 236 -1.01 10.00 1.39
C TYR B 236 -1.87 10.72 0.36
N ALA B 237 -3.06 10.19 0.09
CA ALA B 237 -3.95 10.78 -0.90
C ALA B 237 -5.02 11.65 -0.24
N SER B 246 -10.30 10.63 4.92
CA SER B 246 -11.35 10.02 5.73
C SER B 246 -11.70 8.64 5.21
N GLY B 247 -11.34 7.63 5.99
CA GLY B 247 -11.72 6.26 5.69
C GLY B 247 -12.42 5.64 6.87
N ALA B 248 -13.04 4.49 6.63
CA ALA B 248 -13.73 3.76 7.67
C ALA B 248 -13.44 2.28 7.55
N ALA B 249 -13.58 1.58 8.68
CA ALA B 249 -13.36 0.14 8.73
C ALA B 249 -14.43 -0.46 9.63
N TYR B 250 -15.17 -1.42 9.10
CA TYR B 250 -16.16 -2.15 9.87
C TYR B 250 -15.64 -3.53 10.22
N LEU B 251 -15.99 -4.01 11.41
CA LEU B 251 -15.62 -5.34 11.85
C LEU B 251 -16.83 -6.01 12.47
N ASN B 252 -17.05 -7.27 12.10
CA ASN B 252 -18.08 -8.05 12.77
C ASN B 252 -17.69 -8.27 14.22
N ILE B 253 -18.68 -8.22 15.11
CA ILE B 253 -18.37 -8.26 16.53
C ILE B 253 -17.85 -9.63 16.97
N PHE B 254 -18.12 -10.69 16.21
CA PHE B 254 -17.61 -12.01 16.54
C PHE B 254 -16.21 -12.26 16.01
N HIS B 255 -15.59 -11.29 15.34
CA HIS B 255 -14.20 -11.40 14.94
C HIS B 255 -13.30 -11.33 16.16
N ARG B 256 -12.28 -12.20 16.20
CA ARG B 256 -11.42 -12.27 17.38
C ARG B 256 -10.78 -10.92 17.67
N ASP B 257 -10.35 -10.22 16.63
CA ASP B 257 -9.66 -8.95 16.78
C ASP B 257 -10.58 -7.82 17.18
N ILE B 258 -11.81 -8.08 17.64
CA ILE B 258 -12.75 -6.98 17.89
C ILE B 258 -12.22 -6.04 18.97
N ASN B 259 -11.52 -6.59 19.96
CA ASN B 259 -11.02 -5.75 21.04
C ASN B 259 -9.83 -4.92 20.58
N ASP B 260 -8.84 -5.55 19.95
CA ASP B 260 -7.74 -4.80 19.36
C ASP B 260 -8.25 -3.83 18.31
N PHE B 261 -9.33 -4.19 17.61
CA PHE B 261 -9.96 -3.28 16.66
C PHE B 261 -10.45 -2.02 17.37
N LEU B 262 -11.11 -2.20 18.51
CA LEU B 262 -11.63 -1.05 19.26
C LEU B 262 -10.53 -0.27 19.96
N ASP B 263 -9.41 -0.93 20.31
CA ASP B 263 -8.38 -0.28 21.10
C ASP B 263 -7.56 0.73 20.31
N THR B 264 -7.64 0.70 18.98
CA THR B 264 -6.92 1.68 18.18
C THR B 264 -7.59 3.04 18.16
N LYS B 265 -8.77 3.17 18.78
CA LYS B 265 -9.51 4.43 18.77
C LYS B 265 -9.68 5.03 20.16
N LYS B 266 -9.11 4.44 21.20
CA LYS B 266 -9.06 5.11 22.50
C LYS B 266 -8.17 6.34 22.38
N ILE B 267 -8.63 7.45 22.96
CA ILE B 267 -7.84 8.68 22.89
C ILE B 267 -6.48 8.47 23.55
N SER B 268 -6.42 7.58 24.54
CA SER B 268 -5.19 7.26 25.25
C SER B 268 -4.40 6.15 24.57
N ALA B 269 -4.62 5.92 23.28
CA ALA B 269 -3.98 4.81 22.58
C ALA B 269 -2.47 4.94 22.61
N ASP B 270 -1.79 3.81 22.41
CA ASP B 270 -0.34 3.66 22.50
C ASP B 270 0.42 4.45 21.44
N GLU B 271 -0.22 5.28 20.61
CA GLU B 271 0.45 6.15 19.66
C GLU B 271 1.16 5.38 18.55
N ASP B 272 1.72 4.21 18.88
CA ASP B 272 2.33 3.33 17.88
C ASP B 272 1.32 2.41 17.22
N VAL B 273 0.15 2.20 17.84
CA VAL B 273 -0.92 1.38 17.28
C VAL B 273 -2.14 2.21 16.93
N ARG B 274 -2.10 3.52 17.16
CA ARG B 274 -3.26 4.38 16.95
C ARG B 274 -3.35 4.78 15.49
N VAL B 275 -4.34 4.26 14.78
CA VAL B 275 -4.73 4.84 13.50
C VAL B 275 -5.50 6.11 13.79
N LYS B 276 -5.27 7.16 12.98
CA LYS B 276 -5.85 8.46 13.25
C LYS B 276 -6.80 8.96 12.17
N THR B 277 -6.85 8.30 11.00
CA THR B 277 -7.68 8.75 9.89
C THR B 277 -8.74 7.70 9.52
N LEU B 278 -9.00 6.75 10.42
CA LEU B 278 -9.97 5.68 10.18
C LEU B 278 -11.06 5.72 11.23
N SER B 279 -12.28 6.07 10.82
CA SER B 279 -13.44 5.83 11.67
C SER B 279 -13.74 4.33 11.68
N ILE B 280 -14.34 3.85 12.77
CA ILE B 280 -14.60 2.42 12.89
C ILE B 280 -16.09 2.17 13.02
N GLY B 281 -16.50 0.99 12.56
CA GLY B 281 -17.86 0.53 12.75
C GLY B 281 -17.84 -0.92 13.20
N VAL B 282 -18.90 -1.30 13.92
CA VAL B 282 -19.01 -2.64 14.48
C VAL B 282 -20.32 -3.25 14.02
N VAL B 283 -20.24 -4.43 13.41
CA VAL B 283 -21.40 -5.12 12.87
C VAL B 283 -21.80 -6.20 13.87
N ILE B 284 -23.00 -6.06 14.41
CA ILE B 284 -23.48 -6.89 15.51
C ILE B 284 -24.70 -7.68 15.04
N PRO B 285 -24.64 -9.00 15.00
CA PRO B 285 -25.84 -9.80 14.72
C PRO B 285 -26.60 -10.11 16.00
N ASP B 286 -27.82 -10.61 15.82
CA ASP B 286 -28.72 -10.81 16.96
C ASP B 286 -28.14 -11.76 17.99
N LYS B 287 -27.33 -12.74 17.55
CA LYS B 287 -26.76 -13.70 18.50
C LYS B 287 -25.97 -13.00 19.60
N PHE B 288 -25.29 -11.90 19.27
CA PHE B 288 -24.53 -11.19 20.29
C PHE B 288 -25.44 -10.47 21.26
N VAL B 289 -26.51 -9.86 20.78
CA VAL B 289 -27.45 -9.17 21.67
C VAL B 289 -28.04 -10.17 22.67
N GLU B 290 -28.40 -11.36 22.18
CA GLU B 290 -28.95 -12.39 23.05
C GLU B 290 -27.93 -12.83 24.10
N LEU B 291 -26.67 -13.00 23.71
CA LEU B 291 -25.64 -13.40 24.67
C LEU B 291 -25.39 -12.33 25.71
N ALA B 292 -25.41 -11.06 25.31
CA ALA B 292 -25.18 -9.99 26.28
C ALA B 292 -26.35 -9.88 27.25
N ARG B 293 -27.57 -10.12 26.76
CA ARG B 293 -28.75 -9.94 27.61
C ARG B 293 -28.73 -10.92 28.79
N GLU B 294 -28.28 -12.15 28.58
CA GLU B 294 -28.28 -13.16 29.63
C GLU B 294 -26.94 -13.30 30.34
N ASP B 295 -26.04 -12.33 30.15
CA ASP B 295 -24.81 -12.19 30.94
C ASP B 295 -23.97 -13.47 30.99
N LYS B 296 -24.15 -14.38 30.03
CA LYS B 296 -23.31 -15.57 29.96
C LYS B 296 -22.11 -15.31 29.06
N ALA B 297 -21.02 -16.03 29.32
CA ALA B 297 -19.80 -15.84 28.56
C ALA B 297 -20.01 -16.15 27.08
N ALA B 298 -19.39 -15.35 26.23
CA ALA B 298 -19.48 -15.47 24.78
C ALA B 298 -18.12 -15.77 24.19
N TYR B 299 -18.11 -16.35 22.99
CA TYR B 299 -16.89 -16.73 22.30
C TYR B 299 -16.78 -15.97 20.99
N VAL B 300 -15.63 -15.34 20.77
CA VAL B 300 -15.27 -14.79 19.46
C VAL B 300 -14.34 -15.78 18.78
N PHE B 301 -14.24 -15.68 17.46
CA PHE B 301 -13.64 -16.74 16.67
C PHE B 301 -12.51 -16.21 15.81
N TYR B 302 -11.54 -17.11 15.55
CA TYR B 302 -10.47 -16.88 14.59
C TYR B 302 -11.01 -17.23 13.21
N PRO B 303 -11.26 -16.25 12.35
CA PRO B 303 -12.04 -16.53 11.13
C PRO B 303 -11.38 -17.51 10.18
N HIS B 304 -10.05 -17.62 10.18
CA HIS B 304 -9.41 -18.54 9.25
C HIS B 304 -9.64 -19.98 9.65
N THR B 305 -9.78 -20.27 10.95
CA THR B 305 -10.13 -21.64 11.34
C THR B 305 -11.54 -21.99 10.89
N ILE B 306 -12.43 -21.00 10.80
CA ILE B 306 -13.75 -21.20 10.23
C ILE B 306 -13.64 -21.50 8.74
N TYR B 307 -12.80 -20.74 8.04
CA TYR B 307 -12.61 -20.96 6.61
C TYR B 307 -11.91 -22.30 6.35
N LYS B 308 -10.88 -22.62 7.15
CA LYS B 308 -10.18 -23.90 6.99
C LYS B 308 -11.11 -25.08 7.19
N GLU B 309 -12.09 -24.95 8.09
CA GLU B 309 -12.99 -26.04 8.42
C GLU B 309 -14.18 -26.11 7.46
N TYR B 310 -14.91 -25.00 7.32
CA TYR B 310 -16.16 -24.98 6.59
C TYR B 310 -16.02 -24.49 5.16
N GLY B 311 -14.82 -24.07 4.75
CA GLY B 311 -14.61 -23.59 3.40
C GLY B 311 -15.26 -22.28 3.06
N GLN B 312 -15.99 -21.66 3.99
CA GLN B 312 -16.67 -20.40 3.77
C GLN B 312 -16.12 -19.34 4.72
N HIS B 313 -16.26 -18.08 4.32
CA HIS B 313 -15.90 -16.99 5.21
C HIS B 313 -16.90 -16.93 6.36
N MET B 314 -16.39 -16.76 7.59
CA MET B 314 -17.29 -16.57 8.72
C MET B 314 -18.25 -15.42 8.46
N ASP B 315 -17.76 -14.38 7.77
CA ASP B 315 -18.55 -13.21 7.41
C ASP B 315 -19.69 -13.53 6.44
N GLU B 316 -19.71 -14.72 5.86
CA GLU B 316 -20.74 -15.12 4.89
C GLU B 316 -21.65 -16.24 5.42
N MET B 317 -21.57 -16.57 6.71
CA MET B 317 -22.38 -17.61 7.29
C MET B 317 -23.36 -17.00 8.30
N ASP B 318 -24.38 -17.77 8.64
CA ASP B 318 -25.41 -17.31 9.57
C ASP B 318 -24.93 -17.62 10.98
N MET B 319 -24.50 -16.58 11.70
CA MET B 319 -24.00 -16.79 13.06
C MET B 319 -25.13 -17.26 13.98
N ASN B 320 -26.36 -16.85 13.70
CA ASN B 320 -27.50 -17.29 14.51
C ASN B 320 -27.71 -18.79 14.39
N GLU B 321 -27.30 -19.38 13.27
CA GLU B 321 -27.41 -20.83 13.09
C GLU B 321 -26.11 -21.57 13.41
N MET B 322 -24.97 -20.91 13.26
CA MET B 322 -23.67 -21.59 13.34
C MET B 322 -22.93 -21.34 14.64
N TYR B 323 -23.45 -20.49 15.53
CA TYR B 323 -22.69 -20.12 16.72
C TYR B 323 -22.36 -21.34 17.57
N ASP B 324 -23.38 -22.07 18.02
CA ASP B 324 -23.15 -23.23 18.87
C ASP B 324 -22.26 -24.25 18.19
N LYS B 325 -22.42 -24.42 16.87
CA LYS B 325 -21.61 -25.38 16.14
C LYS B 325 -20.14 -24.96 16.12
N PHE B 326 -19.86 -23.66 15.98
CA PHE B 326 -18.49 -23.18 16.06
C PHE B 326 -17.91 -23.40 17.46
N VAL B 327 -18.70 -23.12 18.50
CA VAL B 327 -18.22 -23.29 19.87
C VAL B 327 -17.87 -24.74 20.14
N ASP B 328 -18.64 -25.66 19.55
CA ASP B 328 -18.43 -27.08 19.82
C ASP B 328 -17.41 -27.72 18.88
N ASN B 329 -17.17 -27.15 17.72
CA ASN B 329 -16.17 -27.70 16.80
C ASN B 329 -14.78 -27.49 17.40
N PRO B 330 -14.04 -28.55 17.72
CA PRO B 330 -12.71 -28.36 18.32
C PRO B 330 -11.68 -27.82 17.34
N ARG B 331 -11.92 -27.96 16.03
CA ARG B 331 -11.05 -27.41 15.01
C ARG B 331 -11.27 -25.92 14.79
N VAL B 332 -12.31 -25.34 15.37
CA VAL B 332 -12.52 -23.90 15.36
C VAL B 332 -11.87 -23.32 16.60
N LYS B 333 -11.02 -22.33 16.42
CA LYS B 333 -10.33 -21.71 17.54
C LYS B 333 -11.16 -20.54 18.03
N LYS B 334 -11.35 -20.45 19.34
CA LYS B 334 -12.22 -19.44 19.94
C LYS B 334 -11.50 -18.75 21.09
N GLU B 335 -12.10 -17.67 21.58
CA GLU B 335 -11.65 -16.95 22.75
C GLU B 335 -12.85 -16.48 23.55
N LYS B 336 -12.79 -16.66 24.87
CA LYS B 336 -13.89 -16.26 25.73
C LYS B 336 -13.85 -14.75 25.98
N ILE B 337 -15.02 -14.12 25.93
CA ILE B 337 -15.16 -12.70 26.23
C ILE B 337 -16.42 -12.48 27.06
N ASN B 338 -16.52 -11.28 27.64
CA ASN B 338 -17.69 -10.86 28.39
C ASN B 338 -18.53 -9.98 27.48
N PRO B 339 -19.69 -10.44 27.00
CA PRO B 339 -20.49 -9.60 26.09
C PRO B 339 -21.04 -8.34 26.75
N ARG B 340 -21.34 -8.36 28.04
CA ARG B 340 -21.80 -7.14 28.68
C ARG B 340 -20.69 -6.11 28.76
N LYS B 341 -19.47 -6.56 29.09
CA LYS B 341 -18.34 -5.63 29.16
C LYS B 341 -18.03 -5.05 27.78
N LEU B 342 -18.13 -5.89 26.73
CA LEU B 342 -17.91 -5.39 25.38
C LEU B 342 -18.99 -4.42 24.95
N LEU B 343 -20.23 -4.64 25.40
CA LEU B 343 -21.31 -3.73 25.05
C LEU B 343 -21.17 -2.39 25.76
N GLU B 344 -20.82 -2.42 27.05
CA GLU B 344 -20.51 -1.19 27.76
C GLU B 344 -19.33 -0.47 27.12
N LYS B 345 -18.33 -1.23 26.67
CA LYS B 345 -17.16 -0.64 26.02
C LYS B 345 -17.54 0.09 24.74
N LEU B 346 -18.50 -0.46 24.00
CA LEU B 346 -18.98 0.25 22.81
C LEU B 346 -19.65 1.56 23.18
N ALA B 347 -20.29 1.61 24.35
CA ALA B 347 -20.92 2.84 24.80
C ALA B 347 -19.86 3.90 25.10
N MET B 348 -18.76 3.52 25.75
CA MET B 348 -17.74 4.49 26.13
C MET B 348 -17.03 5.05 24.91
N LEU B 349 -16.59 4.17 24.00
CA LEU B 349 -15.88 4.63 22.81
C LEU B 349 -16.76 5.53 21.95
N ARG B 350 -18.05 5.21 21.86
CA ARG B 350 -18.98 6.12 21.19
C ARG B 350 -19.13 7.42 21.96
N SER B 351 -19.14 7.34 23.30
CA SER B 351 -19.17 8.55 24.11
C SER B 351 -17.88 9.34 23.97
N GLU B 352 -16.80 8.68 23.58
CA GLU B 352 -15.49 9.33 23.49
C GLU B 352 -15.15 9.78 22.08
N SER B 353 -15.80 9.24 21.04
CA SER B 353 -15.45 9.59 19.67
C SER B 353 -16.65 9.68 18.73
N GLY B 354 -17.88 9.57 19.23
CA GLY B 354 -19.04 9.53 18.34
C GLY B 354 -19.29 8.17 17.72
N TYR B 355 -18.27 7.59 17.12
CA TYR B 355 -18.26 6.20 16.68
C TYR B 355 -17.50 5.35 17.70
N PRO B 356 -17.48 4.01 17.53
CA PRO B 356 -17.92 3.07 16.48
C PRO B 356 -19.38 3.19 16.07
N TYR B 357 -19.62 3.34 14.77
CA TYR B 357 -20.98 3.20 14.26
C TYR B 357 -21.44 1.77 14.52
N ILE B 358 -22.59 1.62 15.16
CA ILE B 358 -23.13 0.31 15.49
C ILE B 358 -24.15 -0.08 14.44
N MET B 359 -24.02 -1.29 13.89
CA MET B 359 -24.96 -1.83 12.93
C MET B 359 -25.56 -3.11 13.48
N PHE B 360 -26.88 -3.12 13.65
CA PHE B 360 -27.60 -4.33 14.05
C PHE B 360 -27.89 -5.13 12.79
N GLN B 361 -27.02 -6.10 12.50
CA GLN B 361 -27.02 -6.76 11.19
C GLN B 361 -28.36 -7.40 10.86
N ASP B 362 -28.99 -8.03 11.85
CA ASP B 362 -30.24 -8.74 11.56
C ASP B 362 -31.43 -7.81 11.42
N ASN B 363 -31.37 -6.60 11.99
CA ASN B 363 -32.41 -5.62 11.69
C ASN B 363 -32.33 -5.12 10.26
N VAL B 364 -31.18 -5.27 9.61
CA VAL B 364 -31.07 -4.87 8.21
C VAL B 364 -31.60 -5.96 7.31
N ASN B 365 -31.22 -7.22 7.58
CA ASN B 365 -31.51 -8.32 6.68
C ASN B 365 -32.86 -8.96 6.91
N LYS B 366 -33.45 -8.79 8.09
CA LYS B 366 -34.85 -9.20 8.30
C LYS B 366 -35.73 -8.63 7.20
N VAL B 367 -35.47 -7.39 6.81
CA VAL B 367 -36.26 -6.65 5.85
C VAL B 367 -35.48 -6.35 4.58
N HIS B 368 -34.42 -7.12 4.31
CA HIS B 368 -33.61 -6.92 3.10
C HIS B 368 -34.25 -7.60 1.90
N ALA B 369 -34.26 -6.91 0.77
CA ALA B 369 -34.91 -7.43 -0.42
C ALA B 369 -33.98 -8.26 -1.31
N ASN B 370 -32.67 -8.19 -1.09
CA ASN B 370 -31.70 -8.77 -2.02
C ASN B 370 -30.73 -9.70 -1.32
N ASN B 371 -31.22 -10.43 -0.31
CA ASN B 371 -30.38 -11.44 0.34
C ASN B 371 -29.94 -12.54 -0.62
N HIS B 372 -30.64 -12.72 -1.74
CA HIS B 372 -30.20 -13.68 -2.73
C HIS B 372 -28.88 -13.28 -3.38
N ILE B 373 -28.56 -11.98 -3.37
CA ILE B 373 -27.26 -11.53 -3.85
C ILE B 373 -26.23 -11.63 -2.73
N SER B 374 -26.60 -11.17 -1.54
CA SER B 374 -25.79 -11.25 -0.33
C SER B 374 -26.54 -10.64 0.84
N LYS B 375 -26.25 -11.09 2.05
CA LYS B 375 -26.71 -10.37 3.23
C LYS B 375 -25.81 -9.15 3.44
N VAL B 376 -26.41 -8.05 3.89
CA VAL B 376 -25.63 -6.85 4.18
C VAL B 376 -24.67 -7.17 5.30
N LYS B 377 -23.41 -6.76 5.13
CA LYS B 377 -22.36 -7.13 6.07
C LYS B 377 -21.71 -5.94 6.77
N PHE B 378 -21.85 -4.73 6.23
CA PHE B 378 -21.26 -3.54 6.84
C PHE B 378 -21.92 -2.32 6.21
N SER B 379 -21.46 -1.14 6.62
CA SER B 379 -22.05 0.09 6.13
C SER B 379 -20.98 1.08 5.73
N ASN B 380 -21.37 2.33 5.47
CA ASN B 380 -20.46 3.35 5.01
C ASN B 380 -20.04 4.24 6.18
N LEU B 381 -19.52 5.44 5.87
CA LEU B 381 -18.90 6.27 6.88
C LEU B 381 -19.91 6.88 7.87
N CYS B 382 -21.19 6.95 7.51
CA CYS B 382 -22.18 7.47 8.45
C CYS B 382 -23.31 6.48 8.69
N SER B 383 -23.11 5.22 8.32
CA SER B 383 -24.01 4.12 8.72
C SER B 383 -25.42 4.35 8.19
N GLU B 384 -25.53 4.71 6.92
CA GLU B 384 -26.81 4.81 6.24
C GLU B 384 -26.92 3.91 5.03
N VAL B 385 -25.84 3.70 4.28
CA VAL B 385 -25.88 2.86 3.10
C VAL B 385 -25.80 1.40 3.54
N LEU B 386 -26.77 0.60 3.12
CA LEU B 386 -26.88 -0.81 3.52
C LEU B 386 -27.27 -1.62 2.30
N GLN B 387 -26.28 -2.22 1.64
CA GLN B 387 -26.51 -2.91 0.39
C GLN B 387 -25.73 -4.22 0.36
N ALA B 388 -26.18 -5.12 -0.50
CA ALA B 388 -25.47 -6.37 -0.68
C ALA B 388 -24.10 -6.10 -1.29
N SER B 389 -23.19 -7.06 -1.11
CA SER B 389 -21.83 -6.92 -1.60
C SER B 389 -21.21 -8.30 -1.73
N GLN B 390 -20.28 -8.42 -2.67
CA GLN B 390 -19.57 -9.67 -2.89
C GLN B 390 -18.09 -9.38 -2.99
N VAL B 391 -17.29 -10.12 -2.21
CA VAL B 391 -15.87 -9.83 -2.16
C VAL B 391 -15.22 -10.23 -3.47
N SER B 392 -14.28 -9.41 -3.94
CA SER B 392 -13.49 -9.83 -5.08
C SER B 392 -12.35 -10.73 -4.64
N SER B 393 -11.63 -11.27 -5.62
CA SER B 393 -10.44 -12.07 -5.35
C SER B 393 -9.40 -11.64 -6.39
N TYR B 394 -8.63 -10.62 -6.06
CA TYR B 394 -7.59 -10.10 -6.95
C TYR B 394 -6.42 -11.07 -6.89
N THR B 395 -6.23 -11.84 -7.95
CA THR B 395 -5.26 -12.92 -7.98
C THR B 395 -3.89 -12.38 -8.40
N ASP B 396 -2.98 -13.29 -8.73
CA ASP B 396 -1.62 -12.91 -9.15
C ASP B 396 -1.67 -12.07 -10.43
N TYR B 397 -0.49 -11.63 -10.88
CA TYR B 397 -0.44 -10.66 -11.98
C TYR B 397 -0.86 -11.29 -13.30
N ASP B 398 -0.31 -12.46 -13.62
CA ASP B 398 -0.59 -13.09 -14.90
C ASP B 398 -1.94 -13.80 -14.94
N GLU B 399 -2.62 -13.90 -13.81
CA GLU B 399 -3.90 -14.59 -13.73
C GLU B 399 -5.05 -13.60 -13.64
N GLU B 400 -6.20 -14.01 -14.18
CA GLU B 400 -7.38 -13.17 -14.16
C GLU B 400 -7.97 -13.11 -12.75
N ASP B 401 -8.45 -11.93 -12.38
CA ASP B 401 -9.09 -11.74 -11.09
C ASP B 401 -10.58 -12.03 -11.22
N GLU B 402 -11.22 -12.20 -10.06
CA GLU B 402 -12.67 -12.32 -9.99
C GLU B 402 -13.21 -11.02 -9.40
N ILE B 403 -13.95 -10.27 -10.21
CA ILE B 403 -14.44 -8.96 -9.82
C ILE B 403 -15.82 -9.15 -9.19
N GLY B 404 -15.92 -8.87 -7.90
CA GLY B 404 -17.19 -8.97 -7.20
C GLY B 404 -18.03 -7.72 -7.30
N LEU B 405 -18.68 -7.35 -6.21
CA LEU B 405 -19.58 -6.20 -6.18
C LEU B 405 -19.27 -5.38 -4.94
N ASP B 406 -18.79 -4.15 -5.15
CA ASP B 406 -18.63 -3.20 -4.06
C ASP B 406 -19.91 -2.35 -3.99
N ILE B 407 -19.85 -1.16 -3.38
CA ILE B 407 -21.04 -0.32 -3.21
C ILE B 407 -20.68 1.14 -3.47
N SER B 408 -21.56 1.83 -4.20
CA SER B 408 -21.44 3.26 -4.49
C SER B 408 -22.67 3.98 -3.94
N CYS B 409 -22.45 5.19 -3.43
CA CYS B 409 -23.50 5.97 -2.77
C CYS B 409 -23.84 7.19 -3.62
N ASN B 410 -24.91 7.10 -4.38
CA ASN B 410 -25.47 8.24 -5.13
C ASN B 410 -26.58 8.83 -4.28
N LEU B 411 -26.30 9.92 -3.60
CA LEU B 411 -27.16 10.43 -2.54
C LEU B 411 -27.90 11.69 -2.97
N GLY B 412 -28.96 12.00 -2.23
CA GLY B 412 -29.79 13.18 -2.44
C GLY B 412 -30.97 13.18 -1.47
N SER B 413 -31.45 14.36 -1.07
CA SER B 413 -32.49 14.46 -0.07
C SER B 413 -33.56 15.46 -0.49
N LEU B 414 -34.82 15.14 -0.19
CA LEU B 414 -35.90 16.09 -0.35
C LEU B 414 -35.97 17.03 0.85
N ASN B 415 -36.54 18.20 0.63
CA ASN B 415 -36.82 19.16 1.69
C ASN B 415 -38.26 18.93 2.12
N ILE B 416 -38.44 18.27 3.26
CA ILE B 416 -39.77 17.85 3.69
C ILE B 416 -40.72 19.04 3.75
N LEU B 417 -40.24 20.19 4.19
CA LEU B 417 -41.10 21.37 4.32
C LEU B 417 -41.67 21.78 2.97
N ASN B 418 -40.79 22.10 2.02
CA ASN B 418 -41.24 22.60 0.73
C ASN B 418 -41.94 21.53 -0.11
N VAL B 419 -41.65 20.25 0.13
CA VAL B 419 -42.39 19.20 -0.56
C VAL B 419 -43.84 19.17 -0.09
N MET B 420 -44.08 19.48 1.19
CA MET B 420 -45.45 19.53 1.69
C MET B 420 -46.16 20.82 1.27
N GLU B 421 -45.42 21.94 1.22
CA GLU B 421 -46.01 23.21 0.81
C GLU B 421 -46.46 23.16 -0.65
N HIS B 422 -45.71 22.48 -1.50
CA HIS B 422 -46.03 22.37 -2.92
C HIS B 422 -46.86 21.14 -3.25
N LYS B 423 -47.17 20.29 -2.26
CA LYS B 423 -47.93 19.06 -2.47
C LYS B 423 -47.32 18.23 -3.60
N SER B 424 -46.02 18.01 -3.51
CA SER B 424 -45.25 17.42 -4.61
C SER B 424 -44.46 16.21 -4.13
N ILE B 425 -45.07 15.37 -3.29
CA ILE B 425 -44.38 14.15 -2.85
C ILE B 425 -44.10 13.25 -4.04
N GLU B 426 -45.13 13.01 -4.88
CA GLU B 426 -44.93 12.17 -6.04
C GLU B 426 -43.97 12.81 -7.04
N LYS B 427 -44.19 14.09 -7.37
CA LYS B 427 -43.38 14.72 -8.39
C LYS B 427 -41.92 14.84 -7.96
N THR B 428 -41.68 15.16 -6.70
CA THR B 428 -40.31 15.35 -6.24
C THR B 428 -39.56 14.03 -6.18
N VAL B 429 -40.20 12.99 -5.63
CA VAL B 429 -39.53 11.71 -5.48
C VAL B 429 -39.23 11.11 -6.85
N LYS B 430 -40.21 11.11 -7.75
CA LYS B 430 -40.00 10.52 -9.07
C LYS B 430 -38.98 11.32 -9.86
N LEU B 431 -39.00 12.64 -9.75
CA LEU B 431 -38.04 13.46 -10.49
C LEU B 431 -36.65 13.35 -9.88
N ALA B 432 -36.56 13.25 -8.56
CA ALA B 432 -35.26 13.04 -7.91
C ALA B 432 -34.68 11.70 -8.28
N THR B 433 -35.52 10.66 -8.38
CA THR B 433 -35.04 9.34 -8.78
C THR B 433 -34.38 9.40 -10.16
N ASP B 434 -34.99 10.12 -11.10
CA ASP B 434 -34.35 10.32 -12.40
C ASP B 434 -32.98 10.96 -12.24
N SER B 435 -32.88 11.93 -11.33
CA SER B 435 -31.61 12.61 -11.10
C SER B 435 -30.55 11.63 -10.59
N LEU B 436 -30.91 10.84 -9.58
CA LEU B 436 -29.98 9.86 -9.03
C LEU B 436 -29.64 8.77 -10.04
N THR B 437 -30.60 8.38 -10.88
CA THR B 437 -30.31 7.40 -11.92
C THR B 437 -29.35 7.95 -12.96
N HIS B 438 -29.47 9.24 -13.29
CA HIS B 438 -28.57 9.84 -14.26
C HIS B 438 -27.15 9.99 -13.69
N VAL B 439 -27.05 10.33 -12.41
CA VAL B 439 -25.73 10.41 -11.77
C VAL B 439 -25.06 9.04 -11.78
N SER B 440 -25.85 7.98 -11.57
CA SER B 440 -25.30 6.63 -11.53
C SER B 440 -24.80 6.18 -12.90
N GLU B 441 -25.50 6.57 -13.97
CA GLU B 441 -25.10 6.15 -15.30
C GLU B 441 -24.00 7.01 -15.90
N THR B 442 -23.72 8.17 -15.30
CA THR B 442 -22.64 9.03 -15.76
C THR B 442 -21.34 8.81 -15.01
N THR B 443 -21.40 8.22 -13.82
CA THR B 443 -20.17 7.89 -13.10
C THR B 443 -19.60 6.60 -13.67
N ASP B 444 -18.35 6.67 -14.14
CA ASP B 444 -17.63 5.53 -14.70
C ASP B 444 -16.24 5.56 -14.08
N ILE B 445 -16.08 4.89 -12.95
CA ILE B 445 -14.88 4.99 -12.14
C ILE B 445 -13.91 3.89 -12.52
N ARG B 446 -12.70 4.28 -12.92
CA ARG B 446 -11.62 3.36 -13.20
C ARG B 446 -10.70 3.24 -11.98
N ASN B 447 -9.84 2.21 -12.01
CA ASN B 447 -8.95 1.81 -10.92
C ASN B 447 -9.69 1.28 -9.71
N ALA B 448 -10.99 1.05 -9.83
CA ALA B 448 -11.79 0.45 -8.77
C ALA B 448 -12.79 -0.48 -9.45
N PRO B 449 -12.34 -1.67 -9.85
CA PRO B 449 -13.18 -2.52 -10.71
C PRO B 449 -14.47 -3.00 -10.07
N ALA B 450 -14.42 -3.50 -8.84
CA ALA B 450 -15.62 -4.02 -8.21
C ALA B 450 -16.64 -2.92 -7.92
N VAL B 451 -16.17 -1.70 -7.65
CA VAL B 451 -17.08 -0.56 -7.55
C VAL B 451 -17.78 -0.32 -8.88
N ARG B 452 -16.98 -0.33 -9.96
CA ARG B 452 -17.51 -0.03 -11.30
C ARG B 452 -18.52 -1.08 -11.74
N ARG B 453 -18.18 -2.37 -11.56
CA ARG B 453 -19.10 -3.44 -11.94
C ARG B 453 -20.39 -3.35 -11.14
N ALA B 454 -20.28 -3.07 -9.84
CA ALA B 454 -21.48 -3.02 -9.00
C ALA B 454 -22.37 -1.84 -9.36
N ASN B 455 -21.79 -0.72 -9.79
CA ASN B 455 -22.62 0.44 -10.12
C ASN B 455 -23.48 0.19 -11.35
N LYS B 456 -22.91 -0.45 -12.38
CA LYS B 456 -23.68 -0.74 -13.58
C LYS B 456 -24.63 -1.91 -13.38
N ALA B 457 -24.29 -2.84 -12.49
CA ALA B 457 -25.13 -4.01 -12.28
C ALA B 457 -26.26 -3.74 -11.29
N MET B 458 -25.97 -3.06 -10.19
CA MET B 458 -26.97 -2.85 -9.14
C MET B 458 -27.81 -1.59 -9.35
N LYS B 459 -27.22 -0.54 -9.91
CA LYS B 459 -27.91 0.73 -10.18
C LYS B 459 -28.58 1.27 -8.91
N SER B 460 -27.86 1.19 -7.79
CA SER B 460 -28.40 1.56 -6.49
C SER B 460 -28.26 3.06 -6.26
N ILE B 461 -29.33 3.69 -5.78
CA ILE B 461 -29.34 5.11 -5.46
C ILE B 461 -29.80 5.29 -4.02
N GLY B 462 -29.50 6.46 -3.47
CA GLY B 462 -29.88 6.77 -2.10
C GLY B 462 -30.61 8.08 -1.94
N LEU B 463 -31.93 8.07 -2.11
CA LEU B 463 -32.75 9.26 -1.94
C LEU B 463 -33.13 9.40 -0.46
N GLY B 464 -32.78 10.55 0.13
CA GLY B 464 -33.05 10.83 1.51
C GLY B 464 -34.04 11.96 1.71
N ALA B 465 -34.02 12.53 2.91
CA ALA B 465 -34.91 13.63 3.26
C ALA B 465 -34.29 14.47 4.36
N MET B 466 -34.68 15.74 4.42
CA MET B 466 -34.21 16.65 5.46
C MET B 466 -35.36 17.58 5.86
N ASN B 467 -35.11 18.36 6.92
CA ASN B 467 -36.05 19.36 7.43
C ASN B 467 -37.29 18.73 8.08
N LEU B 468 -37.15 17.56 8.71
CA LEU B 468 -38.29 16.98 9.41
C LEU B 468 -38.65 17.81 10.65
N HIS B 469 -37.64 18.16 11.46
CA HIS B 469 -37.92 18.90 12.67
C HIS B 469 -38.37 20.32 12.36
N GLY B 470 -37.75 20.97 11.38
CA GLY B 470 -38.18 22.30 10.99
C GLY B 470 -39.61 22.34 10.49
N TYR B 471 -40.03 21.27 9.78
CA TYR B 471 -41.40 21.24 9.29
C TYR B 471 -42.40 20.98 10.42
N LEU B 472 -42.07 20.04 11.32
CA LEU B 472 -42.96 19.75 12.43
C LEU B 472 -43.09 20.94 13.36
N ALA B 473 -41.98 21.62 13.67
CA ALA B 473 -42.03 22.76 14.57
C ALA B 473 -42.74 23.95 13.96
N GLN B 474 -42.75 24.05 12.62
CA GLN B 474 -43.44 25.13 11.93
C GLN B 474 -44.91 24.86 11.72
N ASN B 475 -45.43 23.70 12.14
CA ASN B 475 -46.85 23.42 12.07
C ASN B 475 -47.41 23.01 13.43
N GLY B 476 -46.75 23.45 14.50
CA GLY B 476 -47.24 23.19 15.85
C GLY B 476 -47.26 21.72 16.25
N ILE B 477 -46.19 20.99 15.94
CA ILE B 477 -46.09 19.57 16.25
C ILE B 477 -44.73 19.32 16.92
N ALA B 478 -44.76 18.62 18.06
CA ALA B 478 -43.53 18.32 18.77
C ALA B 478 -42.86 17.09 18.18
N TYR B 479 -41.52 17.09 18.21
CA TYR B 479 -40.74 16.00 17.62
C TYR B 479 -41.06 14.67 18.28
N GLU B 480 -41.20 14.66 19.60
CA GLU B 480 -41.41 13.43 20.35
C GLU B 480 -42.87 13.01 20.41
N SER B 481 -43.77 13.79 19.83
CA SER B 481 -45.20 13.55 19.96
C SER B 481 -45.63 12.36 19.11
N PRO B 482 -46.74 11.71 19.47
CA PRO B 482 -47.28 10.64 18.62
C PRO B 482 -47.77 11.14 17.27
N GLU B 483 -48.16 12.41 17.17
CA GLU B 483 -48.59 12.95 15.89
C GLU B 483 -47.42 13.07 14.92
N ALA B 484 -46.23 13.39 15.45
CA ALA B 484 -45.04 13.44 14.61
C ALA B 484 -44.73 12.08 14.02
N ARG B 485 -44.70 11.04 14.86
CA ARG B 485 -44.50 9.69 14.35
C ARG B 485 -45.58 9.31 13.35
N ASP B 486 -46.81 9.76 13.60
CA ASP B 486 -47.91 9.46 12.67
C ASP B 486 -47.70 10.16 11.34
N PHE B 487 -47.14 11.38 11.36
CA PHE B 487 -46.83 12.07 10.12
C PHE B 487 -45.74 11.36 9.35
N ALA B 488 -44.63 11.05 10.03
CA ALA B 488 -43.51 10.39 9.37
C ALA B 488 -43.93 9.04 8.81
N ASN B 489 -44.82 8.33 9.52
CA ASN B 489 -45.29 7.04 9.05
C ASN B 489 -45.98 7.15 7.70
N THR B 490 -46.81 8.18 7.53
CA THR B 490 -47.52 8.35 6.27
C THR B 490 -46.61 8.96 5.21
N PHE B 491 -45.77 9.92 5.61
CA PHE B 491 -44.92 10.62 4.65
C PHE B 491 -43.96 9.67 3.95
N PHE B 492 -43.20 8.90 4.73
CA PHE B 492 -42.20 8.03 4.11
C PHE B 492 -42.83 6.81 3.44
N MET B 493 -44.02 6.41 3.86
CA MET B 493 -44.75 5.40 3.09
C MET B 493 -45.03 5.90 1.68
N MET B 494 -45.29 7.19 1.52
CA MET B 494 -45.52 7.74 0.19
C MET B 494 -44.22 7.87 -0.58
N VAL B 495 -43.12 8.26 0.09
CA VAL B 495 -41.82 8.29 -0.55
C VAL B 495 -41.47 6.90 -1.06
N ASN B 496 -41.65 5.88 -0.23
CA ASN B 496 -41.36 4.52 -0.65
C ASN B 496 -42.29 4.07 -1.77
N PHE B 497 -43.55 4.54 -1.76
CA PHE B 497 -44.49 4.15 -2.79
C PHE B 497 -44.08 4.68 -4.16
N TYR B 498 -43.88 5.99 -4.26
CA TYR B 498 -43.54 6.58 -5.55
C TYR B 498 -42.11 6.29 -5.96
N SER B 499 -41.21 6.01 -5.01
CA SER B 499 -39.86 5.61 -5.40
C SER B 499 -39.90 4.23 -6.07
N ILE B 500 -40.65 3.28 -5.49
CA ILE B 500 -40.81 1.99 -6.13
C ILE B 500 -41.53 2.14 -7.47
N GLN B 501 -42.54 3.01 -7.51
CA GLN B 501 -43.30 3.20 -8.75
C GLN B 501 -42.40 3.74 -9.85
N ARG B 502 -41.61 4.76 -9.54
CA ARG B 502 -40.68 5.31 -10.53
C ARG B 502 -39.65 4.28 -10.95
N SER B 503 -39.18 3.45 -10.01
CA SER B 503 -38.21 2.42 -10.35
C SER B 503 -38.80 1.42 -11.32
N ALA B 504 -40.08 1.10 -11.17
CA ALA B 504 -40.72 0.17 -12.09
C ALA B 504 -41.06 0.84 -13.42
N GLU B 505 -41.45 2.11 -13.38
CA GLU B 505 -41.69 2.84 -14.63
C GLU B 505 -40.41 2.92 -15.46
N ILE B 506 -39.28 3.19 -14.82
CA ILE B 506 -38.00 3.22 -15.52
C ILE B 506 -37.63 1.83 -16.03
N ALA B 507 -38.04 0.79 -15.31
CA ALA B 507 -37.70 -0.58 -15.72
C ALA B 507 -38.34 -0.94 -17.05
N LYS B 508 -39.56 -0.47 -17.31
CA LYS B 508 -40.22 -0.80 -18.57
C LYS B 508 -39.74 0.11 -19.70
N GLU B 509 -39.50 1.39 -19.42
CA GLU B 509 -39.01 2.29 -20.45
C GLU B 509 -37.68 1.81 -21.00
N LYS B 510 -36.76 1.45 -20.11
CA LYS B 510 -35.45 0.94 -20.52
C LYS B 510 -35.52 -0.54 -20.90
N GLY B 511 -36.56 -1.24 -20.47
CA GLY B 511 -36.74 -2.63 -20.84
C GLY B 511 -35.84 -3.61 -20.12
N GLU B 512 -35.24 -3.21 -19.01
CA GLU B 512 -34.35 -4.08 -18.26
C GLU B 512 -34.49 -3.81 -16.77
N THR B 513 -33.96 -4.73 -15.97
CA THR B 513 -33.99 -4.67 -14.52
C THR B 513 -32.57 -4.81 -14.01
N PHE B 514 -32.36 -4.44 -12.75
CA PHE B 514 -31.04 -4.60 -12.17
C PHE B 514 -30.69 -6.08 -12.10
N ASP B 515 -29.39 -6.37 -12.20
CA ASP B 515 -28.93 -7.74 -12.36
C ASP B 515 -29.42 -8.63 -11.22
N GLN B 516 -29.91 -9.82 -11.58
CA GLN B 516 -30.38 -10.81 -10.61
C GLN B 516 -31.56 -10.30 -9.79
N TYR B 517 -32.38 -9.44 -10.40
CA TYR B 517 -33.62 -9.00 -9.75
C TYR B 517 -34.60 -10.16 -9.56
N GLU B 518 -34.53 -11.18 -10.43
CA GLU B 518 -35.52 -12.25 -10.46
C GLU B 518 -35.64 -12.93 -9.10
N GLY B 519 -34.58 -12.91 -8.30
CA GLY B 519 -34.57 -13.54 -7.01
C GLY B 519 -34.81 -12.62 -5.83
N SER B 520 -35.11 -11.35 -6.08
CA SER B 520 -35.36 -10.40 -5.01
C SER B 520 -36.78 -10.55 -4.47
N THR B 521 -37.00 -10.01 -3.28
CA THR B 521 -38.34 -10.01 -2.71
C THR B 521 -39.27 -9.04 -3.43
N TYR B 522 -38.72 -8.11 -4.22
CA TYR B 522 -39.56 -7.31 -5.11
C TYR B 522 -40.28 -8.21 -6.12
N ALA B 523 -39.57 -9.19 -6.67
CA ALA B 523 -40.12 -10.04 -7.71
C ALA B 523 -41.05 -11.11 -7.13
N THR B 524 -40.73 -11.63 -5.95
CA THR B 524 -41.56 -12.63 -5.32
C THR B 524 -42.76 -12.05 -4.57
N GLY B 525 -42.79 -10.73 -4.39
CA GLY B 525 -43.92 -10.08 -3.76
C GLY B 525 -43.82 -9.94 -2.26
N GLU B 526 -42.88 -10.64 -1.60
CA GLU B 526 -42.76 -10.56 -0.15
C GLU B 526 -42.54 -9.13 0.32
N TYR B 527 -41.96 -8.28 -0.53
CA TYR B 527 -41.67 -6.91 -0.12
C TYR B 527 -42.94 -6.14 0.20
N PHE B 528 -44.06 -6.53 -0.40
CA PHE B 528 -45.31 -5.76 -0.31
C PHE B 528 -46.29 -6.35 0.69
N ASP B 529 -45.90 -7.39 1.44
CA ASP B 529 -46.84 -8.03 2.35
C ASP B 529 -47.42 -7.03 3.35
N LYS B 530 -46.58 -6.13 3.88
CA LYS B 530 -47.04 -5.20 4.91
C LYS B 530 -47.97 -4.14 4.31
N TYR B 531 -47.70 -3.72 3.07
CA TYR B 531 -48.43 -2.60 2.48
C TYR B 531 -49.77 -3.02 1.90
N VAL B 532 -49.92 -4.29 1.51
CA VAL B 532 -51.19 -4.77 0.98
C VAL B 532 -52.13 -5.25 2.08
N SER B 533 -51.67 -5.33 3.32
CA SER B 533 -52.51 -5.74 4.44
C SER B 533 -52.75 -4.64 5.45
N THR B 534 -51.79 -3.75 5.63
CA THR B 534 -51.89 -2.67 6.60
C THR B 534 -52.04 -1.34 5.90
N ASP B 535 -52.89 -0.48 6.45
CA ASP B 535 -53.10 0.86 5.93
C ASP B 535 -52.23 1.86 6.70
N PHE B 536 -51.74 2.87 5.99
CA PHE B 536 -50.83 3.85 6.57
C PHE B 536 -51.34 5.28 6.41
N SER B 537 -52.65 5.45 6.25
CA SER B 537 -53.24 6.78 6.34
C SER B 537 -53.11 7.28 7.78
N PRO B 538 -52.91 8.59 7.96
CA PRO B 538 -52.67 9.10 9.32
C PRO B 538 -53.79 8.73 10.28
N LYS B 539 -53.40 8.37 11.50
CA LYS B 539 -54.38 8.01 12.53
C LYS B 539 -54.92 9.25 13.24
N TYR B 540 -54.12 10.29 13.40
CA TYR B 540 -54.59 11.54 13.97
C TYR B 540 -55.14 12.41 12.84
N GLU B 541 -56.33 12.98 13.06
CA GLU B 541 -56.94 13.82 12.03
C GLU B 541 -56.13 15.09 11.81
N LYS B 542 -55.50 15.62 12.87
CA LYS B 542 -54.66 16.79 12.73
C LYS B 542 -53.54 16.54 11.72
N ILE B 543 -52.98 15.34 11.72
CA ILE B 543 -51.93 14.99 10.77
C ILE B 543 -52.53 14.78 9.39
N ALA B 544 -53.73 14.20 9.33
CA ALA B 544 -54.39 13.97 8.05
C ALA B 544 -54.62 15.29 7.31
N ASN B 545 -54.90 16.37 8.04
CA ASN B 545 -55.13 17.66 7.42
C ASN B 545 -53.88 18.22 6.75
N LEU B 546 -52.69 17.70 7.09
CA LEU B 546 -51.48 18.20 6.47
C LEU B 546 -51.33 17.70 5.05
N PHE B 547 -51.83 16.50 4.75
CA PHE B 547 -51.76 15.93 3.41
C PHE B 547 -52.97 16.29 2.55
N GLU B 548 -53.66 17.39 2.88
CA GLU B 548 -54.78 17.83 2.07
C GLU B 548 -54.32 18.19 0.65
N GLY B 549 -55.16 17.85 -0.33
CA GLY B 549 -54.87 18.14 -1.71
C GLY B 549 -53.90 17.19 -2.40
N MET B 550 -53.55 16.07 -1.76
CA MET B 550 -52.72 15.07 -2.42
C MET B 550 -53.17 13.70 -1.93
N HIS B 551 -53.17 12.73 -2.85
CA HIS B 551 -53.80 11.44 -2.59
C HIS B 551 -52.88 10.53 -1.79
N ILE B 552 -53.43 9.99 -0.70
CA ILE B 552 -52.72 9.01 0.13
C ILE B 552 -52.97 7.63 -0.48
N PRO B 553 -51.92 6.93 -0.93
CA PRO B 553 -52.13 5.60 -1.52
C PRO B 553 -52.73 4.64 -0.51
N THR B 554 -53.80 3.96 -0.91
CA THR B 554 -54.49 3.03 -0.03
C THR B 554 -53.90 1.62 -0.19
N THR B 555 -54.41 0.69 0.62
CA THR B 555 -53.97 -0.69 0.53
C THR B 555 -54.27 -1.28 -0.85
N GLU B 556 -55.32 -0.79 -1.51
CA GLU B 556 -55.62 -1.26 -2.86
C GLU B 556 -54.62 -0.71 -3.87
N ASP B 557 -54.09 0.49 -3.64
CA ASP B 557 -53.06 1.03 -4.52
C ASP B 557 -51.80 0.19 -4.45
N TRP B 558 -51.42 -0.26 -3.26
CA TRP B 558 -50.22 -1.10 -3.13
C TRP B 558 -50.39 -2.44 -3.83
N LYS B 559 -51.59 -3.03 -3.76
CA LYS B 559 -51.84 -4.25 -4.54
C LYS B 559 -51.62 -3.99 -6.02
N LYS B 560 -52.00 -2.80 -6.51
CA LYS B 560 -51.79 -2.49 -7.91
C LYS B 560 -50.32 -2.29 -8.23
N LEU B 561 -49.58 -1.63 -7.34
CA LEU B 561 -48.16 -1.42 -7.57
C LEU B 561 -47.40 -2.73 -7.51
N LYS B 562 -47.79 -3.63 -6.59
CA LYS B 562 -47.14 -4.93 -6.50
C LYS B 562 -47.33 -5.74 -7.78
N ALA B 563 -48.53 -5.71 -8.35
CA ALA B 563 -48.78 -6.41 -9.61
C ALA B 563 -48.05 -5.74 -10.76
N PHE B 564 -47.95 -4.42 -10.75
CA PHE B 564 -47.20 -3.71 -11.78
C PHE B 564 -45.72 -4.03 -11.70
N VAL B 565 -45.15 -4.03 -10.48
CA VAL B 565 -43.74 -4.40 -10.32
C VAL B 565 -43.53 -5.84 -10.75
N ALA B 566 -44.48 -6.72 -10.42
CA ALA B 566 -44.36 -8.13 -10.79
C ALA B 566 -44.30 -8.32 -12.30
N GLU B 567 -44.80 -7.37 -13.08
CA GLU B 567 -44.78 -7.54 -14.53
C GLU B 567 -43.55 -6.88 -15.17
N HIS B 568 -43.12 -5.74 -14.65
CA HIS B 568 -42.03 -4.99 -15.25
C HIS B 568 -40.75 -4.96 -14.44
N GLY B 569 -40.79 -5.33 -13.16
CA GLY B 569 -39.58 -5.40 -12.38
C GLY B 569 -39.13 -4.06 -11.83
N MET B 570 -37.95 -4.09 -11.23
CA MET B 570 -37.35 -2.91 -10.60
C MET B 570 -36.04 -2.58 -11.30
N TYR B 571 -35.80 -1.29 -11.51
CA TYR B 571 -34.56 -0.85 -12.12
C TYR B 571 -33.46 -0.66 -11.09
N HIS B 572 -33.81 -0.32 -9.85
CA HIS B 572 -32.85 -0.09 -8.79
C HIS B 572 -32.95 -1.19 -7.75
N SER B 573 -31.80 -1.72 -7.34
CA SER B 573 -31.78 -2.68 -6.24
C SER B 573 -32.06 -2.01 -4.90
N TYR B 574 -31.63 -0.76 -4.74
CA TYR B 574 -31.88 0.02 -3.53
C TYR B 574 -32.19 1.45 -3.93
N ARG B 575 -33.10 2.09 -3.20
CA ARG B 575 -33.59 3.38 -3.66
C ARG B 575 -33.48 4.49 -2.61
N LEU B 576 -33.78 4.21 -1.35
CA LEU B 576 -33.90 5.24 -0.33
C LEU B 576 -32.88 5.03 0.79
N CYS B 577 -32.24 6.11 1.21
CA CYS B 577 -31.44 6.12 2.43
C CYS B 577 -31.32 7.56 2.91
N ILE B 578 -31.40 7.75 4.23
CA ILE B 578 -31.43 9.07 4.84
C ILE B 578 -30.04 9.36 5.40
N ALA B 579 -29.28 10.18 4.69
CA ALA B 579 -27.93 10.56 5.06
C ALA B 579 -27.92 11.89 5.80
N PRO B 580 -26.86 12.17 6.56
CA PRO B 580 -26.75 13.49 7.20
C PRO B 580 -26.62 14.60 6.16
N THR B 581 -26.99 15.80 6.58
CA THR B 581 -26.92 16.99 5.72
C THR B 581 -25.89 17.94 6.31
N GLY B 582 -24.77 18.10 5.60
CA GLY B 582 -23.69 18.96 6.05
C GLY B 582 -24.01 20.43 5.87
N SER B 583 -23.05 21.18 5.30
CA SER B 583 -23.27 22.61 5.10
C SER B 583 -24.42 22.91 4.16
N ILE B 584 -24.85 21.93 3.36
CA ILE B 584 -25.94 22.18 2.43
C ILE B 584 -27.27 22.38 3.16
N SER B 585 -27.38 21.88 4.39
CA SER B 585 -28.61 22.11 5.15
C SER B 585 -28.84 23.59 5.39
N TYR B 586 -27.76 24.38 5.45
CA TYR B 586 -27.88 25.83 5.53
C TYR B 586 -28.45 26.40 4.24
N VAL B 587 -27.97 25.92 3.09
CA VAL B 587 -28.44 26.44 1.81
C VAL B 587 -29.93 26.19 1.66
N GLN B 588 -30.40 25.02 2.06
CA GLN B 588 -31.81 24.67 1.98
C GLN B 588 -32.65 25.33 3.07
N SER B 589 -32.03 26.10 3.96
CA SER B 589 -32.72 26.68 5.11
C SER B 589 -33.55 25.61 5.81
N SER B 590 -32.85 24.56 6.22
CA SER B 590 -33.48 23.34 6.70
C SER B 590 -32.75 22.83 7.93
N THR B 591 -33.50 22.15 8.80
CA THR B 591 -32.88 21.46 9.92
C THR B 591 -32.14 20.23 9.42
N ALA B 592 -31.10 19.85 10.16
CA ALA B 592 -30.20 18.81 9.70
C ALA B 592 -30.91 17.46 9.57
N SER B 593 -31.03 16.98 8.34
CA SER B 593 -31.47 15.61 8.02
C SER B 593 -32.85 15.36 8.65
N VAL B 594 -33.10 14.14 9.11
CA VAL B 594 -34.36 13.79 9.76
C VAL B 594 -34.22 13.87 11.29
N MET B 595 -33.09 14.37 11.78
CA MET B 595 -32.78 14.46 13.20
C MET B 595 -33.42 15.69 13.85
N PRO B 596 -33.56 15.67 15.17
CA PRO B 596 -33.95 16.89 15.89
C PRO B 596 -32.77 17.86 15.95
N ILE B 597 -33.11 19.13 16.16
CA ILE B 597 -32.09 20.17 16.19
C ILE B 597 -31.27 20.09 17.47
N MET B 598 -30.00 20.48 17.38
CA MET B 598 -29.11 20.50 18.52
C MET B 598 -29.09 21.85 19.24
N GLU B 599 -29.30 22.95 18.50
CA GLU B 599 -29.27 24.28 19.07
C GLU B 599 -30.31 25.13 18.35
N ARG B 600 -31.04 25.96 19.11
CA ARG B 600 -31.99 26.87 18.48
C ARG B 600 -31.28 27.96 17.71
N ILE B 601 -30.16 28.46 18.25
CA ILE B 601 -29.36 29.48 17.60
C ILE B 601 -27.91 29.03 17.67
N GLU B 602 -27.22 29.06 16.52
CA GLU B 602 -25.84 28.59 16.45
C GLU B 602 -24.88 29.77 16.55
N GLU B 603 -23.77 29.55 17.24
CA GLU B 603 -22.71 30.54 17.40
C GLU B 603 -21.44 29.96 16.79
N ARG B 604 -20.96 30.56 15.71
CA ARG B 604 -19.75 30.13 15.03
C ARG B 604 -18.81 31.32 14.87
N THR B 605 -17.51 31.07 15.01
CA THR B 605 -16.49 32.11 14.89
C THR B 605 -15.84 31.98 13.51
N TYR B 606 -16.21 32.87 12.59
CA TYR B 606 -15.65 32.89 11.23
C TYR B 606 -14.82 34.17 11.09
N GLY B 607 -13.56 34.10 11.53
CA GLY B 607 -12.62 35.19 11.34
C GLY B 607 -12.98 36.47 12.06
N ASN B 608 -12.70 36.52 13.37
CA ASN B 608 -12.85 37.73 14.18
C ASN B 608 -14.28 38.25 14.21
N SER B 609 -15.26 37.37 13.98
CA SER B 609 -16.65 37.78 13.93
C SER B 609 -17.54 36.67 14.47
N LYS B 610 -18.46 37.03 15.36
CA LYS B 610 -19.46 36.09 15.84
C LYS B 610 -20.63 36.05 14.85
N THR B 611 -21.03 34.84 14.47
CA THR B 611 -22.13 34.65 13.54
C THR B 611 -23.25 33.89 14.23
N TYR B 612 -24.46 34.40 14.13
CA TYR B 612 -25.64 33.77 14.73
C TYR B 612 -26.59 33.31 13.63
N TYR B 613 -27.08 32.08 13.74
CA TYR B 613 -28.02 31.51 12.79
C TYR B 613 -29.12 30.81 13.57
N PRO B 614 -30.27 31.45 13.75
CA PRO B 614 -31.40 30.76 14.35
C PRO B 614 -31.94 29.68 13.41
N MET B 615 -32.38 28.58 13.99
CA MET B 615 -32.87 27.45 13.20
C MET B 615 -33.97 27.94 12.25
N PRO B 616 -34.04 27.39 11.04
CA PRO B 616 -34.98 27.93 10.03
C PRO B 616 -36.41 27.91 10.52
N GLY B 617 -37.08 29.05 10.42
CA GLY B 617 -38.44 29.21 10.87
C GLY B 617 -38.61 29.43 12.35
N LEU B 618 -37.52 29.61 13.10
CA LEU B 618 -37.62 29.81 14.55
C LEU B 618 -38.22 31.18 14.84
N ALA B 619 -39.36 31.20 15.51
CA ALA B 619 -40.05 32.41 15.90
C ALA B 619 -40.37 32.34 17.38
N SER B 620 -40.83 33.46 17.93
CA SER B 620 -41.14 33.50 19.36
C SER B 620 -42.38 32.67 19.70
N ASN B 621 -43.20 32.32 18.72
CA ASN B 621 -44.40 31.53 18.95
C ASN B 621 -44.18 30.03 18.76
N ASN B 622 -43.02 29.60 18.28
CA ASN B 622 -42.71 28.18 18.16
C ASN B 622 -41.41 27.82 18.89
N TRP B 623 -40.95 28.68 19.80
CA TRP B 623 -39.76 28.39 20.58
C TRP B 623 -39.90 27.08 21.35
N PHE B 624 -41.12 26.76 21.79
CA PHE B 624 -41.33 25.49 22.50
C PHE B 624 -41.11 24.30 21.58
N PHE B 625 -41.53 24.40 20.31
CA PHE B 625 -41.46 23.27 19.40
C PHE B 625 -40.05 23.01 18.89
N TYR B 626 -39.16 23.99 18.94
CA TYR B 626 -37.76 23.78 18.62
C TYR B 626 -36.98 23.30 19.84
N LYS B 627 -37.50 22.26 20.49
CA LYS B 627 -36.83 21.67 21.65
C LYS B 627 -35.47 21.12 21.24
N GLU B 628 -34.45 21.40 22.04
CA GLU B 628 -33.10 20.93 21.71
C GLU B 628 -32.99 19.43 22.00
N ALA B 629 -32.22 18.75 21.15
CA ALA B 629 -32.21 17.29 21.16
C ALA B 629 -31.69 16.73 22.48
N TYR B 630 -30.76 17.43 23.12
CA TYR B 630 -30.22 16.93 24.39
C TYR B 630 -31.23 17.00 25.53
N ASP B 631 -32.36 17.68 25.34
CA ASP B 631 -33.44 17.70 26.31
C ASP B 631 -34.53 16.68 26.02
N MET B 632 -34.42 15.97 24.91
CA MET B 632 -35.45 15.02 24.47
C MET B 632 -35.23 13.64 25.08
N ASP B 633 -36.31 12.86 25.10
CA ASP B 633 -36.29 11.48 25.54
C ASP B 633 -35.75 10.63 24.40
N MET B 634 -34.54 10.09 24.57
CA MET B 634 -33.92 9.36 23.46
C MET B 634 -34.71 8.10 23.10
N PHE B 635 -35.44 7.52 24.06
CA PHE B 635 -36.29 6.39 23.72
C PHE B 635 -37.43 6.81 22.81
N LYS B 636 -37.93 8.04 22.99
CA LYS B 636 -38.95 8.56 22.07
C LYS B 636 -38.35 8.91 20.73
N VAL B 637 -37.09 9.35 20.71
CA VAL B 637 -36.41 9.59 19.44
C VAL B 637 -36.19 8.28 18.69
N VAL B 638 -35.84 7.21 19.42
CA VAL B 638 -35.73 5.89 18.79
C VAL B 638 -37.06 5.50 18.14
N ASP B 639 -38.17 5.79 18.82
CA ASP B 639 -39.48 5.49 18.24
C ASP B 639 -39.67 6.21 16.91
N MET B 640 -39.25 7.48 16.84
CA MET B 640 -39.38 8.23 15.60
C MET B 640 -38.55 7.61 14.48
N ILE B 641 -37.30 7.24 14.79
CA ILE B 641 -36.43 6.71 13.74
C ILE B 641 -36.89 5.32 13.31
N ALA B 642 -37.39 4.52 14.27
CA ALA B 642 -37.90 3.21 13.92
C ALA B 642 -39.11 3.30 13.00
N THR B 643 -40.00 4.27 13.24
CA THR B 643 -41.18 4.40 12.40
C THR B 643 -40.83 4.87 11.00
N ILE B 644 -39.74 5.63 10.85
CA ILE B 644 -39.31 6.04 9.51
C ILE B 644 -38.66 4.87 8.78
N GLN B 645 -37.83 4.10 9.48
CA GLN B 645 -37.11 2.98 8.88
C GLN B 645 -38.05 1.96 8.24
N GLN B 646 -39.31 1.92 8.68
CA GLN B 646 -40.30 1.02 8.10
C GLN B 646 -40.43 1.23 6.59
N HIS B 647 -40.22 2.45 6.11
CA HIS B 647 -40.44 2.79 4.71
C HIS B 647 -39.15 3.23 4.02
N ILE B 648 -38.00 2.96 4.63
CA ILE B 648 -36.70 3.20 4.02
C ILE B 648 -36.04 1.84 3.82
N ASP B 649 -35.71 1.50 2.57
CA ASP B 649 -35.15 0.18 2.30
C ASP B 649 -33.68 0.08 2.72
N GLN B 650 -32.94 1.19 2.74
CA GLN B 650 -31.59 1.17 3.28
C GLN B 650 -31.63 1.62 4.74
N GLY B 651 -30.73 2.51 5.12
CA GLY B 651 -30.59 2.91 6.50
C GLY B 651 -30.80 4.40 6.70
N ILE B 652 -30.71 4.78 7.98
CA ILE B 652 -30.92 6.15 8.43
C ILE B 652 -29.82 6.49 9.43
N SER B 653 -29.06 7.54 9.12
CA SER B 653 -28.03 8.02 10.03
C SER B 653 -28.67 8.54 11.30
N PHE B 654 -28.37 7.89 12.42
CA PHE B 654 -29.04 8.15 13.69
C PHE B 654 -27.96 8.46 14.73
N THR B 655 -27.96 9.69 15.22
CA THR B 655 -27.05 10.14 16.26
C THR B 655 -27.82 10.25 17.58
N LEU B 656 -27.41 9.50 18.58
CA LEU B 656 -27.97 9.65 19.92
C LEU B 656 -27.38 10.90 20.56
N PHE B 657 -28.24 11.75 21.11
CA PHE B 657 -27.81 12.98 21.78
C PHE B 657 -27.89 12.74 23.28
N LEU B 658 -26.74 12.51 23.91
CA LEU B 658 -26.67 12.08 25.29
C LEU B 658 -26.00 13.13 26.17
N LYS B 659 -26.48 13.25 27.39
CA LYS B 659 -25.87 14.11 28.40
C LYS B 659 -24.76 13.37 29.15
N ASP B 660 -23.84 14.15 29.72
CA ASP B 660 -22.69 13.55 30.40
C ASP B 660 -23.11 12.68 31.58
N THR B 661 -24.23 13.00 32.20
CA THR B 661 -24.69 12.32 33.42
C THR B 661 -25.55 11.10 33.09
N MET B 662 -24.95 10.16 32.36
CA MET B 662 -25.62 8.92 31.99
C MET B 662 -24.70 7.74 32.24
N THR B 663 -25.15 6.81 33.08
CA THR B 663 -24.35 5.65 33.43
C THR B 663 -24.30 4.68 32.25
N THR B 664 -23.39 3.71 32.35
CA THR B 664 -23.26 2.70 31.31
C THR B 664 -24.48 1.79 31.20
N ARG B 665 -25.26 1.65 32.28
CA ARG B 665 -26.49 0.89 32.18
C ARG B 665 -27.56 1.66 31.42
N ASP B 666 -27.52 3.00 31.51
CA ASP B 666 -28.49 3.81 30.78
C ASP B 666 -28.21 3.78 29.28
N LEU B 667 -26.94 3.73 28.88
CA LEU B 667 -26.61 3.76 27.46
C LEU B 667 -26.92 2.42 26.79
N ASN B 668 -26.64 1.32 27.47
CA ASN B 668 -26.97 0.01 26.92
C ASN B 668 -28.47 -0.19 26.84
N ARG B 669 -29.22 0.35 27.80
CA ARG B 669 -30.68 0.27 27.71
C ARG B 669 -31.20 1.02 26.49
N ILE B 670 -30.54 2.11 26.10
CA ILE B 670 -30.91 2.76 24.86
C ILE B 670 -30.49 1.92 23.66
N ASP B 671 -29.30 1.31 23.73
CA ASP B 671 -28.83 0.44 22.65
C ASP B 671 -29.77 -0.74 22.47
N LEU B 672 -30.06 -1.46 23.57
CA LEU B 672 -30.94 -2.62 23.50
C LEU B 672 -32.31 -2.24 22.99
N TYR B 673 -32.81 -1.07 23.40
CA TYR B 673 -34.12 -0.61 22.94
C TYR B 673 -34.12 -0.39 21.43
N ALA B 674 -33.08 0.27 20.92
CA ALA B 674 -32.99 0.50 19.48
C ALA B 674 -32.97 -0.81 18.70
N HIS B 675 -32.22 -1.80 19.20
CA HIS B 675 -32.24 -3.12 18.55
C HIS B 675 -33.62 -3.74 18.61
N HIS B 676 -34.31 -3.59 19.74
CA HIS B 676 -35.65 -4.15 19.88
C HIS B 676 -36.61 -3.52 18.87
N ARG B 677 -36.56 -2.20 18.70
CA ARG B 677 -37.44 -1.54 17.74
C ARG B 677 -37.04 -1.74 16.29
N GLY B 678 -35.96 -2.47 16.02
CA GLY B 678 -35.57 -2.74 14.65
C GLY B 678 -34.66 -1.70 14.03
N ILE B 679 -34.04 -0.83 14.84
CA ILE B 679 -33.08 0.11 14.30
C ILE B 679 -31.98 -0.64 13.57
N LYS B 680 -31.58 -0.12 12.41
CA LYS B 680 -30.53 -0.76 11.63
C LYS B 680 -29.13 -0.26 12.05
N THR B 681 -28.97 1.05 12.20
CA THR B 681 -27.68 1.65 12.52
C THR B 681 -27.86 2.74 13.55
N ILE B 682 -26.81 2.95 14.35
CA ILE B 682 -26.86 3.89 15.46
C ILE B 682 -25.44 4.28 15.82
N TYR B 683 -25.27 5.53 16.26
CA TYR B 683 -24.04 5.99 16.88
C TYR B 683 -24.35 7.28 17.63
N TYR B 684 -23.35 7.78 18.35
CA TYR B 684 -23.59 8.93 19.23
C TYR B 684 -23.22 10.23 18.51
N ALA B 685 -23.34 11.34 19.24
CA ALA B 685 -23.05 12.65 18.69
C ALA B 685 -22.26 13.50 19.68
N SER B 694 -15.76 13.91 9.97
CA SER B 694 -15.19 12.71 9.34
C SER B 694 -16.12 12.17 8.25
N CYS B 695 -17.43 12.39 8.42
CA CYS B 695 -18.42 11.94 7.45
C CYS B 695 -18.58 12.90 6.28
N LEU B 696 -17.61 13.79 6.06
CA LEU B 696 -17.81 14.91 5.14
C LEU B 696 -18.11 14.42 3.71
N SER B 697 -17.40 13.39 3.26
CA SER B 697 -17.57 12.92 1.89
C SER B 697 -18.88 12.18 1.67
N CYS B 698 -19.54 11.74 2.75
CA CYS B 698 -20.71 10.87 2.65
C CYS B 698 -21.98 11.52 3.16
N VAL B 699 -22.04 12.85 3.20
CA VAL B 699 -23.26 13.55 3.58
C VAL B 699 -23.91 14.14 2.34
N VAL B 700 -25.15 14.58 2.48
CA VAL B 700 -25.87 15.23 1.38
C VAL B 700 -25.52 16.70 1.33
#